data_8R6U
#
_entry.id   8R6U
#
_cell.length_a   1.00
_cell.length_b   1.00
_cell.length_c   1.00
_cell.angle_alpha   90.00
_cell.angle_beta   90.00
_cell.angle_gamma   90.00
#
_symmetry.space_group_name_H-M   'P 1'
#
loop_
_entity.id
_entity.type
_entity.pdbx_description
1 polymer 'RNA-directed RNA polymerase L'
2 polymer 'RNA primer'
3 polymer "RNA (5'-R(P*CP*UP*GP*GP*GP*CP*GP*GP*UP*CP*UP*UP*UP*GP*UP*GP*U)-3')"
4 polymer 'RNA primer tail-end'
5 non-polymer 'MAGNESIUM ION'
#
loop_
_entity_poly.entity_id
_entity_poly.type
_entity_poly.pdbx_seq_one_letter_code
_entity_poly.pdbx_strand_id
1 'polypeptide(L)'
;MNLEVLCGRINVENGLSLGEPGLYDQIYDRPGLPDLDVTVDATGVTVDIGAVPDSASQLGSSINAGLITIQLSEAYKINH
DFTFSGLSKTTDRRLSEVFPITHDGSDGMTPAVIHTRLDGTIVVVEFSTTRSHNIGGLEAAYRTKIEKYRDPISRRVDIM
ENPRVFFGVIVVSSGGVLSNMPLTQDEAEELMYRFCIANEIYTKARSMDADIELQKSEEELEAISRALSFFSLFEPNIER
VEGTFPNSEIKMLEQFLSTPADVDFITKTLKAKEVEAYADLCDSHYLKPEKTIQERLEINRCEAIDKTQDLLAGLHARSN
KQTSLNRGTVKLPPWLPKPSSESIDIKTDSGFGSLMDHGAYGELWAKCLLDVSLGNVEGVVSDPAKELDIAISDDPEKDT
PKEAKITYRRFKPALSSSARQEFSLQGVEGKKWKRMAANQKKEKESHETLSPFLDVEDIGDFLTFNNLLTDSRYGDESIQ
RAVSILLEKASAMQDTELTHALNDSFKRNLSSNVVQWSLWVSCLAQELASALKQHCRAGEFIIKKLKFWPIYVIIKPTKS
SSHIFYSLGIRKADVTRRLTGRVFSDTIDAGEWELTEFKSLKTCKLTNLVNLPCTMLNSIAFWREKLGVAPWLVRKPCSE
LREQVGLTFLISLEDKSKTEEIITLTRYTQMEGFVSPPMLPKPQKMLGKLDGPLRTKLQVYLLRKHLDCMVRIASQPFSL
IPREGRVEWGGTFHAISGRSTNLENMVNSWYIGYYKNKEESTELNALGEMYKKIVEMEEDKPSSPEFLGWGDTDSPKKHE
FSRSFLRAACSSLEREIAQRHGRQWKQNLEERVLREIGTKNILDLASMKATSNFSKDWELYSEVQTKEYHRSKLLEKMAT
LIEKGVMWYIDAVGQAWKAVLDDGCMRICLFKKNQHGGLREIYVMDANARLVQFGVETMARCVCELSPHETVANPRLKNS
IIENHGLKSARSLGPGSININSSNDAKKWNQGHYTTKLALVLCWFMPAKFHRFIWAAISMFRRKKMMVDLRFLAHLSSKS
ESRSSDPFREAMTDAFHGNRDVSWMDKGRTYIKTETGMMQGILHFTSSLLHSCVQSFYKSYFVSKLKEGYMGESISGVVD
VIEGSDDSAIMISIRPKSDMDEVRSRFFVANLLHSVKFLNPLFGIYSSEKSTVNTVYCVEYNSEFHFHRHLVRPTLRWIA
ASHQISETEALASRQEDYSNLLTQCLEGGASFSLTYLIQCAQLLHHYMLLGLCLHPLFGTFMGMLISDPDPALGFFLMDN
PAFAGGAGFRFNLWRACKTTDLGRKYAYYFNEIQGKTKGDEDYRALDATSGGTLSHSVMVYWGDRKKYQALLNRMGLPED
WVEQIDENPGVLYRRAANKKELLLKLAEKVHSPGVTSSLSKGHVVPRVVAAGVYLLSRHCFRFSSSIHGRGSTQKASLIK
LLMMSSISAMKHGGSLNPNQERMLFPQAQEYDRVCTLLEEVEHLTGKFVVRERNIVRSRIDLFQEPVDLRCKAEDLVSEV
WFGLKRTKLGPRLLKEEWDKLRASFAWLSTDPSETLRDGPFLSHVQFRNFIAHVDAKSRSVRLLGAPVKKSGGVTTISQV
VRMNFFPGFSLEAEKSLDNQERLESISILKHVLFMVLNGPYTEEYKLEMIIEAFSTLVIPQPSEVIRKSRTMTLCLLSNY
LSSRGGSILDQIERAQSGTLGGFSKPQKTFVRPGGGVGYKGKGVWTGVMEDTHVQILIDGDGTSNWLEEIRLSSDARLYD
VIESIRRLCDDLGINNRVASAYRGHCMVRLSGFKIKPASRTDGCPVRIMERGFRIRELQNPDEVKMRVRGDILNLSVTIQ
EGRVMNILSYRPRDTDISESAAAYLWSNRDLFSFGKKEPSCSWICLKTLDNWAWSHASVLLANDRKTQGIDNRAMGNIFR
DCLEGSLRKQGLMRSKLTEMVEKNVVPLTTQELVDILEEDIDFSDVIAVELSEGSLDIESIFDGAPILWSAEVEEFGEGV
VAVSYSSKYYHLTLMDQAAITMCAIMGKEGCRGLLTEKRCMAAIREQVRPFLIFLQIPEDSISWVSDQFCDSRGLDEEST
IMWG
;
A
2 'polyribonucleotide' ACACAGAGACGCCCAGAUGA P,E
3 'polyribonucleotide' AAAAAAGAUCUGGGCGGUCUUUGUGU T
4 'polyribonucleotide' AAAACGCAACCAACAC G
#
# COMPACT_ATOMS: atom_id res chain seq x y z
N MET A 1 -26.78 26.54 -22.99
CA MET A 1 -26.69 25.13 -23.37
C MET A 1 -26.96 24.97 -24.86
N ASN A 2 -26.05 25.50 -25.68
CA ASN A 2 -26.26 25.57 -27.12
C ASN A 2 -25.10 24.89 -27.83
N LEU A 3 -25.45 24.00 -28.77
CA LEU A 3 -24.42 23.25 -29.49
C LEU A 3 -23.57 24.15 -30.36
N GLU A 4 -24.16 25.22 -30.94
CA GLU A 4 -23.37 26.16 -31.72
C GLU A 4 -22.33 26.86 -30.87
N VAL A 5 -22.71 27.28 -29.66
CA VAL A 5 -21.77 27.92 -28.76
C VAL A 5 -20.69 26.94 -28.32
N LEU A 6 -21.08 25.68 -28.07
CA LEU A 6 -20.11 24.66 -27.70
C LEU A 6 -19.09 24.43 -28.81
N CYS A 7 -19.56 24.34 -30.05
CA CYS A 7 -18.67 24.10 -31.19
C CYS A 7 -17.85 25.32 -31.55
N GLY A 8 -18.32 26.52 -31.21
CA GLY A 8 -17.62 27.74 -31.59
C GLY A 8 -16.34 28.00 -30.85
N ARG A 9 -15.97 27.14 -29.90
CA ARG A 9 -14.69 27.27 -29.19
C ARG A 9 -13.87 26.00 -29.33
N ILE A 10 -13.76 25.48 -30.55
CA ILE A 10 -12.92 24.33 -30.84
C ILE A 10 -11.87 24.76 -31.85
N ASN A 11 -10.59 24.52 -31.51
CA ASN A 11 -9.49 24.98 -32.36
C ASN A 11 -9.12 23.88 -33.34
N VAL A 12 -9.93 23.78 -34.39
CA VAL A 12 -9.73 22.76 -35.42
C VAL A 12 -8.50 23.12 -36.26
N GLU A 13 -7.65 22.14 -36.50
CA GLU A 13 -6.46 22.33 -37.30
C GLU A 13 -6.16 21.03 -38.04
N ASN A 14 -5.66 21.17 -39.27
CA ASN A 14 -5.30 20.06 -40.20
C ASN A 14 -6.55 19.19 -40.36
N GLY A 15 -6.41 17.86 -40.46
CA GLY A 15 -7.55 17.00 -40.69
C GLY A 15 -8.26 16.60 -39.41
N LEU A 16 -8.33 15.30 -39.14
CA LEU A 16 -9.01 14.84 -37.93
C LEU A 16 -8.19 15.18 -36.70
N SER A 17 -8.83 15.80 -35.72
CA SER A 17 -8.23 16.13 -34.44
C SER A 17 -8.99 15.41 -33.34
N LEU A 18 -8.26 14.91 -32.35
CA LEU A 18 -8.80 14.02 -31.32
C LEU A 18 -8.41 14.51 -29.94
N GLY A 19 -8.71 15.78 -29.65
CA GLY A 19 -8.33 16.47 -28.42
C GLY A 19 -8.40 15.67 -27.14
N GLU A 20 -7.45 15.90 -26.23
CA GLU A 20 -7.33 15.08 -25.03
C GLU A 20 -8.58 15.21 -24.18
N PRO A 21 -9.09 14.10 -23.63
CA PRO A 21 -10.28 14.18 -22.80
C PRO A 21 -10.02 14.80 -21.43
N GLY A 22 -11.08 15.01 -20.67
CA GLY A 22 -10.96 15.60 -19.35
C GLY A 22 -12.18 15.25 -18.54
N LEU A 23 -12.08 15.48 -17.24
CA LEU A 23 -13.09 15.04 -16.30
C LEU A 23 -13.63 16.23 -15.51
N TYR A 24 -14.92 16.18 -15.22
CA TYR A 24 -15.59 17.20 -14.41
C TYR A 24 -16.29 16.51 -13.26
N ASP A 25 -16.09 17.01 -12.05
CA ASP A 25 -16.75 16.46 -10.89
C ASP A 25 -18.07 17.18 -10.64
N GLN A 26 -18.74 16.79 -9.56
CA GLN A 26 -19.95 17.47 -9.13
C GLN A 26 -19.58 18.47 -8.02
N ILE A 27 -18.96 19.57 -8.46
CA ILE A 27 -18.37 20.56 -7.57
C ILE A 27 -19.43 21.50 -7.00
N TYR A 28 -20.33 22.00 -7.85
CA TYR A 28 -21.24 23.06 -7.45
C TYR A 28 -22.40 22.50 -6.63
N ASP A 29 -22.97 23.36 -5.79
CA ASP A 29 -24.15 22.98 -5.03
C ASP A 29 -25.37 22.90 -5.94
N ARG A 30 -26.21 21.88 -5.71
CA ARG A 30 -27.36 21.64 -6.55
C ARG A 30 -28.64 21.87 -5.77
N PRO A 31 -29.65 22.48 -6.39
CA PRO A 31 -30.93 22.71 -5.69
C PRO A 31 -31.75 21.45 -5.55
N GLY A 32 -32.97 21.59 -5.06
CA GLY A 32 -33.82 20.44 -4.85
C GLY A 32 -34.28 19.81 -6.14
N LEU A 33 -34.85 18.61 -6.01
CA LEU A 33 -35.37 17.86 -7.15
C LEU A 33 -36.85 18.17 -7.33
N PRO A 34 -37.29 18.63 -8.51
CA PRO A 34 -38.70 18.96 -8.70
C PRO A 34 -39.61 17.74 -8.70
N ASP A 35 -40.89 18.01 -8.50
CA ASP A 35 -41.89 16.94 -8.39
C ASP A 35 -42.12 16.26 -9.73
N LEU A 36 -42.15 14.93 -9.70
CA LEU A 36 -42.30 14.13 -10.92
C LEU A 36 -43.40 13.11 -10.69
N ASP A 37 -44.45 13.17 -11.51
CA ASP A 37 -45.55 12.20 -11.47
C ASP A 37 -45.60 11.48 -12.80
N VAL A 38 -45.52 10.15 -12.76
CA VAL A 38 -45.35 9.34 -13.96
C VAL A 38 -46.49 8.34 -14.04
N THR A 39 -47.14 8.29 -15.20
CA THR A 39 -48.18 7.32 -15.50
C THR A 39 -47.89 6.75 -16.89
N VAL A 40 -47.50 5.48 -16.93
CA VAL A 40 -47.13 4.84 -18.20
C VAL A 40 -48.36 4.19 -18.80
N ASP A 41 -48.70 4.61 -20.02
CA ASP A 41 -49.86 4.11 -20.74
C ASP A 41 -49.39 3.33 -21.95
N ALA A 42 -50.29 2.53 -22.51
CA ALA A 42 -50.03 1.94 -23.83
C ALA A 42 -49.91 3.03 -24.88
N THR A 43 -50.58 4.17 -24.66
CA THR A 43 -50.39 5.33 -25.52
C THR A 43 -48.97 5.87 -25.41
N GLY A 44 -48.42 5.89 -24.20
CA GLY A 44 -47.07 6.36 -24.02
C GLY A 44 -46.75 6.55 -22.54
N VAL A 45 -45.59 7.15 -22.30
CA VAL A 45 -45.11 7.44 -20.95
C VAL A 45 -45.37 8.93 -20.69
N THR A 46 -46.35 9.21 -19.84
CA THR A 46 -46.76 10.58 -19.54
C THR A 46 -46.20 11.01 -18.20
N VAL A 47 -45.48 12.13 -18.19
CA VAL A 47 -44.80 12.62 -17.01
C VAL A 47 -45.20 14.07 -16.75
N ASP A 48 -45.57 14.36 -15.50
CA ASP A 48 -45.75 15.71 -15.03
C ASP A 48 -44.48 16.16 -14.31
N ILE A 49 -44.14 17.44 -14.43
CA ILE A 49 -42.94 18.00 -13.82
C ILE A 49 -43.33 19.23 -13.03
N GLY A 50 -42.86 19.31 -11.78
CA GLY A 50 -43.00 20.51 -10.99
C GLY A 50 -42.04 21.59 -11.44
N ALA A 51 -41.54 22.39 -10.51
CA ALA A 51 -40.62 23.47 -10.84
C ALA A 51 -39.39 23.41 -9.95
N VAL A 52 -38.24 23.70 -10.54
CA VAL A 52 -36.99 23.71 -9.79
C VAL A 52 -37.02 24.86 -8.78
N PRO A 53 -36.68 24.63 -7.52
CA PRO A 53 -36.77 25.70 -6.51
C PRO A 53 -35.80 26.83 -6.82
N ASP A 54 -36.35 28.01 -7.07
CA ASP A 54 -35.55 29.16 -7.45
C ASP A 54 -34.79 29.71 -6.24
N SER A 55 -33.51 29.97 -6.42
CA SER A 55 -32.65 30.46 -5.35
C SER A 55 -31.38 31.03 -5.97
N ALA A 56 -30.36 31.24 -5.15
CA ALA A 56 -29.03 31.57 -5.69
C ALA A 56 -28.33 30.28 -6.12
N SER A 57 -29.05 29.44 -6.85
CA SER A 57 -28.57 28.18 -7.38
C SER A 57 -29.13 28.01 -8.79
N GLN A 58 -28.89 29.01 -9.64
CA GLN A 58 -29.53 29.15 -10.95
C GLN A 58 -29.53 27.87 -11.78
N LEU A 59 -28.66 26.90 -11.45
CA LEU A 59 -28.71 25.56 -12.01
C LEU A 59 -30.13 25.00 -11.99
N GLY A 60 -30.63 24.64 -13.17
CA GLY A 60 -31.96 24.10 -13.28
C GLY A 60 -32.86 24.92 -14.18
N SER A 61 -32.24 25.78 -14.99
CA SER A 61 -32.99 26.66 -15.87
C SER A 61 -33.56 25.94 -17.09
N SER A 62 -32.93 24.85 -17.52
CA SER A 62 -33.40 24.11 -18.70
C SER A 62 -34.65 23.29 -18.42
N ILE A 63 -34.97 23.04 -17.17
CA ILE A 63 -36.13 22.22 -16.83
C ILE A 63 -37.39 23.08 -16.94
N ASN A 64 -38.33 22.61 -17.74
CA ASN A 64 -39.61 23.29 -17.92
C ASN A 64 -40.72 22.42 -17.33
N ALA A 65 -41.78 23.07 -16.87
CA ALA A 65 -42.88 22.35 -16.24
C ALA A 65 -43.78 21.72 -17.29
N GLY A 66 -44.95 21.27 -16.88
CA GLY A 66 -45.95 20.77 -17.81
C GLY A 66 -45.88 19.26 -17.98
N LEU A 67 -46.78 18.78 -18.85
CA LEU A 67 -46.93 17.36 -19.10
C LEU A 67 -46.17 16.99 -20.37
N ILE A 68 -45.41 15.91 -20.28
CA ILE A 68 -44.57 15.42 -21.38
C ILE A 68 -44.95 13.97 -21.66
N THR A 69 -45.03 13.62 -22.93
CA THR A 69 -45.29 12.24 -23.32
C THR A 69 -44.07 11.69 -24.06
N ILE A 70 -43.82 10.40 -23.84
CA ILE A 70 -42.80 9.65 -24.57
C ILE A 70 -43.46 8.38 -25.07
N GLN A 71 -43.23 8.05 -26.34
CA GLN A 71 -43.80 6.85 -26.91
C GLN A 71 -43.22 5.60 -26.24
N LEU A 72 -44.02 4.54 -26.18
CA LEU A 72 -43.57 3.32 -25.53
C LEU A 72 -42.45 2.64 -26.31
N SER A 73 -42.48 2.72 -27.64
CA SER A 73 -41.46 2.05 -28.44
C SER A 73 -40.08 2.69 -28.25
N GLU A 74 -40.03 3.94 -27.78
CA GLU A 74 -38.78 4.63 -27.52
C GLU A 74 -38.54 4.87 -26.03
N ALA A 75 -39.26 4.18 -25.16
CA ALA A 75 -39.16 4.44 -23.73
C ALA A 75 -37.97 3.75 -23.09
N TYR A 76 -37.17 3.01 -23.86
CA TYR A 76 -35.98 2.35 -23.35
C TYR A 76 -34.74 3.21 -23.49
N LYS A 77 -34.90 4.47 -23.85
CA LYS A 77 -33.78 5.39 -23.97
C LYS A 77 -34.09 6.73 -23.34
N ILE A 78 -34.85 6.74 -22.24
CA ILE A 78 -35.18 7.99 -21.58
C ILE A 78 -33.92 8.69 -21.10
N ASN A 79 -32.95 7.91 -20.60
CA ASN A 79 -31.72 8.50 -20.11
C ASN A 79 -30.99 9.26 -21.21
N HIS A 80 -30.88 8.66 -22.40
CA HIS A 80 -30.15 9.29 -23.49
C HIS A 80 -30.95 10.40 -24.16
N ASP A 81 -32.27 10.29 -24.19
CA ASP A 81 -33.08 11.34 -24.82
C ASP A 81 -33.13 12.58 -23.96
N PHE A 82 -33.56 12.43 -22.70
CA PHE A 82 -33.87 13.60 -21.89
C PHE A 82 -32.61 14.36 -21.47
N THR A 83 -31.49 13.66 -21.28
CA THR A 83 -30.26 14.33 -20.87
C THR A 83 -29.77 15.29 -21.94
N PHE A 84 -29.83 14.88 -23.21
CA PHE A 84 -29.22 15.64 -24.29
C PHE A 84 -30.22 16.36 -25.16
N SER A 85 -31.48 16.42 -24.76
CA SER A 85 -32.39 17.36 -25.38
C SER A 85 -31.99 18.78 -24.98
N GLY A 86 -32.22 19.72 -25.89
CA GLY A 86 -31.65 21.04 -25.77
C GLY A 86 -30.35 21.22 -26.53
N LEU A 87 -29.55 20.16 -26.62
CA LEU A 87 -28.45 20.08 -27.58
C LEU A 87 -28.86 19.33 -28.83
N SER A 88 -30.16 19.17 -29.07
CA SER A 88 -30.69 18.50 -30.25
C SER A 88 -31.76 19.39 -30.86
N LYS A 89 -31.46 19.95 -32.04
CA LYS A 89 -32.38 20.84 -32.73
C LYS A 89 -32.51 20.57 -34.22
N THR A 90 -31.63 19.77 -34.83
CA THR A 90 -31.72 19.47 -36.25
C THR A 90 -31.56 17.98 -36.50
N THR A 91 -32.28 17.17 -35.73
CA THR A 91 -32.44 15.73 -35.94
C THR A 91 -31.11 14.99 -36.02
N ASP A 92 -31.11 13.84 -36.71
CA ASP A 92 -29.95 12.98 -36.84
C ASP A 92 -29.62 12.76 -38.31
N ARG A 93 -28.32 12.61 -38.59
CA ARG A 93 -27.83 12.50 -39.95
C ARG A 93 -27.02 11.23 -40.11
N ARG A 94 -26.60 10.96 -41.34
CA ARG A 94 -25.85 9.78 -41.70
C ARG A 94 -24.45 10.16 -42.14
N LEU A 95 -23.66 9.16 -42.48
CA LEU A 95 -22.33 9.38 -43.06
C LEU A 95 -22.43 9.54 -44.57
N SER A 96 -23.34 10.39 -45.01
CA SER A 96 -23.58 10.58 -46.43
C SER A 96 -23.72 12.07 -46.75
N GLU A 97 -24.24 12.83 -45.79
CA GLU A 97 -24.55 14.24 -46.01
C GLU A 97 -23.30 15.05 -46.30
N VAL A 98 -22.43 15.20 -45.29
CA VAL A 98 -21.24 16.01 -45.49
C VAL A 98 -20.03 15.18 -45.87
N PHE A 99 -20.14 13.87 -45.81
CA PHE A 99 -19.06 12.99 -46.19
C PHE A 99 -19.37 12.30 -47.52
N PRO A 100 -18.35 11.94 -48.31
CA PRO A 100 -18.61 11.23 -49.56
C PRO A 100 -19.06 9.80 -49.33
N ILE A 101 -19.16 9.02 -50.40
CA ILE A 101 -19.54 7.61 -50.32
C ILE A 101 -18.33 6.79 -50.71
N THR A 102 -17.81 6.00 -49.78
CA THR A 102 -16.66 5.14 -50.05
C THR A 102 -17.06 3.72 -50.39
N HIS A 103 -18.36 3.41 -50.40
CA HIS A 103 -18.89 2.12 -50.83
C HIS A 103 -18.26 0.98 -50.03
N ASP A 104 -18.49 1.00 -48.73
CA ASP A 104 -17.97 -0.06 -47.87
C ASP A 104 -18.99 -0.59 -46.86
N GLY A 105 -20.23 -0.15 -46.91
CA GLY A 105 -21.23 -0.54 -45.94
C GLY A 105 -21.24 0.32 -44.68
N SER A 106 -20.23 1.18 -44.49
CA SER A 106 -20.19 2.09 -43.37
C SER A 106 -20.92 3.40 -43.65
N ASP A 107 -21.42 3.59 -44.87
CA ASP A 107 -22.27 4.73 -45.17
C ASP A 107 -23.67 4.43 -44.65
N GLY A 108 -24.05 5.10 -43.57
CA GLY A 108 -25.37 4.88 -43.00
C GLY A 108 -25.42 5.00 -41.50
N MET A 109 -24.25 4.97 -40.86
CA MET A 109 -24.19 5.15 -39.41
C MET A 109 -24.61 6.58 -39.05
N THR A 110 -25.26 6.72 -37.90
CA THR A 110 -25.83 7.99 -37.48
C THR A 110 -25.17 8.49 -36.19
N PRO A 111 -24.18 9.38 -36.27
CA PRO A 111 -23.48 9.85 -35.06
C PRO A 111 -24.15 11.06 -34.40
N ALA A 112 -25.31 10.81 -33.77
CA ALA A 112 -26.01 11.78 -32.95
C ALA A 112 -26.33 13.08 -33.68
N VAL A 113 -25.48 14.09 -33.52
CA VAL A 113 -25.68 15.40 -34.12
C VAL A 113 -24.44 15.74 -34.93
N ILE A 114 -24.64 16.06 -36.21
CA ILE A 114 -23.55 16.46 -37.11
C ILE A 114 -23.78 17.92 -37.49
N HIS A 115 -22.79 18.76 -37.24
CA HIS A 115 -22.92 20.20 -37.40
C HIS A 115 -21.75 20.75 -38.19
N THR A 116 -22.08 21.65 -39.13
CA THR A 116 -21.09 22.31 -39.98
C THR A 116 -21.10 23.80 -39.67
N ARG A 117 -19.92 24.38 -39.46
CA ARG A 117 -19.82 25.77 -39.05
C ARG A 117 -19.76 26.68 -40.28
N LEU A 118 -19.71 27.99 -40.01
CA LEU A 118 -19.73 28.97 -41.10
C LEU A 118 -18.40 29.02 -41.85
N ASP A 119 -17.30 28.66 -41.18
CA ASP A 119 -16.04 28.50 -41.89
C ASP A 119 -16.08 27.31 -42.84
N GLY A 120 -16.86 26.29 -42.50
CA GLY A 120 -16.96 25.09 -43.32
C GLY A 120 -16.48 23.83 -42.63
N THR A 121 -15.95 23.94 -41.42
CA THR A 121 -15.54 22.77 -40.65
C THR A 121 -16.76 21.92 -40.31
N ILE A 122 -16.51 20.64 -40.09
CA ILE A 122 -17.55 19.69 -39.69
C ILE A 122 -17.17 19.16 -38.31
N VAL A 123 -18.05 19.35 -37.34
CA VAL A 123 -17.86 18.83 -36.00
C VAL A 123 -19.01 17.90 -35.69
N VAL A 124 -18.69 16.65 -35.34
CA VAL A 124 -19.69 15.64 -35.01
C VAL A 124 -19.55 15.31 -33.53
N VAL A 125 -20.66 15.38 -32.80
CA VAL A 125 -20.69 15.12 -31.37
C VAL A 125 -21.40 13.80 -31.15
N GLU A 126 -20.97 13.06 -30.13
CA GLU A 126 -21.62 11.82 -29.74
C GLU A 126 -21.91 11.83 -28.25
N PHE A 127 -23.08 11.33 -27.89
CA PHE A 127 -23.59 11.39 -26.53
C PHE A 127 -23.67 9.99 -25.93
N SER A 128 -23.51 9.89 -24.61
CA SER A 128 -23.66 8.62 -23.92
C SER A 128 -23.92 8.88 -22.45
N THR A 129 -24.71 8.01 -21.83
CA THR A 129 -24.98 8.06 -20.40
C THR A 129 -24.64 6.73 -19.77
N THR A 130 -24.30 6.77 -18.49
CA THR A 130 -23.90 5.55 -17.79
C THR A 130 -24.36 5.60 -16.34
N ARG A 131 -24.93 4.50 -15.87
CA ARG A 131 -25.24 4.36 -14.45
C ARG A 131 -24.14 3.63 -13.70
N SER A 132 -22.90 4.05 -13.85
CA SER A 132 -21.76 3.39 -13.22
C SER A 132 -21.02 4.41 -12.37
N HIS A 133 -20.85 4.09 -11.10
CA HIS A 133 -20.33 5.07 -10.15
C HIS A 133 -18.82 5.26 -10.29
N ASN A 134 -18.08 4.19 -10.56
CA ASN A 134 -16.63 4.30 -10.71
C ASN A 134 -16.27 4.92 -12.06
N ILE A 135 -15.08 5.52 -12.11
CA ILE A 135 -14.61 6.18 -13.33
C ILE A 135 -14.26 5.18 -14.41
N GLY A 136 -14.11 3.90 -14.06
CA GLY A 136 -13.86 2.89 -15.07
C GLY A 136 -15.01 2.74 -16.05
N GLY A 137 -16.24 2.85 -15.56
CA GLY A 137 -17.38 2.76 -16.46
C GLY A 137 -17.45 3.92 -17.44
N LEU A 138 -17.17 5.14 -16.96
CA LEU A 138 -17.11 6.29 -17.86
C LEU A 138 -16.00 6.13 -18.87
N GLU A 139 -14.84 5.63 -18.45
CA GLU A 139 -13.74 5.41 -19.38
C GLU A 139 -14.10 4.37 -20.42
N ALA A 140 -14.76 3.29 -20.00
CA ALA A 140 -15.14 2.23 -20.94
C ALA A 140 -16.15 2.74 -21.96
N ALA A 141 -17.17 3.47 -21.52
CA ALA A 141 -18.15 3.99 -22.45
C ALA A 141 -17.53 5.00 -23.41
N TYR A 142 -16.66 5.87 -22.89
CA TYR A 142 -15.99 6.84 -23.75
C TYR A 142 -15.17 6.12 -24.80
N ARG A 143 -14.43 5.08 -24.41
CA ARG A 143 -13.58 4.37 -25.35
C ARG A 143 -14.40 3.64 -26.41
N THR A 144 -15.52 3.03 -26.02
CA THR A 144 -16.29 2.30 -27.02
C THR A 144 -16.94 3.26 -28.01
N LYS A 145 -17.39 4.44 -27.55
CA LYS A 145 -17.92 5.41 -28.50
C LYS A 145 -16.81 5.91 -29.43
N ILE A 146 -15.62 6.18 -28.89
CA ILE A 146 -14.56 6.72 -29.73
C ILE A 146 -13.97 5.69 -30.67
N GLU A 147 -14.19 4.39 -30.41
CA GLU A 147 -13.75 3.37 -31.33
C GLU A 147 -14.85 2.89 -32.27
N LYS A 148 -16.11 3.23 -32.03
CA LYS A 148 -17.14 2.84 -32.98
C LYS A 148 -17.02 3.58 -34.32
N TYR A 149 -16.56 4.83 -34.32
CA TYR A 149 -16.63 5.66 -35.51
C TYR A 149 -15.28 6.14 -36.04
N ARG A 150 -14.17 5.81 -35.39
CA ARG A 150 -12.90 6.42 -35.80
C ARG A 150 -12.47 5.93 -37.17
N ASP A 151 -12.66 4.65 -37.46
CA ASP A 151 -12.35 4.14 -38.79
C ASP A 151 -13.24 4.71 -39.88
N PRO A 152 -14.58 4.75 -39.75
CA PRO A 152 -15.40 5.36 -40.82
C PRO A 152 -15.14 6.85 -41.03
N ILE A 153 -14.54 7.54 -40.07
CA ILE A 153 -14.25 8.96 -40.26
C ILE A 153 -12.86 9.17 -40.82
N SER A 154 -11.87 8.44 -40.32
CA SER A 154 -10.54 8.50 -40.91
C SER A 154 -10.50 7.88 -42.29
N ARG A 155 -11.55 7.16 -42.67
CA ARG A 155 -11.68 6.62 -44.02
C ARG A 155 -12.08 7.72 -45.00
N ARG A 156 -13.10 8.50 -44.67
CA ARG A 156 -13.57 9.57 -45.54
C ARG A 156 -12.83 10.88 -45.34
N VAL A 157 -11.91 10.97 -44.38
CA VAL A 157 -11.15 12.20 -44.16
C VAL A 157 -10.10 12.39 -45.24
N ASP A 158 -9.99 11.46 -46.18
CA ASP A 158 -9.02 11.54 -47.26
C ASP A 158 -9.64 11.87 -48.62
N ILE A 159 -10.89 11.49 -48.84
CA ILE A 159 -11.53 11.73 -50.13
C ILE A 159 -11.82 13.20 -50.33
N MET A 160 -12.38 13.86 -49.32
CA MET A 160 -13.00 15.17 -49.50
C MET A 160 -11.97 16.29 -49.53
N GLU A 161 -12.46 17.52 -49.52
CA GLU A 161 -11.66 18.72 -49.77
C GLU A 161 -10.89 19.13 -48.52
N ASN A 162 -9.64 18.62 -48.40
CA ASN A 162 -8.63 18.88 -47.37
C ASN A 162 -9.28 19.14 -46.01
N PRO A 163 -10.03 18.18 -45.49
CA PRO A 163 -11.02 18.49 -44.46
C PRO A 163 -10.42 18.91 -43.14
N ARG A 164 -11.25 19.59 -42.36
CA ARG A 164 -10.97 19.95 -40.98
C ARG A 164 -12.16 19.45 -40.16
N VAL A 165 -12.04 18.23 -39.65
CA VAL A 165 -13.12 17.59 -38.90
C VAL A 165 -12.64 17.35 -37.48
N PHE A 166 -13.53 17.60 -36.52
CA PHE A 166 -13.29 17.26 -35.12
C PHE A 166 -14.34 16.25 -34.64
N PHE A 167 -13.88 15.24 -33.90
CA PHE A 167 -14.75 14.22 -33.33
C PHE A 167 -14.87 14.49 -31.84
N GLY A 168 -16.09 14.57 -31.33
CA GLY A 168 -16.35 14.91 -29.94
C GLY A 168 -17.19 13.88 -29.24
N VAL A 169 -16.88 13.64 -27.96
CA VAL A 169 -17.60 12.71 -27.11
C VAL A 169 -18.01 13.43 -25.84
N ILE A 170 -19.24 13.24 -25.40
CA ILE A 170 -19.71 13.68 -24.08
C ILE A 170 -20.33 12.49 -23.39
N VAL A 171 -19.77 12.10 -22.24
CA VAL A 171 -20.30 11.01 -21.43
C VAL A 171 -20.75 11.59 -20.09
N VAL A 172 -21.97 11.28 -19.69
CA VAL A 172 -22.55 11.85 -18.48
C VAL A 172 -23.01 10.72 -17.57
N SER A 173 -22.66 10.82 -16.29
CA SER A 173 -23.16 9.92 -15.27
C SER A 173 -23.66 10.75 -14.08
N SER A 174 -24.09 10.07 -13.03
CA SER A 174 -24.52 10.78 -11.83
C SER A 174 -23.35 11.48 -11.16
N GLY A 175 -22.18 10.83 -11.16
CA GLY A 175 -20.99 11.38 -10.55
C GLY A 175 -20.38 12.54 -11.32
N GLY A 176 -19.94 12.28 -12.55
CA GLY A 176 -19.20 13.26 -13.32
C GLY A 176 -19.43 13.12 -14.81
N VAL A 177 -18.64 13.89 -15.56
CA VAL A 177 -18.70 13.94 -17.02
C VAL A 177 -17.29 13.73 -17.55
N LEU A 178 -17.16 12.95 -18.61
CA LEU A 178 -15.89 12.82 -19.33
C LEU A 178 -16.10 13.27 -20.77
N SER A 179 -15.50 14.39 -21.14
CA SER A 179 -15.69 14.94 -22.46
C SER A 179 -14.36 15.48 -23.00
N ASN A 180 -14.12 15.23 -24.28
CA ASN A 180 -12.96 15.80 -24.96
C ASN A 180 -13.26 17.15 -25.57
N MET A 181 -14.45 17.67 -25.38
CA MET A 181 -14.84 18.97 -25.88
C MET A 181 -14.61 20.04 -24.83
N PRO A 182 -14.32 21.26 -25.24
CA PRO A 182 -14.30 22.38 -24.29
C PRO A 182 -15.66 22.56 -23.66
N LEU A 183 -15.67 22.86 -22.37
CA LEU A 183 -16.93 22.90 -21.63
C LEU A 183 -16.71 23.64 -20.33
N THR A 184 -17.78 24.17 -19.78
CA THR A 184 -17.73 24.87 -18.51
C THR A 184 -18.34 24.01 -17.41
N GLN A 185 -17.86 24.23 -16.20
CA GLN A 185 -18.36 23.54 -15.02
C GLN A 185 -19.88 23.63 -14.94
N ASP A 186 -20.46 24.79 -15.29
CA ASP A 186 -21.90 24.94 -15.23
C ASP A 186 -22.61 24.08 -16.25
N GLU A 187 -22.05 23.96 -17.46
CA GLU A 187 -22.63 23.06 -18.46
C GLU A 187 -22.61 21.62 -17.95
N ALA A 188 -21.48 21.20 -17.38
CA ALA A 188 -21.39 19.89 -16.76
C ALA A 188 -22.47 19.69 -15.69
N GLU A 189 -22.60 20.65 -14.78
CA GLU A 189 -23.57 20.54 -13.70
C GLU A 189 -24.99 20.40 -14.24
N GLU A 190 -25.31 21.19 -15.27
CA GLU A 190 -26.62 21.11 -15.88
C GLU A 190 -26.89 19.75 -16.48
N LEU A 191 -25.92 19.20 -17.22
CA LEU A 191 -26.12 17.89 -17.81
C LEU A 191 -26.32 16.82 -16.74
N MET A 192 -25.53 16.88 -15.67
CA MET A 192 -25.68 15.89 -14.61
C MET A 192 -27.02 16.01 -13.90
N TYR A 193 -27.50 17.24 -13.68
CA TYR A 193 -28.80 17.43 -13.06
C TYR A 193 -29.92 16.88 -13.93
N ARG A 194 -29.85 17.13 -15.24
CA ARG A 194 -30.84 16.59 -16.16
C ARG A 194 -30.81 15.08 -16.17
N PHE A 195 -29.62 14.49 -16.12
CA PHE A 195 -29.52 13.03 -16.10
C PHE A 195 -30.12 12.45 -14.82
N CYS A 196 -29.93 13.12 -13.69
CA CYS A 196 -30.56 12.66 -12.45
C CYS A 196 -32.08 12.64 -12.58
N ILE A 197 -32.65 13.70 -13.15
CA ILE A 197 -34.09 13.72 -13.39
C ILE A 197 -34.51 12.57 -14.30
N ALA A 198 -33.76 12.36 -15.38
CA ALA A 198 -34.12 11.37 -16.39
C ALA A 198 -34.07 9.95 -15.82
N ASN A 199 -33.05 9.66 -15.01
CA ASN A 199 -32.94 8.34 -14.43
C ASN A 199 -34.04 8.10 -13.40
N GLU A 200 -34.42 9.15 -12.65
CA GLU A 200 -35.57 8.97 -11.76
C GLU A 200 -36.84 8.65 -12.55
N ILE A 201 -37.04 9.33 -13.68
CA ILE A 201 -38.19 9.05 -14.54
C ILE A 201 -38.15 7.62 -15.03
N TYR A 202 -36.99 7.18 -15.50
CA TYR A 202 -36.84 5.84 -16.05
C TYR A 202 -37.10 4.77 -15.00
N THR A 203 -36.60 4.99 -13.77
CA THR A 203 -36.84 4.02 -12.71
C THR A 203 -38.32 3.92 -12.36
N LYS A 204 -38.98 5.07 -12.21
CA LYS A 204 -40.41 5.04 -11.90
C LYS A 204 -41.20 4.38 -13.02
N ALA A 205 -40.84 4.66 -14.28
CA ALA A 205 -41.58 4.09 -15.40
C ALA A 205 -41.37 2.60 -15.51
N ARG A 206 -40.13 2.14 -15.34
CA ARG A 206 -39.83 0.72 -15.42
C ARG A 206 -40.36 -0.04 -14.20
N SER A 207 -40.72 0.67 -13.13
CA SER A 207 -41.31 0.00 -11.97
C SER A 207 -42.73 -0.46 -12.26
N MET A 208 -43.56 0.40 -12.85
CA MET A 208 -44.99 0.10 -12.96
C MET A 208 -45.24 -0.99 -13.97
N ASP A 209 -44.94 -0.74 -15.23
CA ASP A 209 -45.02 -1.76 -16.26
C ASP A 209 -43.70 -2.52 -16.26
N ALA A 210 -43.53 -3.45 -17.20
CA ALA A 210 -42.35 -4.28 -17.22
C ALA A 210 -41.76 -4.48 -18.61
N ASP A 211 -42.30 -3.84 -19.65
CA ASP A 211 -41.78 -3.98 -20.99
C ASP A 211 -40.95 -2.78 -21.44
N ILE A 212 -40.75 -1.80 -20.57
CA ILE A 212 -40.02 -0.60 -20.96
C ILE A 212 -38.57 -0.94 -21.28
N GLU A 213 -37.93 -1.72 -20.41
CA GLU A 213 -36.54 -2.10 -20.59
C GLU A 213 -36.41 -3.18 -21.66
N LEU A 214 -35.23 -3.27 -22.26
CA LEU A 214 -34.96 -4.32 -23.23
C LEU A 214 -34.55 -5.60 -22.49
N GLN A 215 -34.20 -6.63 -23.26
CA GLN A 215 -34.09 -7.98 -22.70
C GLN A 215 -32.77 -8.16 -21.96
N LYS A 216 -32.86 -8.56 -20.70
CA LYS A 216 -31.68 -8.93 -19.94
C LYS A 216 -31.22 -10.33 -20.34
N SER A 217 -29.92 -10.55 -20.26
CA SER A 217 -29.36 -11.84 -20.62
C SER A 217 -29.79 -12.91 -19.61
N GLU A 218 -29.80 -14.15 -20.08
CA GLU A 218 -30.30 -15.25 -19.26
C GLU A 218 -29.45 -15.45 -18.02
N GLU A 219 -28.14 -15.21 -18.12
CA GLU A 219 -27.29 -15.35 -16.95
C GLU A 219 -27.67 -14.35 -15.86
N GLU A 220 -27.93 -13.09 -16.24
CA GLU A 220 -28.34 -12.10 -15.25
C GLU A 220 -29.70 -12.43 -14.66
N LEU A 221 -30.64 -12.86 -15.51
CA LEU A 221 -31.97 -13.19 -15.00
C LEU A 221 -31.91 -14.38 -14.04
N GLU A 222 -31.10 -15.39 -14.36
CA GLU A 222 -30.94 -16.52 -13.46
C GLU A 222 -30.30 -16.10 -12.14
N ALA A 223 -29.27 -15.25 -12.20
CA ALA A 223 -28.62 -14.79 -10.97
C ALA A 223 -29.58 -14.05 -10.07
N ILE A 224 -30.35 -13.11 -10.64
CA ILE A 224 -31.27 -12.32 -9.82
C ILE A 224 -32.36 -13.21 -9.25
N SER A 225 -32.89 -14.13 -10.04
CA SER A 225 -33.94 -15.02 -9.53
C SER A 225 -33.41 -15.90 -8.42
N ARG A 226 -32.19 -16.41 -8.57
CA ARG A 226 -31.60 -17.30 -7.57
C ARG A 226 -31.39 -16.57 -6.24
N ALA A 227 -30.82 -15.36 -6.30
CA ALA A 227 -30.61 -14.59 -5.06
C ALA A 227 -31.94 -14.19 -4.43
N LEU A 228 -32.92 -13.79 -5.24
CA LEU A 228 -34.21 -13.38 -4.69
C LEU A 228 -34.90 -14.56 -4.01
N SER A 229 -34.80 -15.74 -4.59
CA SER A 229 -35.37 -16.92 -3.94
C SER A 229 -34.68 -17.20 -2.62
N PHE A 230 -33.34 -17.05 -2.58
CA PHE A 230 -32.64 -17.28 -1.32
C PHE A 230 -33.10 -16.33 -0.23
N PHE A 231 -33.23 -15.04 -0.56
CA PHE A 231 -33.64 -14.09 0.47
C PHE A 231 -35.12 -14.18 0.82
N SER A 232 -35.95 -14.73 -0.07
CA SER A 232 -37.32 -15.00 0.31
C SER A 232 -37.43 -16.21 1.23
N LEU A 233 -36.61 -17.22 1.03
CA LEU A 233 -36.75 -18.48 1.75
C LEU A 233 -35.76 -18.64 2.90
N PHE A 234 -34.94 -17.65 3.20
CA PHE A 234 -33.99 -17.76 4.29
C PHE A 234 -34.69 -17.53 5.62
N GLU A 235 -34.66 -18.52 6.50
CA GLU A 235 -35.20 -18.40 7.85
C GLU A 235 -34.09 -18.71 8.85
N PRO A 236 -33.60 -17.72 9.60
CA PRO A 236 -32.44 -17.94 10.48
C PRO A 236 -32.76 -18.30 11.93
N ASN A 237 -34.00 -18.65 12.28
CA ASN A 237 -34.38 -19.09 13.62
C ASN A 237 -34.08 -18.00 14.67
N ILE A 238 -34.83 -16.91 14.54
CA ILE A 238 -34.59 -15.73 15.38
C ILE A 238 -34.76 -16.07 16.86
N GLU A 239 -35.65 -17.02 17.18
CA GLU A 239 -35.80 -17.43 18.57
C GLU A 239 -34.52 -18.06 19.12
N ARG A 240 -33.86 -18.90 18.32
CA ARG A 240 -32.59 -19.46 18.75
C ARG A 240 -31.49 -18.41 18.76
N VAL A 241 -31.55 -17.45 17.83
CA VAL A 241 -30.55 -16.38 17.84
C VAL A 241 -30.65 -15.57 19.12
N GLU A 242 -31.87 -15.24 19.54
CA GLU A 242 -32.07 -14.54 20.80
C GLU A 242 -31.61 -15.38 21.98
N GLY A 243 -31.90 -16.68 21.95
CA GLY A 243 -31.45 -17.54 23.04
C GLY A 243 -29.94 -17.63 23.14
N THR A 244 -29.26 -17.67 21.99
CA THR A 244 -27.82 -17.94 21.95
C THR A 244 -26.99 -16.67 22.12
N PHE A 245 -27.13 -15.72 21.21
CA PHE A 245 -26.21 -14.60 21.32
C PHE A 245 -26.80 -13.48 22.16
N PRO A 246 -25.96 -12.73 22.88
CA PRO A 246 -26.46 -11.69 23.77
C PRO A 246 -26.90 -10.44 23.02
N ASN A 247 -27.96 -9.81 23.54
CA ASN A 247 -28.51 -8.57 22.99
C ASN A 247 -28.88 -8.71 21.51
N SER A 248 -29.78 -9.64 21.22
CA SER A 248 -30.14 -9.93 19.84
C SER A 248 -31.64 -10.03 19.67
N GLU A 249 -32.38 -9.09 20.26
CA GLU A 249 -33.83 -9.04 20.10
C GLU A 249 -34.18 -8.26 18.87
N ILE A 250 -35.10 -8.79 18.05
CA ILE A 250 -35.50 -8.10 16.84
C ILE A 250 -36.42 -6.94 17.16
N LYS A 251 -36.96 -6.91 18.38
CA LYS A 251 -37.75 -5.77 18.81
C LYS A 251 -36.93 -4.49 18.77
N MET A 252 -35.64 -4.59 19.12
CA MET A 252 -34.75 -3.43 19.08
C MET A 252 -34.74 -2.79 17.69
N LEU A 253 -34.56 -3.60 16.65
CA LEU A 253 -34.55 -3.06 15.28
C LEU A 253 -35.92 -2.52 14.88
N GLU A 254 -36.98 -3.22 15.27
CA GLU A 254 -38.32 -2.74 14.92
C GLU A 254 -38.58 -1.36 15.52
N GLN A 255 -38.23 -1.20 16.80
CA GLN A 255 -38.46 0.08 17.47
C GLN A 255 -37.49 1.16 17.00
N PHE A 256 -36.27 0.78 16.60
CA PHE A 256 -35.36 1.77 16.03
C PHE A 256 -35.91 2.34 14.74
N LEU A 257 -36.49 1.49 13.89
CA LEU A 257 -37.00 2.00 12.62
C LEU A 257 -38.36 2.66 12.75
N SER A 258 -39.12 2.37 13.81
CA SER A 258 -40.44 2.99 13.96
C SER A 258 -40.42 4.29 14.75
N THR A 259 -39.70 4.33 15.87
CA THR A 259 -39.67 5.52 16.71
C THR A 259 -38.79 6.61 16.09
N PRO A 260 -39.28 7.85 15.97
CA PRO A 260 -38.44 8.92 15.41
C PRO A 260 -37.41 9.44 16.40
N ALA A 261 -36.71 10.51 16.06
CA ALA A 261 -35.74 11.09 16.97
C ALA A 261 -36.40 12.13 17.85
N ASP A 262 -35.85 12.31 19.05
CA ASP A 262 -36.38 13.25 20.03
C ASP A 262 -35.65 14.57 19.85
N VAL A 263 -36.28 15.49 19.10
CA VAL A 263 -35.60 16.72 18.70
C VAL A 263 -35.34 17.63 19.90
N ASP A 264 -36.22 17.59 20.91
CA ASP A 264 -35.99 18.36 22.11
C ASP A 264 -34.77 17.85 22.86
N PHE A 265 -34.67 16.52 23.00
CA PHE A 265 -33.49 15.92 23.61
C PHE A 265 -32.24 16.31 22.84
N ILE A 266 -32.31 16.29 21.50
CA ILE A 266 -31.13 16.61 20.70
C ILE A 266 -30.68 18.04 20.93
N THR A 267 -31.62 19.00 20.89
CA THR A 267 -31.21 20.39 21.00
C THR A 267 -30.75 20.73 22.41
N LYS A 268 -31.36 20.13 23.42
CA LYS A 268 -30.91 20.36 24.78
C LYS A 268 -29.50 19.83 24.99
N THR A 269 -29.23 18.61 24.52
CA THR A 269 -27.89 18.06 24.65
C THR A 269 -26.88 18.88 23.87
N LEU A 270 -27.27 19.39 22.71
CA LEU A 270 -26.35 20.23 21.94
C LEU A 270 -25.98 21.50 22.67
N LYS A 271 -26.97 22.14 23.33
CA LYS A 271 -26.65 23.32 24.13
C LYS A 271 -25.70 22.99 25.27
N ALA A 272 -25.96 21.88 25.97
CA ALA A 272 -25.09 21.50 27.08
C ALA A 272 -23.67 21.23 26.62
N LYS A 273 -23.51 20.52 25.51
CA LYS A 273 -22.18 20.20 25.02
C LYS A 273 -21.45 21.43 24.50
N GLU A 274 -22.17 22.38 23.89
CA GLU A 274 -21.53 23.63 23.48
C GLU A 274 -21.01 24.39 24.68
N VAL A 275 -21.80 24.48 25.75
CA VAL A 275 -21.35 25.19 26.95
C VAL A 275 -20.14 24.52 27.54
N GLU A 276 -20.16 23.19 27.64
CA GLU A 276 -19.03 22.47 28.21
C GLU A 276 -17.77 22.65 27.38
N ALA A 277 -17.88 22.56 26.06
CA ALA A 277 -16.72 22.76 25.21
C ALA A 277 -16.17 24.17 25.33
N TYR A 278 -17.05 25.17 25.44
CA TYR A 278 -16.58 26.54 25.58
C TYR A 278 -15.83 26.74 26.90
N ALA A 279 -16.36 26.16 27.99
CA ALA A 279 -15.66 26.24 29.26
C ALA A 279 -14.30 25.58 29.19
N ASP A 280 -14.23 24.40 28.55
CA ASP A 280 -12.94 23.72 28.42
C ASP A 280 -11.97 24.55 27.58
N LEU A 281 -12.47 25.19 26.52
CA LEU A 281 -11.59 26.02 25.69
C LEU A 281 -10.99 27.16 26.49
N CYS A 282 -11.82 27.90 27.22
CA CYS A 282 -11.32 29.03 27.99
C CYS A 282 -10.37 28.57 29.10
N ASP A 283 -10.68 27.45 29.75
CA ASP A 283 -9.85 27.00 30.86
C ASP A 283 -8.50 26.49 30.38
N SER A 284 -8.50 25.65 29.35
CA SER A 284 -7.25 25.03 28.91
C SER A 284 -6.42 25.92 28.01
N HIS A 285 -6.99 27.00 27.46
CA HIS A 285 -6.21 27.90 26.61
C HIS A 285 -6.02 29.28 27.24
N TYR A 286 -6.40 29.45 28.51
CA TYR A 286 -6.17 30.66 29.28
C TYR A 286 -6.78 31.89 28.64
N LEU A 287 -7.95 31.75 28.01
CA LEU A 287 -8.54 32.90 27.34
C LEU A 287 -9.12 33.90 28.35
N LYS A 288 -9.62 33.42 29.48
CA LYS A 288 -10.21 34.29 30.47
C LYS A 288 -9.45 34.20 31.78
N PRO A 289 -9.25 35.32 32.46
CA PRO A 289 -9.63 36.67 32.05
C PRO A 289 -8.52 37.51 31.39
N GLU A 290 -8.77 37.93 30.14
CA GLU A 290 -8.11 39.04 29.47
C GLU A 290 -6.57 39.07 29.51
N LYS A 291 -5.89 38.13 28.86
CA LYS A 291 -4.45 38.19 28.71
C LYS A 291 -4.08 38.25 27.23
N THR A 292 -2.87 38.71 26.96
CA THR A 292 -2.40 38.88 25.60
C THR A 292 -1.67 37.64 25.11
N ILE A 293 -1.23 37.68 23.85
CA ILE A 293 -0.73 36.47 23.19
C ILE A 293 0.57 36.00 23.82
N GLN A 294 1.52 36.91 24.02
CA GLN A 294 2.77 36.52 24.65
C GLN A 294 2.58 36.18 26.12
N GLU A 295 1.64 36.84 26.79
CA GLU A 295 1.36 36.54 28.19
C GLU A 295 0.73 35.17 28.35
N ARG A 296 0.05 34.67 27.32
CA ARG A 296 -0.47 33.31 27.34
C ARG A 296 0.55 32.28 26.91
N LEU A 297 1.40 32.62 25.93
CA LEU A 297 2.46 31.70 25.56
C LEU A 297 3.44 31.48 26.69
N GLU A 298 3.68 32.50 27.51
CA GLU A 298 4.56 32.35 28.66
C GLU A 298 3.98 31.39 29.70
N ILE A 299 2.65 31.26 29.78
CA ILE A 299 2.06 30.27 30.68
C ILE A 299 2.09 28.89 30.07
N ASN A 300 1.90 28.82 28.74
CA ASN A 300 1.96 27.53 28.06
C ASN A 300 3.34 26.88 28.22
N ARG A 301 4.40 27.69 28.12
CA ARG A 301 5.74 27.16 28.31
C ARG A 301 5.92 26.57 29.70
N CYS A 302 5.40 27.24 30.72
CA CYS A 302 5.53 26.74 32.09
C CYS A 302 4.78 25.43 32.29
N GLU A 303 3.57 25.32 31.74
CA GLU A 303 2.83 24.08 31.89
C GLU A 303 3.55 22.92 31.20
N ALA A 304 4.10 23.17 30.02
CA ALA A 304 4.83 22.11 29.32
C ALA A 304 6.06 21.69 30.11
N ILE A 305 6.81 22.65 30.66
CA ILE A 305 7.98 22.34 31.47
C ILE A 305 7.59 21.48 32.67
N ASP A 306 6.50 21.81 33.34
CA ASP A 306 6.07 21.02 34.49
C ASP A 306 5.75 19.59 34.10
N LYS A 307 5.01 19.40 33.01
CA LYS A 307 4.67 18.04 32.60
C LYS A 307 5.90 17.22 32.22
N THR A 308 6.85 17.86 31.52
CA THR A 308 8.07 17.15 31.14
C THR A 308 8.87 16.73 32.37
N GLN A 309 9.04 17.63 33.35
CA GLN A 309 9.79 17.26 34.54
C GLN A 309 9.08 16.16 35.30
N ASP A 310 7.75 16.19 35.33
CA ASP A 310 7.00 15.14 36.02
C ASP A 310 7.23 13.79 35.36
N LEU A 311 7.23 13.74 34.03
CA LEU A 311 7.47 12.46 33.36
C LEU A 311 8.89 11.95 33.60
N LEU A 312 9.88 12.84 33.54
CA LEU A 312 11.25 12.41 33.80
C LEU A 312 11.42 11.88 35.22
N ALA A 313 10.83 12.58 36.20
CA ALA A 313 10.93 12.12 37.59
C ALA A 313 10.19 10.82 37.79
N GLY A 314 9.10 10.60 37.08
CA GLY A 314 8.41 9.32 37.18
C GLY A 314 9.20 8.17 36.61
N LEU A 315 9.87 8.40 35.47
CA LEU A 315 10.67 7.31 34.89
C LEU A 315 11.92 7.03 35.71
N HIS A 316 12.53 8.05 36.29
CA HIS A 316 13.80 7.86 36.98
C HIS A 316 13.63 6.99 38.22
N ALA A 317 12.45 6.99 38.82
CA ALA A 317 12.24 6.24 40.05
C ALA A 317 12.15 4.74 39.83
N ARG A 318 12.00 4.28 38.59
CA ARG A 318 11.85 2.87 38.31
C ARG A 318 13.05 2.29 37.55
N SER A 319 14.19 2.95 37.62
CA SER A 319 15.38 2.51 36.93
C SER A 319 16.35 1.91 37.95
N ASN A 320 17.55 1.59 37.47
CA ASN A 320 18.64 1.27 38.37
C ASN A 320 19.34 2.50 38.90
N LYS A 321 18.90 3.69 38.47
CA LYS A 321 19.39 4.98 38.96
C LYS A 321 20.87 5.20 38.69
N GLN A 322 21.45 4.44 37.77
CA GLN A 322 22.84 4.65 37.37
C GLN A 322 22.94 5.87 36.47
N THR A 323 24.09 6.52 36.49
CA THR A 323 24.32 7.71 35.69
C THR A 323 25.44 7.57 34.66
N SER A 324 26.02 6.38 34.50
CA SER A 324 27.05 6.17 33.50
C SER A 324 27.06 4.69 33.15
N LEU A 325 27.24 4.38 31.87
CA LEU A 325 27.23 3.00 31.42
C LEU A 325 28.38 2.74 30.45
N ASN A 326 28.60 1.47 30.16
CA ASN A 326 29.67 1.05 29.27
C ASN A 326 29.14 0.21 28.12
N ARG A 327 27.90 0.45 27.70
CA ARG A 327 27.38 -0.20 26.51
C ARG A 327 27.74 0.61 25.27
N GLY A 328 27.55 0.01 24.12
CA GLY A 328 27.72 0.70 22.86
C GLY A 328 26.53 0.44 21.98
N THR A 329 26.17 1.45 21.19
CA THR A 329 24.99 1.29 20.34
C THR A 329 25.30 0.42 19.12
N VAL A 330 26.48 0.52 18.57
CA VAL A 330 26.89 -0.30 17.44
C VAL A 330 27.73 -1.46 17.96
N LYS A 331 27.23 -2.68 17.76
CA LYS A 331 27.86 -3.87 18.30
C LYS A 331 28.93 -4.45 17.37
N LEU A 332 29.50 -3.63 16.49
CA LEU A 332 30.48 -4.06 15.52
C LEU A 332 31.70 -3.14 15.58
N PRO A 333 32.86 -3.63 15.19
CA PRO A 333 34.07 -2.83 15.34
C PRO A 333 34.07 -1.67 14.36
N PRO A 334 34.89 -0.65 14.61
CA PRO A 334 35.02 0.44 13.65
C PRO A 334 36.07 0.22 12.56
N TRP A 335 36.50 -1.02 12.35
CA TRP A 335 37.61 -1.29 11.45
C TRP A 335 37.28 -0.95 10.00
N LEU A 336 38.26 -0.39 9.29
CA LEU A 336 38.17 -0.15 7.85
C LEU A 336 39.39 -0.72 7.15
N PRO A 337 39.48 -2.04 7.03
CA PRO A 337 40.63 -2.62 6.34
C PRO A 337 40.54 -2.40 4.84
N LYS A 338 41.69 -2.26 4.23
CA LYS A 338 41.75 -2.04 2.79
C LYS A 338 41.52 -3.36 2.05
N PRO A 339 40.63 -3.39 1.07
CA PRO A 339 40.36 -4.66 0.38
C PRO A 339 41.50 -5.03 -0.55
N SER A 340 42.01 -6.24 -0.41
CA SER A 340 43.11 -6.69 -1.24
C SER A 340 42.83 -8.09 -1.78
N SER A 341 43.82 -8.69 -2.43
CA SER A 341 43.68 -10.06 -2.92
C SER A 341 43.64 -11.05 -1.75
N GLU A 342 43.21 -12.28 -2.06
CA GLU A 342 42.82 -13.23 -1.03
C GLU A 342 43.93 -14.27 -0.81
N SER A 343 44.40 -14.37 0.42
CA SER A 343 45.26 -15.46 0.86
C SER A 343 45.24 -15.48 2.38
N ILE A 344 45.33 -16.69 2.95
CA ILE A 344 45.20 -16.88 4.38
C ILE A 344 46.53 -16.54 5.06
N ASP A 345 46.72 -15.25 5.37
CA ASP A 345 47.98 -14.77 5.94
C ASP A 345 47.84 -14.63 7.46
N ILE A 346 47.86 -15.78 8.13
CA ILE A 346 47.79 -15.81 9.59
C ILE A 346 49.13 -16.11 10.21
N LYS A 347 50.15 -16.42 9.42
CA LYS A 347 51.37 -17.00 9.94
C LYS A 347 52.30 -15.93 10.53
N THR A 348 51.74 -15.08 11.40
CA THR A 348 52.57 -14.12 12.11
C THR A 348 53.56 -14.82 13.02
N ASP A 349 53.14 -15.95 13.61
CA ASP A 349 54.01 -16.92 14.28
C ASP A 349 54.56 -16.40 15.60
N SER A 350 54.38 -15.10 15.86
CA SER A 350 54.63 -14.55 17.18
C SER A 350 53.34 -14.25 17.91
N GLY A 351 52.23 -14.08 17.19
CA GLY A 351 50.93 -13.93 17.78
C GLY A 351 50.35 -15.21 18.32
N PHE A 352 50.96 -16.36 18.03
CA PHE A 352 50.45 -17.61 18.56
C PHE A 352 50.86 -17.84 20.00
N GLY A 353 51.66 -16.94 20.56
CA GLY A 353 52.00 -17.00 21.97
C GLY A 353 51.47 -15.79 22.73
N SER A 354 51.49 -14.63 22.07
CA SER A 354 50.95 -13.43 22.70
C SER A 354 49.44 -13.53 22.87
N LEU A 355 48.78 -14.26 21.96
CA LEU A 355 47.37 -14.53 22.12
C LEU A 355 47.10 -15.48 23.28
N MET A 356 48.02 -16.42 23.53
CA MET A 356 47.75 -17.50 24.46
C MET A 356 47.61 -17.01 25.90
N ASP A 357 48.02 -15.80 26.20
CA ASP A 357 48.07 -15.31 27.57
C ASP A 357 47.42 -13.93 27.68
N HIS A 358 46.24 -13.78 27.09
CA HIS A 358 45.52 -12.51 27.13
C HIS A 358 44.08 -12.62 27.59
N GLY A 359 43.61 -13.80 27.95
CA GLY A 359 42.24 -13.99 28.39
C GLY A 359 41.59 -15.17 27.71
N ALA A 360 40.29 -15.32 27.96
CA ALA A 360 39.55 -16.43 27.37
C ALA A 360 39.51 -16.33 25.86
N TYR A 361 39.25 -15.13 25.34
CA TYR A 361 39.23 -14.95 23.89
C TYR A 361 40.60 -15.17 23.29
N GLY A 362 41.65 -14.73 23.99
CA GLY A 362 42.99 -15.00 23.52
C GLY A 362 43.28 -16.49 23.44
N GLU A 363 42.87 -17.24 24.45
CA GLU A 363 43.04 -18.69 24.42
C GLU A 363 42.32 -19.31 23.23
N LEU A 364 41.06 -18.94 23.04
CA LEU A 364 40.28 -19.49 21.94
C LEU A 364 40.91 -19.19 20.59
N TRP A 365 41.34 -17.94 20.38
CA TRP A 365 41.87 -17.57 19.08
C TRP A 365 43.24 -18.18 18.83
N ALA A 366 44.06 -18.32 19.88
CA ALA A 366 45.34 -18.99 19.71
C ALA A 366 45.14 -20.45 19.33
N LYS A 367 44.21 -21.14 20.00
CA LYS A 367 43.93 -22.54 19.64
C LYS A 367 43.46 -22.65 18.19
N CYS A 368 42.54 -21.76 17.78
CA CYS A 368 42.03 -21.81 16.41
C CYS A 368 43.13 -21.59 15.38
N LEU A 369 43.93 -20.53 15.55
CA LEU A 369 44.94 -20.21 14.57
C LEU A 369 46.01 -21.30 14.51
N LEU A 370 46.41 -21.83 15.67
CA LEU A 370 47.38 -22.91 15.67
C LEU A 370 46.85 -24.13 14.93
N ASP A 371 45.58 -24.50 15.17
CA ASP A 371 45.03 -25.67 14.50
C ASP A 371 44.94 -25.47 13.00
N VAL A 372 44.57 -24.27 12.55
CA VAL A 372 44.48 -24.04 11.11
C VAL A 372 45.87 -24.07 10.48
N SER A 373 46.86 -23.43 11.11
CA SER A 373 48.20 -23.39 10.54
C SER A 373 48.82 -24.78 10.49
N LEU A 374 48.60 -25.60 11.52
CA LEU A 374 49.08 -26.98 11.48
C LEU A 374 48.31 -27.80 10.46
N GLY A 375 46.99 -27.73 10.49
CA GLY A 375 46.14 -28.57 9.68
C GLY A 375 45.78 -27.97 8.34
N ASN A 376 44.71 -28.49 7.75
CA ASN A 376 44.26 -28.01 6.45
C ASN A 376 43.42 -26.75 6.61
N VAL A 377 43.11 -26.12 5.48
CA VAL A 377 42.43 -24.84 5.42
C VAL A 377 41.11 -24.94 4.66
N GLU A 378 40.68 -26.14 4.29
CA GLU A 378 39.45 -26.30 3.53
C GLU A 378 38.26 -25.77 4.33
N GLY A 379 37.43 -24.96 3.68
CA GLY A 379 36.30 -24.34 4.34
C GLY A 379 36.58 -22.90 4.73
N VAL A 380 37.82 -22.61 5.12
CA VAL A 380 38.20 -21.24 5.48
C VAL A 380 38.13 -20.32 4.27
N VAL A 381 38.72 -20.76 3.16
CA VAL A 381 38.57 -20.11 1.85
C VAL A 381 38.12 -21.17 0.88
N SER A 382 37.09 -20.86 0.08
CA SER A 382 36.51 -21.85 -0.81
C SER A 382 37.46 -22.19 -1.95
N ASP A 383 37.47 -23.48 -2.33
CA ASP A 383 38.37 -23.99 -3.36
C ASP A 383 37.79 -23.73 -4.75
N PRO A 384 38.50 -23.01 -5.64
CA PRO A 384 37.96 -22.76 -6.98
C PRO A 384 37.97 -23.96 -7.91
N ALA A 385 39.01 -24.80 -7.82
CA ALA A 385 39.24 -25.81 -8.85
C ALA A 385 38.15 -26.88 -8.83
N LYS A 386 37.87 -27.44 -7.66
CA LYS A 386 36.85 -28.48 -7.57
C LYS A 386 35.48 -27.91 -7.91
N GLU A 387 35.21 -26.67 -7.50
CA GLU A 387 33.93 -26.06 -7.81
C GLU A 387 33.75 -25.87 -9.31
N LEU A 388 34.80 -25.40 -10.00
CA LEU A 388 34.76 -25.28 -11.45
C LEU A 388 34.54 -26.64 -12.10
N ASP A 389 35.18 -27.68 -11.56
CA ASP A 389 35.00 -29.03 -12.08
C ASP A 389 33.55 -29.48 -11.97
N ILE A 390 32.95 -29.31 -10.79
CA ILE A 390 31.55 -29.73 -10.60
C ILE A 390 30.62 -28.90 -11.45
N ALA A 391 30.92 -27.62 -11.64
CA ALA A 391 30.08 -26.77 -12.48
C ALA A 391 30.09 -27.24 -13.93
N ILE A 392 31.29 -27.42 -14.49
CA ILE A 392 31.40 -27.77 -15.91
C ILE A 392 30.91 -29.19 -16.15
N SER A 393 31.32 -30.13 -15.31
CA SER A 393 30.92 -31.53 -15.46
C SER A 393 29.44 -31.71 -15.14
N ALA A 404 22.87 -29.62 -1.84
CA ALA A 404 24.17 -28.98 -1.96
C ALA A 404 24.88 -28.88 -0.62
N LYS A 405 25.52 -29.99 -0.22
CA LYS A 405 26.28 -30.00 1.01
C LYS A 405 27.57 -29.19 0.83
N ILE A 406 27.85 -28.29 1.77
CA ILE A 406 29.01 -27.41 1.70
C ILE A 406 29.90 -27.72 2.90
N THR A 407 31.19 -27.93 2.65
CA THR A 407 32.12 -28.28 3.70
C THR A 407 32.64 -27.03 4.41
N TYR A 408 32.61 -27.06 5.73
CA TYR A 408 33.10 -25.97 6.57
C TYR A 408 34.22 -26.48 7.46
N ARG A 409 35.09 -25.56 7.87
CA ARG A 409 36.19 -25.91 8.74
C ARG A 409 35.72 -25.92 10.19
N ARG A 410 35.70 -27.10 10.80
CA ARG A 410 35.26 -27.28 12.18
C ARG A 410 36.44 -27.70 13.04
N PHE A 411 36.51 -27.18 14.25
CA PHE A 411 37.56 -27.56 15.19
C PHE A 411 37.02 -27.52 16.61
N LYS A 412 37.73 -28.21 17.52
CA LYS A 412 37.33 -28.37 18.91
C LYS A 412 38.48 -27.92 19.81
N PRO A 413 38.49 -26.67 20.24
CA PRO A 413 39.57 -26.20 21.10
C PRO A 413 39.46 -26.80 22.48
N ALA A 414 40.62 -26.99 23.12
CA ALA A 414 40.69 -27.61 24.44
C ALA A 414 40.54 -26.52 25.51
N LEU A 415 39.35 -25.93 25.54
CA LEU A 415 39.10 -24.81 26.44
C LEU A 415 38.99 -25.29 27.88
N SER A 416 39.31 -24.38 28.80
CA SER A 416 39.20 -24.64 30.21
C SER A 416 37.86 -24.16 30.76
N SER A 417 37.57 -24.57 32.00
CA SER A 417 36.28 -24.25 32.62
C SER A 417 36.11 -22.76 32.81
N SER A 418 37.19 -22.03 33.13
CA SER A 418 37.11 -20.59 33.30
C SER A 418 36.68 -19.90 32.01
N ALA A 419 37.36 -20.22 30.90
CA ALA A 419 37.01 -19.64 29.61
C ALA A 419 35.60 -20.04 29.20
N ARG A 420 35.21 -21.29 29.46
CA ARG A 420 33.86 -21.72 29.12
C ARG A 420 32.82 -20.92 29.88
N GLN A 421 33.03 -20.69 31.17
CA GLN A 421 32.09 -19.90 31.96
C GLN A 421 32.03 -18.47 31.45
N GLU A 422 33.18 -17.91 31.11
CA GLU A 422 33.22 -16.54 30.62
C GLU A 422 32.48 -16.40 29.30
N PHE A 423 32.59 -17.40 28.42
CA PHE A 423 31.79 -17.37 27.20
C PHE A 423 30.31 -17.50 27.51
N SER A 424 29.95 -18.41 28.41
CA SER A 424 28.54 -18.65 28.70
C SER A 424 27.87 -17.45 29.31
N LEU A 425 28.63 -16.54 29.91
CA LEU A 425 28.03 -15.30 30.38
C LEU A 425 27.44 -14.50 29.21
N GLN A 426 27.98 -14.65 28.01
CA GLN A 426 27.46 -14.01 26.81
C GLN A 426 26.46 -14.86 26.06
N GLY A 427 26.10 -16.02 26.60
CA GLY A 427 25.06 -16.85 26.05
C GLY A 427 25.53 -17.96 25.14
N VAL A 428 26.84 -18.20 25.03
CA VAL A 428 27.34 -19.11 24.01
C VAL A 428 26.84 -20.53 24.25
N GLU A 429 26.99 -21.02 25.47
CA GLU A 429 26.40 -22.30 25.86
C GLU A 429 25.70 -22.14 27.19
N GLY A 430 24.91 -21.09 27.31
CA GLY A 430 24.35 -20.63 28.55
C GLY A 430 23.13 -21.35 29.04
N LYS A 431 22.63 -22.36 28.33
CA LYS A 431 21.54 -23.15 28.88
C LYS A 431 22.04 -24.13 29.94
N LYS A 432 23.25 -24.66 29.77
CA LYS A 432 23.82 -25.60 30.73
C LYS A 432 24.56 -24.90 31.88
N TRP A 433 24.65 -23.58 31.85
CA TRP A 433 25.29 -22.82 32.93
C TRP A 433 24.31 -21.92 33.66
N LYS A 434 23.01 -22.14 33.49
CA LYS A 434 22.00 -21.19 33.96
C LYS A 434 21.68 -21.31 35.43
N ARG A 435 22.41 -22.13 36.20
CA ARG A 435 22.13 -22.28 37.62
C ARG A 435 23.32 -21.92 38.50
N MET A 436 24.31 -21.22 37.96
CA MET A 436 25.48 -20.84 38.72
C MET A 436 25.21 -19.54 39.47
N ALA A 437 26.26 -18.93 40.00
CA ALA A 437 26.11 -17.68 40.73
C ALA A 437 26.19 -16.47 39.79
N ALA A 438 27.28 -16.37 39.02
CA ALA A 438 27.47 -15.23 38.15
C ALA A 438 26.41 -15.18 37.06
N ASN A 439 26.05 -16.34 36.50
CA ASN A 439 25.03 -16.38 35.47
C ASN A 439 23.69 -15.89 36.01
N GLN A 440 23.31 -16.32 37.21
CA GLN A 440 22.05 -15.88 37.78
C GLN A 440 22.08 -14.41 38.12
N LYS A 441 23.21 -13.90 38.62
CA LYS A 441 23.32 -12.49 38.92
C LYS A 441 23.17 -11.64 37.67
N LYS A 442 23.90 -11.99 36.60
CA LYS A 442 23.80 -11.23 35.36
C LYS A 442 22.41 -11.33 34.74
N GLU A 443 21.79 -12.50 34.85
CA GLU A 443 20.44 -12.68 34.33
C GLU A 443 19.45 -11.78 35.06
N LYS A 444 19.58 -11.65 36.38
CA LYS A 444 18.73 -10.71 37.09
C LYS A 444 19.01 -9.27 36.66
N GLU A 445 20.29 -8.91 36.53
CA GLU A 445 20.64 -7.53 36.23
C GLU A 445 20.25 -7.12 34.81
N SER A 446 20.00 -8.08 33.92
CA SER A 446 19.66 -7.74 32.56
C SER A 446 18.23 -7.22 32.38
N HIS A 447 17.38 -7.30 33.41
CA HIS A 447 15.99 -6.90 33.29
C HIS A 447 15.72 -5.47 33.70
N GLU A 448 16.74 -4.74 34.16
CA GLU A 448 16.53 -3.39 34.64
C GLU A 448 16.58 -2.37 33.50
N THR A 449 15.95 -1.24 33.72
CA THR A 449 15.85 -0.19 32.72
C THR A 449 16.72 1.00 33.10
N LEU A 450 17.15 1.75 32.10
CA LEU A 450 18.06 2.85 32.30
C LEU A 450 17.34 4.08 32.83
N SER A 451 18.13 5.03 33.31
CA SER A 451 17.66 6.27 33.88
C SER A 451 17.57 7.35 32.81
N PRO A 452 16.56 8.22 32.86
CA PRO A 452 16.48 9.32 31.89
C PRO A 452 17.62 10.31 32.00
N PHE A 453 18.37 10.30 33.10
CA PHE A 453 19.47 11.22 33.33
C PHE A 453 20.83 10.60 33.06
N LEU A 454 20.86 9.52 32.30
CA LEU A 454 22.13 8.92 31.88
C LEU A 454 22.89 9.90 30.98
N ASP A 455 24.21 9.81 31.02
CA ASP A 455 25.05 10.75 30.28
C ASP A 455 25.29 10.24 28.86
N VAL A 456 24.54 10.76 27.91
CA VAL A 456 24.66 10.37 26.51
C VAL A 456 25.12 11.61 25.74
N GLU A 457 26.43 11.81 25.67
CA GLU A 457 27.00 12.90 24.90
C GLU A 457 27.94 12.42 23.83
N ASP A 458 28.40 11.16 23.91
CA ASP A 458 29.12 10.57 22.80
C ASP A 458 28.24 10.51 21.56
N ILE A 459 26.96 10.19 21.75
CA ILE A 459 26.02 10.18 20.63
C ILE A 459 25.85 11.59 20.07
N GLY A 460 25.75 12.58 20.96
CA GLY A 460 25.58 13.95 20.50
C GLY A 460 26.77 14.46 19.73
N ASP A 461 27.98 14.13 20.18
CA ASP A 461 29.17 14.51 19.43
C ASP A 461 29.28 13.75 18.12
N PHE A 462 28.90 12.46 18.13
CA PHE A 462 29.02 11.64 16.94
C PHE A 462 28.11 12.14 15.83
N LEU A 463 26.87 12.50 16.18
CA LEU A 463 25.90 12.88 15.15
C LEU A 463 26.33 14.12 14.39
N THR A 464 27.22 14.94 14.94
CA THR A 464 27.66 16.15 14.26
C THR A 464 29.09 16.10 13.74
N PHE A 465 29.98 15.32 14.36
CA PHE A 465 31.40 15.41 14.04
C PHE A 465 31.98 14.09 13.60
N ASN A 466 31.24 13.29 12.84
CA ASN A 466 31.76 12.01 12.41
C ASN A 466 32.63 12.17 11.17
N ASN A 467 33.06 11.06 10.60
CA ASN A 467 33.78 11.04 9.34
C ASN A 467 33.18 10.02 8.38
N LEU A 468 31.86 9.85 8.44
CA LEU A 468 31.21 8.85 7.60
C LEU A 468 31.32 9.19 6.12
N LEU A 469 31.18 10.47 5.76
CA LEU A 469 31.13 10.86 4.35
C LEU A 469 32.49 11.15 3.76
N THR A 470 33.56 10.96 4.50
CA THR A 470 34.89 11.22 3.99
C THR A 470 35.26 10.17 2.94
N ASP A 471 36.00 10.60 1.92
CA ASP A 471 36.50 9.68 0.91
C ASP A 471 37.57 8.76 1.50
N SER A 472 37.45 7.47 1.20
CA SER A 472 38.35 6.44 1.71
C SER A 472 39.49 6.12 0.77
N ARG A 473 39.49 6.65 -0.44
CA ARG A 473 40.56 6.44 -1.41
C ARG A 473 40.71 4.96 -1.79
N TYR A 474 39.61 4.22 -1.77
CA TYR A 474 39.61 2.81 -2.16
C TYR A 474 38.91 2.61 -3.49
N GLY A 475 39.12 3.54 -4.42
CA GLY A 475 38.47 3.45 -5.72
C GLY A 475 38.96 2.28 -6.55
N ASP A 476 40.26 2.05 -6.60
CA ASP A 476 40.81 0.99 -7.44
C ASP A 476 41.10 -0.25 -6.60
N GLU A 477 40.02 -0.89 -6.15
CA GLU A 477 40.11 -2.16 -5.47
C GLU A 477 39.26 -3.18 -6.21
N SER A 478 39.24 -4.40 -5.68
CA SER A 478 38.62 -5.51 -6.40
C SER A 478 37.12 -5.33 -6.52
N ILE A 479 36.45 -5.03 -5.40
CA ILE A 479 35.00 -4.98 -5.41
C ILE A 479 34.51 -3.76 -6.18
N GLN A 480 35.23 -2.63 -6.07
CA GLN A 480 34.90 -1.47 -6.88
C GLN A 480 35.11 -1.74 -8.37
N ARG A 481 36.19 -2.44 -8.72
CA ARG A 481 36.42 -2.76 -10.12
C ARG A 481 35.33 -3.65 -10.69
N ALA A 482 34.89 -4.65 -9.92
CA ALA A 482 33.81 -5.50 -10.39
C ALA A 482 32.54 -4.71 -10.62
N VAL A 483 32.16 -3.88 -9.64
CA VAL A 483 30.94 -3.11 -9.77
C VAL A 483 31.03 -2.15 -10.95
N SER A 484 32.16 -1.48 -11.10
CA SER A 484 32.33 -0.54 -12.19
C SER A 484 32.26 -1.22 -13.55
N ILE A 485 32.86 -2.40 -13.66
CA ILE A 485 32.84 -3.14 -14.92
C ILE A 485 31.41 -3.48 -15.31
N LEU A 486 30.65 -4.02 -14.36
CA LEU A 486 29.28 -4.38 -14.68
C LEU A 486 28.44 -3.16 -15.01
N LEU A 487 28.68 -2.03 -14.32
CA LEU A 487 27.90 -0.83 -14.60
C LEU A 487 28.18 -0.29 -15.99
N GLU A 488 29.45 -0.28 -16.39
CA GLU A 488 29.79 0.23 -17.72
C GLU A 488 29.24 -0.66 -18.82
N LYS A 489 29.25 -1.97 -18.60
CA LYS A 489 28.64 -2.86 -19.59
C LYS A 489 27.13 -2.65 -19.66
N ALA A 490 26.49 -2.44 -18.51
CA ALA A 490 25.05 -2.19 -18.51
C ALA A 490 24.69 -0.87 -19.17
N SER A 491 25.56 0.14 -19.05
CA SER A 491 25.27 1.47 -19.57
C SER A 491 25.92 1.72 -20.92
N ALA A 492 26.52 0.70 -21.53
CA ALA A 492 27.17 0.89 -22.83
C ALA A 492 26.19 1.32 -23.90
N MET A 493 24.99 0.75 -23.92
CA MET A 493 24.07 1.00 -25.03
C MET A 493 23.58 2.44 -25.04
N GLN A 494 23.29 3.00 -23.86
CA GLN A 494 22.84 4.38 -23.74
C GLN A 494 24.01 5.30 -23.34
N ASP A 495 25.05 5.29 -24.18
CA ASP A 495 26.29 6.00 -23.87
C ASP A 495 26.07 7.49 -24.14
N THR A 496 26.14 8.29 -23.07
CA THR A 496 26.00 9.74 -23.19
C THR A 496 26.70 10.42 -22.02
N GLU A 497 26.91 11.73 -22.18
CA GLU A 497 27.55 12.51 -21.14
C GLU A 497 26.70 12.56 -19.87
N LEU A 498 25.37 12.52 -20.02
CA LEU A 498 24.50 12.48 -18.86
C LEU A 498 24.74 11.21 -18.05
N THR A 499 24.77 10.06 -18.74
CA THR A 499 25.01 8.80 -18.07
C THR A 499 26.39 8.78 -17.43
N HIS A 500 27.39 9.35 -18.10
CA HIS A 500 28.72 9.40 -17.52
C HIS A 500 28.75 10.24 -16.25
N ALA A 501 28.05 11.37 -16.24
CA ALA A 501 28.00 12.20 -15.04
C ALA A 501 27.34 11.48 -13.88
N LEU A 502 26.20 10.83 -14.13
CA LEU A 502 25.52 10.15 -13.03
C LEU A 502 26.31 8.94 -12.54
N ASN A 503 26.97 8.22 -13.44
CA ASN A 503 27.82 7.11 -13.02
C ASN A 503 29.00 7.59 -12.20
N ASP A 504 29.61 8.70 -12.59
CA ASP A 504 30.72 9.23 -11.82
C ASP A 504 30.28 9.64 -10.43
N SER A 505 29.08 10.23 -10.32
CA SER A 505 28.57 10.59 -9.00
C SER A 505 28.34 9.36 -8.14
N PHE A 506 27.77 8.30 -8.73
CA PHE A 506 27.55 7.07 -7.96
C PHE A 506 28.88 6.46 -7.51
N LYS A 507 29.88 6.46 -8.38
CA LYS A 507 31.17 5.92 -8.00
C LYS A 507 31.85 6.76 -6.94
N ARG A 508 31.62 8.08 -6.93
CA ARG A 508 32.12 8.89 -5.82
C ARG A 508 31.45 8.51 -4.52
N ASN A 509 30.14 8.26 -4.54
CA ASN A 509 29.47 7.87 -3.31
C ASN A 509 29.84 6.47 -2.86
N LEU A 510 30.33 5.64 -3.77
CA LEU A 510 30.73 4.28 -3.41
C LEU A 510 32.07 4.21 -2.71
N SER A 511 32.85 5.28 -2.69
CA SER A 511 34.15 5.27 -2.04
C SER A 511 34.16 5.98 -0.70
N SER A 512 33.00 6.31 -0.15
CA SER A 512 32.95 6.93 1.16
C SER A 512 33.16 5.91 2.26
N ASN A 513 33.57 6.41 3.44
CA ASN A 513 33.95 5.54 4.54
C ASN A 513 32.81 4.63 4.96
N VAL A 514 31.60 5.17 5.04
CA VAL A 514 30.47 4.40 5.54
C VAL A 514 30.13 3.26 4.59
N VAL A 515 30.22 3.50 3.29
CA VAL A 515 29.90 2.43 2.33
C VAL A 515 30.99 1.37 2.34
N GLN A 516 32.25 1.79 2.44
CA GLN A 516 33.33 0.82 2.55
C GLN A 516 33.20 -0.03 3.80
N TRP A 517 32.67 0.54 4.88
CA TRP A 517 32.38 -0.24 6.08
C TRP A 517 31.23 -1.21 5.85
N SER A 518 30.15 -0.71 5.25
CA SER A 518 28.94 -1.50 5.10
C SER A 518 29.15 -2.68 4.16
N LEU A 519 30.13 -2.59 3.25
CA LEU A 519 30.37 -3.70 2.36
C LEU A 519 30.86 -4.94 3.11
N TRP A 520 31.85 -4.78 3.99
CA TRP A 520 32.31 -5.95 4.72
C TRP A 520 31.31 -6.37 5.80
N VAL A 521 30.54 -5.42 6.34
CA VAL A 521 29.47 -5.83 7.25
C VAL A 521 28.47 -6.70 6.53
N SER A 522 28.10 -6.33 5.30
CA SER A 522 27.14 -7.10 4.52
C SER A 522 27.69 -8.47 4.16
N CYS A 523 28.96 -8.55 3.80
CA CYS A 523 29.55 -9.86 3.52
C CYS A 523 29.51 -10.77 4.75
N LEU A 524 29.82 -10.22 5.93
CA LEU A 524 29.75 -11.00 7.16
C LEU A 524 28.33 -11.48 7.42
N ALA A 525 27.35 -10.61 7.19
CA ALA A 525 25.96 -11.01 7.39
C ALA A 525 25.54 -12.13 6.44
N GLN A 526 26.01 -12.07 5.20
CA GLN A 526 25.71 -13.14 4.25
C GLN A 526 26.35 -14.46 4.67
N GLU A 527 27.58 -14.40 5.19
CA GLU A 527 28.21 -15.61 5.71
C GLU A 527 27.38 -16.22 6.84
N LEU A 528 26.91 -15.37 7.75
CA LEU A 528 26.09 -15.88 8.84
C LEU A 528 24.77 -16.45 8.34
N ALA A 529 24.17 -15.80 7.34
CA ALA A 529 22.93 -16.31 6.77
C ALA A 529 23.12 -17.70 6.17
N SER A 530 24.25 -17.90 5.47
CA SER A 530 24.51 -19.23 4.93
C SER A 530 24.78 -20.25 6.03
N ALA A 531 25.55 -19.86 7.05
CA ALA A 531 25.95 -20.82 8.07
C ALA A 531 24.90 -21.04 9.14
N LEU A 532 23.77 -20.35 9.06
CA LEU A 532 22.71 -20.52 10.04
C LEU A 532 22.20 -21.96 10.05
N LYS A 533 22.15 -22.62 8.89
CA LYS A 533 21.52 -23.93 8.81
C LYS A 533 22.48 -25.08 9.14
N GLN A 534 23.74 -24.82 9.48
CA GLN A 534 24.64 -25.88 9.87
C GLN A 534 24.42 -26.25 11.33
N HIS A 535 25.22 -27.19 11.83
CA HIS A 535 25.15 -27.58 13.23
C HIS A 535 26.56 -27.94 13.70
N CYS A 536 26.75 -27.87 15.02
CA CYS A 536 28.00 -28.27 15.64
C CYS A 536 27.70 -29.07 16.90
N ARG A 537 28.62 -29.95 17.25
CA ARG A 537 28.54 -30.65 18.52
C ARG A 537 29.13 -29.79 19.63
N ALA A 538 29.16 -30.31 20.84
CA ALA A 538 29.59 -29.51 21.98
C ALA A 538 31.09 -29.23 21.90
N GLY A 539 31.46 -27.96 22.02
CA GLY A 539 32.84 -27.57 21.89
C GLY A 539 33.35 -27.42 20.47
N GLU A 540 32.49 -27.56 19.47
CA GLU A 540 32.87 -27.34 18.08
C GLU A 540 32.59 -25.89 17.70
N PHE A 541 33.46 -25.34 16.86
CA PHE A 541 33.28 -24.00 16.29
C PHE A 541 33.60 -24.06 14.80
N ILE A 542 33.33 -22.97 14.10
CA ILE A 542 33.58 -22.85 12.67
C ILE A 542 34.39 -21.60 12.42
N ILE A 543 35.46 -21.72 11.65
CA ILE A 543 36.33 -20.59 11.31
C ILE A 543 36.16 -20.28 9.84
N LYS A 544 36.15 -18.99 9.51
CA LYS A 544 35.89 -18.55 8.14
C LYS A 544 36.69 -17.29 7.86
N LYS A 545 37.02 -17.10 6.58
CA LYS A 545 37.62 -15.86 6.10
C LYS A 545 36.59 -15.10 5.27
N LEU A 546 36.86 -13.83 5.00
CA LEU A 546 35.81 -12.94 4.54
C LEU A 546 36.05 -12.33 3.16
N LYS A 547 36.82 -12.97 2.28
CA LYS A 547 36.64 -12.79 0.84
C LYS A 547 36.73 -11.35 0.34
N PHE A 548 37.94 -10.85 0.11
CA PHE A 548 38.38 -9.46 -0.16
C PHE A 548 38.74 -8.71 1.11
N TRP A 549 38.56 -9.29 2.29
CA TRP A 549 38.95 -8.58 3.48
C TRP A 549 39.74 -9.52 4.38
N PRO A 550 40.77 -9.02 5.04
CA PRO A 550 41.60 -9.88 5.90
C PRO A 550 41.01 -10.04 7.30
N ILE A 551 39.78 -10.54 7.35
CA ILE A 551 39.02 -10.61 8.59
C ILE A 551 38.58 -12.06 8.79
N TYR A 552 38.79 -12.58 10.00
CA TYR A 552 38.44 -13.96 10.33
C TYR A 552 37.34 -13.98 11.37
N VAL A 553 36.43 -14.94 11.25
CA VAL A 553 35.26 -15.02 12.11
C VAL A 553 35.11 -16.45 12.64
N ILE A 554 34.82 -16.56 13.94
CA ILE A 554 34.52 -17.84 14.58
C ILE A 554 33.02 -17.87 14.86
N ILE A 555 32.37 -18.94 14.43
CA ILE A 555 30.91 -19.02 14.40
C ILE A 555 30.45 -20.18 15.27
N LYS A 556 29.42 -19.94 16.09
CA LYS A 556 28.82 -20.96 16.93
C LYS A 556 27.32 -21.02 16.64
N PRO A 557 26.89 -21.88 15.72
CA PRO A 557 25.46 -21.97 15.42
C PRO A 557 24.74 -22.89 16.40
N THR A 558 23.50 -22.52 16.75
CA THR A 558 22.70 -23.46 17.53
C THR A 558 21.71 -24.27 16.70
N LYS A 559 20.66 -23.64 16.17
CA LYS A 559 19.58 -24.42 15.54
C LYS A 559 18.91 -23.76 14.35
N SER A 560 19.37 -22.61 13.87
CA SER A 560 18.82 -21.86 12.74
C SER A 560 17.43 -21.27 12.99
N SER A 561 16.82 -21.57 14.12
CA SER A 561 15.62 -20.87 14.57
C SER A 561 15.89 -20.09 15.85
N SER A 562 17.16 -19.85 16.14
CA SER A 562 17.60 -19.23 17.39
C SER A 562 18.80 -18.34 17.07
N HIS A 563 19.59 -18.04 18.09
CA HIS A 563 20.74 -17.18 17.94
C HIS A 563 21.89 -17.89 17.22
N ILE A 564 22.79 -17.08 16.66
CA ILE A 564 24.07 -17.56 16.15
C ILE A 564 25.14 -16.57 16.60
N PHE A 565 26.21 -17.08 17.19
CA PHE A 565 27.21 -16.24 17.86
C PHE A 565 28.46 -16.16 17.01
N TYR A 566 29.14 -15.02 17.06
CA TYR A 566 30.30 -14.81 16.23
C TYR A 566 31.30 -13.91 16.94
N SER A 567 32.59 -14.15 16.68
CA SER A 567 33.66 -13.31 17.19
C SER A 567 34.63 -13.02 16.05
N LEU A 568 35.09 -11.78 15.97
CA LEU A 568 35.86 -11.29 14.83
C LEU A 568 37.30 -11.05 15.21
N GLY A 569 38.22 -11.33 14.29
CA GLY A 569 39.63 -11.14 14.55
C GLY A 569 40.41 -10.62 13.36
N ILE A 570 41.22 -9.60 13.58
CA ILE A 570 42.00 -8.97 12.53
C ILE A 570 43.38 -8.60 13.07
N ARG A 571 44.39 -8.72 12.23
CA ARG A 571 45.71 -8.26 12.63
C ARG A 571 45.74 -6.74 12.65
N LYS A 572 46.49 -6.18 13.61
CA LYS A 572 46.53 -4.73 13.77
C LYS A 572 47.20 -4.02 12.60
N ALA A 573 48.07 -4.70 11.86
CA ALA A 573 48.73 -4.07 10.72
C ALA A 573 47.74 -3.83 9.58
N ASP A 574 46.70 -4.64 9.48
CA ASP A 574 45.78 -4.53 8.35
C ASP A 574 44.73 -3.46 8.53
N VAL A 575 44.53 -2.94 9.74
CA VAL A 575 43.50 -1.93 9.94
C VAL A 575 44.03 -0.58 9.52
N THR A 576 43.83 -0.23 8.25
CA THR A 576 44.41 1.00 7.71
C THR A 576 43.74 2.23 8.29
N ARG A 577 42.41 2.24 8.33
CA ARG A 577 41.65 3.38 8.80
C ARG A 577 40.58 2.92 9.79
N ARG A 578 39.89 3.88 10.40
CA ARG A 578 38.82 3.57 11.34
C ARG A 578 37.74 4.63 11.24
N LEU A 579 36.49 4.20 11.41
CA LEU A 579 35.42 5.14 11.68
C LEU A 579 35.60 5.70 13.07
N THR A 580 35.53 7.02 13.21
CA THR A 580 35.71 7.66 14.49
C THR A 580 34.38 7.79 15.22
N GLY A 581 34.45 7.93 16.52
CA GLY A 581 33.28 8.03 17.37
C GLY A 581 33.41 7.14 18.58
N ARG A 582 32.58 7.41 19.58
CA ARG A 582 32.55 6.63 20.81
C ARG A 582 31.28 5.80 20.93
N VAL A 583 30.61 5.54 19.82
CA VAL A 583 29.37 4.77 19.85
C VAL A 583 29.59 3.29 19.64
N PHE A 584 30.82 2.84 19.45
CA PHE A 584 31.12 1.46 19.10
C PHE A 584 31.53 0.67 20.32
N SER A 585 31.20 -0.62 20.33
CA SER A 585 31.64 -1.51 21.39
C SER A 585 33.16 -1.70 21.35
N ASP A 586 33.75 -1.88 22.52
CA ASP A 586 35.19 -1.89 22.67
C ASP A 586 35.77 -3.28 22.41
N THR A 587 36.94 -3.29 21.77
CA THR A 587 37.58 -4.53 21.34
C THR A 587 38.70 -4.92 22.30
N ILE A 588 39.33 -6.04 22.01
CA ILE A 588 40.38 -6.62 22.85
C ILE A 588 41.69 -6.53 22.10
N ASP A 589 42.70 -5.95 22.73
CA ASP A 589 44.04 -5.88 22.16
C ASP A 589 44.84 -7.07 22.66
N ALA A 590 45.34 -7.87 21.73
CA ALA A 590 46.06 -9.10 22.05
C ALA A 590 47.42 -9.09 21.36
N GLY A 591 48.14 -7.98 21.51
CA GLY A 591 49.45 -7.87 20.92
C GLY A 591 49.39 -7.40 19.50
N GLU A 592 49.43 -8.35 18.56
CA GLU A 592 49.33 -8.04 17.15
C GLU A 592 47.93 -8.25 16.59
N TRP A 593 46.94 -8.52 17.44
CA TRP A 593 45.60 -8.85 16.99
C TRP A 593 44.57 -8.00 17.74
N GLU A 594 43.40 -7.88 17.13
CA GLU A 594 42.22 -7.32 17.77
C GLU A 594 41.11 -8.34 17.68
N LEU A 595 40.39 -8.54 18.77
CA LEU A 595 39.35 -9.55 18.85
C LEU A 595 38.06 -8.91 19.34
N THR A 596 36.98 -9.69 19.31
CA THR A 596 35.66 -9.20 19.64
C THR A 596 34.93 -10.24 20.49
N GLU A 597 34.06 -9.78 21.39
CA GLU A 597 33.46 -10.62 22.43
C GLU A 597 32.05 -11.09 22.04
N PHE A 598 32.00 -12.03 21.09
CA PHE A 598 30.87 -12.96 20.89
C PHE A 598 29.50 -12.29 21.00
N LYS A 599 29.19 -11.44 20.04
CA LYS A 599 27.83 -10.95 19.94
C LYS A 599 26.96 -11.98 19.21
N SER A 600 25.67 -11.71 19.12
CA SER A 600 24.74 -12.66 18.52
C SER A 600 23.79 -11.96 17.58
N LEU A 601 23.16 -12.76 16.72
CA LEU A 601 22.17 -12.27 15.77
C LEU A 601 21.07 -13.31 15.63
N LYS A 602 20.01 -12.93 14.94
CA LYS A 602 18.91 -13.83 14.62
C LYS A 602 18.66 -13.81 13.12
N THR A 603 17.66 -14.58 12.71
CA THR A 603 17.26 -14.58 11.30
C THR A 603 16.67 -13.24 10.90
N CYS A 604 15.84 -12.65 11.76
CA CYS A 604 15.14 -11.43 11.42
C CYS A 604 16.02 -10.20 11.44
N LYS A 605 17.12 -10.22 12.19
CA LYS A 605 18.00 -9.07 12.30
C LYS A 605 19.13 -9.09 11.29
N LEU A 606 19.14 -10.04 10.36
CA LEU A 606 20.16 -10.06 9.34
C LEU A 606 19.80 -9.22 8.12
N THR A 607 18.52 -8.91 7.93
CA THR A 607 18.08 -8.20 6.73
C THR A 607 18.70 -6.81 6.66
N ASN A 608 18.71 -6.08 7.77
CA ASN A 608 19.29 -4.74 7.74
C ASN A 608 20.77 -4.79 7.46
N LEU A 609 21.46 -5.80 7.96
CA LEU A 609 22.90 -5.88 7.73
C LEU A 609 23.22 -6.28 6.30
N VAL A 610 22.37 -7.08 5.68
CA VAL A 610 22.58 -7.43 4.28
C VAL A 610 22.36 -6.21 3.38
N ASN A 611 21.37 -5.37 3.69
CA ASN A 611 20.98 -4.27 2.83
C ASN A 611 21.70 -2.97 3.15
N LEU A 612 22.63 -2.99 4.09
CA LEU A 612 23.24 -1.75 4.57
C LEU A 612 23.95 -0.92 3.51
N PRO A 613 24.80 -1.48 2.62
CA PRO A 613 25.47 -0.60 1.66
C PRO A 613 24.52 0.15 0.77
N CYS A 614 23.48 -0.52 0.28
CA CYS A 614 22.50 0.12 -0.57
C CYS A 614 21.71 1.17 0.20
N THR A 615 21.37 0.88 1.45
CA THR A 615 20.67 1.86 2.28
C THR A 615 21.49 3.12 2.47
N MET A 616 22.79 2.97 2.73
CA MET A 616 23.63 4.15 2.92
C MET A 616 23.80 4.94 1.64
N LEU A 617 23.97 4.26 0.50
CA LEU A 617 24.08 4.96 -0.77
C LEU A 617 22.83 5.78 -1.06
N ASN A 618 21.65 5.18 -0.88
CA ASN A 618 20.42 5.91 -1.11
C ASN A 618 20.32 7.10 -0.18
N SER A 619 20.69 6.94 1.09
CA SER A 619 20.59 8.04 2.04
C SER A 619 21.46 9.22 1.63
N ILE A 620 22.70 8.94 1.20
CA ILE A 620 23.59 10.01 0.78
C ILE A 620 23.02 10.76 -0.40
N ALA A 621 22.58 10.03 -1.44
CA ALA A 621 22.06 10.69 -2.62
C ALA A 621 20.80 11.49 -2.31
N PHE A 622 19.90 10.92 -1.51
CA PHE A 622 18.64 11.59 -1.22
C PHE A 622 18.86 12.88 -0.44
N TRP A 623 19.67 12.84 0.61
CA TRP A 623 19.80 14.06 1.40
C TRP A 623 20.64 15.11 0.68
N ARG A 624 21.58 14.69 -0.17
CA ARG A 624 22.27 15.66 -1.00
C ARG A 624 21.31 16.35 -1.96
N GLU A 625 20.35 15.61 -2.52
CA GLU A 625 19.35 16.26 -3.35
C GLU A 625 18.48 17.21 -2.55
N LYS A 626 18.05 16.79 -1.36
CA LYS A 626 17.13 17.61 -0.57
C LYS A 626 17.79 18.89 -0.07
N LEU A 627 19.10 18.87 0.16
CA LEU A 627 19.74 20.09 0.61
C LEU A 627 20.11 21.02 -0.54
N GLY A 628 19.88 20.62 -1.78
CA GLY A 628 20.11 21.48 -2.91
C GLY A 628 21.40 21.26 -3.67
N VAL A 629 22.19 20.26 -3.30
CA VAL A 629 23.46 20.02 -3.95
C VAL A 629 23.25 19.16 -5.19
N ALA A 630 23.75 19.62 -6.32
CA ALA A 630 23.54 18.92 -7.58
C ALA A 630 24.41 17.68 -7.67
N PRO A 631 23.91 16.61 -8.31
CA PRO A 631 24.68 15.36 -8.36
C PRO A 631 25.75 15.34 -9.43
N TRP A 632 26.45 16.45 -9.59
CA TRP A 632 27.64 16.47 -10.43
C TRP A 632 28.68 17.44 -9.88
N LEU A 633 28.43 18.03 -8.72
CA LEU A 633 29.34 18.94 -8.05
C LEU A 633 29.93 18.26 -6.84
N VAL A 634 31.18 18.62 -6.53
CA VAL A 634 31.89 18.10 -5.36
C VAL A 634 31.99 19.22 -4.35
N ARG A 635 31.52 18.97 -3.14
CA ARG A 635 31.59 19.94 -2.05
C ARG A 635 32.05 19.21 -0.78
N LYS A 636 31.94 19.91 0.33
CA LYS A 636 32.11 19.33 1.65
C LYS A 636 30.75 19.18 2.32
N PRO A 637 30.59 18.19 3.20
CA PRO A 637 29.31 18.06 3.92
C PRO A 637 29.03 19.27 4.79
N CYS A 638 27.75 19.62 4.88
CA CYS A 638 27.31 20.86 5.51
C CYS A 638 26.87 20.69 6.95
N SER A 639 27.15 19.53 7.54
CA SER A 639 26.85 19.12 8.92
C SER A 639 25.38 18.83 9.14
N GLU A 640 24.50 19.36 8.30
CA GLU A 640 23.13 18.87 8.31
C GLU A 640 23.04 17.54 7.60
N LEU A 641 23.80 17.42 6.51
CA LEU A 641 23.96 16.13 5.85
C LEU A 641 24.54 15.10 6.81
N ARG A 642 25.54 15.50 7.59
CA ARG A 642 26.14 14.56 8.54
CA ARG A 642 26.14 14.56 8.54
C ARG A 642 25.13 14.11 9.58
N GLU A 643 24.37 15.05 10.15
CA GLU A 643 23.40 14.67 11.17
C GLU A 643 22.35 13.73 10.62
N GLN A 644 21.82 14.02 9.43
CA GLN A 644 20.77 13.17 8.86
C GLN A 644 21.30 11.78 8.53
N VAL A 645 22.47 11.72 7.89
CA VAL A 645 23.01 10.42 7.48
C VAL A 645 23.42 9.59 8.69
N GLY A 646 24.03 10.23 9.70
CA GLY A 646 24.38 9.50 10.90
C GLY A 646 23.18 8.97 11.65
N LEU A 647 22.11 9.75 11.72
CA LEU A 647 20.90 9.25 12.36
C LEU A 647 20.34 8.04 11.62
N THR A 648 20.35 8.08 10.29
CA THR A 648 19.93 6.90 9.51
C THR A 648 20.78 5.68 9.83
N PHE A 649 22.10 5.89 9.90
CA PHE A 649 23.04 4.84 10.23
C PHE A 649 22.72 4.19 11.57
N LEU A 650 22.54 5.01 12.61
CA LEU A 650 22.34 4.49 13.95
C LEU A 650 21.01 3.77 14.07
N ILE A 651 19.95 4.29 13.45
CA ILE A 651 18.67 3.58 13.48
C ILE A 651 18.79 2.22 12.79
N SER A 652 19.46 2.18 11.65
CA SER A 652 19.61 0.91 10.92
C SER A 652 20.35 -0.11 11.75
N LEU A 653 21.44 0.29 12.41
CA LEU A 653 22.23 -0.69 13.14
C LEU A 653 21.60 -1.10 14.45
N GLU A 654 20.89 -0.19 15.13
CA GLU A 654 20.26 -0.59 16.39
C GLU A 654 19.02 -1.45 16.16
N ASP A 655 18.09 -0.99 15.33
CA ASP A 655 16.94 -1.79 14.89
C ASP A 655 16.08 -2.27 16.07
N LYS A 656 15.44 -1.32 16.75
CA LYS A 656 14.55 -1.64 17.86
C LYS A 656 13.25 -0.86 17.81
N SER A 657 12.18 -1.52 18.21
CA SER A 657 10.84 -0.98 18.07
C SER A 657 10.66 0.30 18.88
N LYS A 658 11.20 0.34 20.10
CA LYS A 658 11.01 1.50 20.95
C LYS A 658 11.65 2.75 20.34
N THR A 659 12.85 2.60 19.77
CA THR A 659 13.52 3.72 19.14
C THR A 659 12.75 4.20 17.91
N GLU A 660 12.27 3.24 17.10
CA GLU A 660 11.45 3.61 15.96
C GLU A 660 10.21 4.39 16.40
N GLU A 661 9.61 3.99 17.51
CA GLU A 661 8.40 4.64 17.98
C GLU A 661 8.65 6.01 18.60
N ILE A 662 9.82 6.20 19.23
CA ILE A 662 10.17 7.55 19.71
C ILE A 662 10.38 8.50 18.54
N ILE A 663 10.99 8.03 17.45
CA ILE A 663 11.16 8.93 16.31
C ILE A 663 9.83 9.21 15.63
N THR A 664 8.98 8.20 15.50
CA THR A 664 7.73 8.37 14.76
C THR A 664 6.81 9.40 15.40
N LEU A 665 6.79 9.47 16.72
CA LEU A 665 5.85 10.37 17.40
C LEU A 665 6.20 11.84 17.26
N THR A 666 7.37 12.19 16.72
CA THR A 666 7.71 13.61 16.58
C THR A 666 6.77 14.32 15.62
N ARG A 667 6.16 13.57 14.72
CA ARG A 667 5.24 14.14 13.75
C ARG A 667 4.06 14.82 14.43
N TYR A 668 3.50 14.16 15.43
CA TYR A 668 2.30 14.69 16.08
C TYR A 668 2.61 15.83 17.02
N THR A 669 3.80 15.86 17.61
CA THR A 669 4.15 17.01 18.42
C THR A 669 4.52 18.22 17.57
N GLN A 670 5.11 17.99 16.40
CA GLN A 670 5.51 19.13 15.58
C GLN A 670 4.43 19.63 14.65
N MET A 671 3.42 18.82 14.34
CA MET A 671 2.27 19.34 13.63
C MET A 671 1.44 20.28 14.48
N GLU A 672 1.70 20.30 15.78
CA GLU A 672 1.00 21.18 16.70
C GLU A 672 1.41 22.63 16.54
N GLY A 673 2.51 22.91 15.85
CA GLY A 673 2.93 24.26 15.63
C GLY A 673 2.18 24.99 14.54
N PHE A 674 1.29 24.30 13.84
CA PHE A 674 0.48 24.92 12.81
C PHE A 674 -0.84 25.45 13.34
N VAL A 675 -1.10 25.31 14.63
CA VAL A 675 -2.37 25.73 15.21
C VAL A 675 -2.38 27.25 15.36
N SER A 676 -3.48 27.86 14.95
CA SER A 676 -3.66 29.30 14.87
C SER A 676 -4.44 29.83 16.06
N PRO A 677 -4.42 31.14 16.29
CA PRO A 677 -5.26 31.73 17.32
C PRO A 677 -6.73 31.54 17.01
N PRO A 678 -7.61 31.51 18.02
CA PRO A 678 -7.37 31.80 19.44
C PRO A 678 -6.79 30.64 20.25
N MET A 679 -6.46 29.52 19.63
CA MET A 679 -5.94 28.38 20.36
C MET A 679 -4.42 28.46 20.47
N LEU A 680 -3.89 27.71 21.42
CA LEU A 680 -2.45 27.61 21.65
C LEU A 680 -1.94 26.26 21.17
N PRO A 681 -0.66 26.16 20.80
CA PRO A 681 -0.07 24.83 20.57
C PRO A 681 0.06 24.08 21.89
N LYS A 682 -0.43 22.86 21.91
CA LYS A 682 -0.35 22.00 23.10
C LYS A 682 0.27 20.69 22.70
N PRO A 683 1.59 20.65 22.51
CA PRO A 683 2.25 19.39 22.16
C PRO A 683 2.51 18.49 23.35
N GLN A 684 2.10 18.91 24.54
CA GLN A 684 2.32 18.13 25.75
C GLN A 684 1.26 17.06 25.98
N LYS A 685 0.31 16.90 25.07
CA LYS A 685 -0.61 15.78 25.16
C LYS A 685 -0.01 14.48 24.66
N MET A 686 1.18 14.51 24.08
CA MET A 686 1.85 13.31 23.59
C MET A 686 2.78 12.69 24.63
N LEU A 687 2.80 13.20 25.86
CA LEU A 687 3.51 12.51 26.92
C LEU A 687 2.78 11.26 27.39
N GLY A 688 1.51 11.09 27.03
CA GLY A 688 0.80 9.88 27.39
C GLY A 688 1.39 8.64 26.76
N LYS A 689 1.96 8.77 25.57
CA LYS A 689 2.58 7.66 24.86
C LYS A 689 4.09 7.58 25.07
N LEU A 690 4.69 8.58 25.70
CA LEU A 690 6.15 8.65 25.74
C LEU A 690 6.77 7.83 26.86
N ASP A 691 6.06 7.61 27.96
CA ASP A 691 6.65 6.84 29.03
C ASP A 691 6.58 5.34 28.73
N GLY A 692 7.41 4.58 29.43
CA GLY A 692 7.66 3.20 29.10
C GLY A 692 9.13 2.92 29.36
N PRO A 693 9.51 1.65 29.44
CA PRO A 693 10.87 1.32 29.84
C PRO A 693 11.88 1.69 28.77
N LEU A 694 13.00 2.26 29.20
CA LEU A 694 14.10 2.61 28.32
C LEU A 694 15.23 1.62 28.52
N ARG A 695 15.77 1.09 27.42
CA ARG A 695 16.77 0.05 27.51
C ARG A 695 18.05 0.32 26.74
N THR A 696 18.14 1.41 25.98
CA THR A 696 19.38 1.75 25.31
C THR A 696 19.71 3.23 25.47
N LYS A 697 21.01 3.52 25.38
CA LYS A 697 21.48 4.89 25.44
C LYS A 697 20.92 5.73 24.31
N LEU A 698 20.75 5.13 23.13
CA LEU A 698 20.17 5.85 22.01
C LEU A 698 18.72 6.22 22.31
N GLN A 699 17.97 5.34 22.97
CA GLN A 699 16.61 5.68 23.38
C GLN A 699 16.59 6.84 24.35
N VAL A 700 17.51 6.83 25.32
CA VAL A 700 17.58 7.95 26.28
C VAL A 700 17.84 9.26 25.54
N TYR A 701 18.79 9.24 24.62
CA TYR A 701 19.13 10.45 23.87
C TYR A 701 17.94 10.95 23.07
N LEU A 702 17.28 10.06 22.33
CA LEU A 702 16.18 10.48 21.47
C LEU A 702 15.03 11.03 22.28
N LEU A 703 14.71 10.42 23.42
CA LEU A 703 13.63 10.92 24.26
C LEU A 703 13.94 12.31 24.80
N ARG A 704 15.19 12.55 25.21
CA ARG A 704 15.52 13.89 25.71
C ARG A 704 15.44 14.95 24.61
N LYS A 705 15.90 14.62 23.41
CA LYS A 705 15.79 15.57 22.30
C LYS A 705 14.33 15.84 21.97
N HIS A 706 13.49 14.81 22.01
CA HIS A 706 12.07 14.97 21.75
C HIS A 706 11.41 15.88 22.77
N LEU A 707 11.78 15.76 24.05
CA LEU A 707 11.18 16.63 25.06
C LEU A 707 11.62 18.08 24.87
N ASP A 708 12.87 18.29 24.46
CA ASP A 708 13.29 19.65 24.15
C ASP A 708 12.49 20.24 22.99
N CYS A 709 12.24 19.44 21.96
CA CYS A 709 11.41 19.88 20.85
C CYS A 709 10.01 20.23 21.32
N MET A 710 9.46 19.45 22.25
CA MET A 710 8.12 19.71 22.75
C MET A 710 8.04 21.06 23.47
N VAL A 711 9.02 21.35 24.33
CA VAL A 711 8.93 22.62 25.04
C VAL A 711 9.17 23.80 24.11
N ARG A 712 10.06 23.64 23.12
CA ARG A 712 10.29 24.71 22.15
C ARG A 712 9.03 25.01 21.34
N ILE A 713 8.33 23.96 20.88
CA ILE A 713 7.10 24.17 20.13
C ILE A 713 6.05 24.83 20.99
N ALA A 714 5.89 24.39 22.24
CA ALA A 714 4.89 25.01 23.10
C ALA A 714 5.18 26.47 23.36
N SER A 715 6.47 26.85 23.35
CA SER A 715 6.79 28.26 23.53
C SER A 715 6.48 29.08 22.27
N GLN A 716 6.84 28.58 21.08
CA GLN A 716 6.67 29.43 19.90
C GLN A 716 6.11 28.70 18.67
N PRO A 717 5.02 29.19 18.08
CA PRO A 717 4.46 28.54 16.90
C PRO A 717 5.20 28.89 15.61
N PHE A 718 4.84 28.18 14.54
CA PHE A 718 5.42 28.43 13.23
C PHE A 718 4.82 29.70 12.64
N SER A 719 5.68 30.58 12.13
CA SER A 719 5.24 31.86 11.61
C SER A 719 4.61 31.70 10.23
N LEU A 720 3.53 32.44 10.02
CA LEU A 720 2.74 32.35 8.79
C LEU A 720 2.81 33.71 8.09
N ILE A 721 3.43 33.74 6.92
CA ILE A 721 3.70 35.00 6.24
C ILE A 721 3.24 34.97 4.78
N PRO A 722 2.46 35.96 4.35
CA PRO A 722 1.99 36.09 2.94
C PRO A 722 2.94 36.85 2.02
N ARG A 723 3.96 36.14 1.53
CA ARG A 723 4.99 36.79 0.72
C ARG A 723 4.51 37.15 -0.68
N GLU A 724 3.52 36.45 -1.21
CA GLU A 724 3.02 36.70 -2.56
C GLU A 724 1.50 36.66 -2.63
N GLY A 725 0.83 36.25 -1.56
CA GLY A 725 -0.50 35.72 -1.62
C GLY A 725 -0.54 34.22 -1.42
N ARG A 726 0.51 33.51 -1.84
CA ARG A 726 0.71 32.15 -1.39
C ARG A 726 1.29 32.18 0.01
N VAL A 727 1.00 31.14 0.77
CA VAL A 727 1.30 31.11 2.20
C VAL A 727 2.49 30.20 2.43
N GLU A 728 3.49 30.71 3.14
CA GLU A 728 4.67 29.95 3.50
C GLU A 728 4.93 30.09 4.98
N TRP A 729 5.37 29.00 5.60
CA TRP A 729 5.62 28.96 7.03
C TRP A 729 7.12 29.13 7.29
N GLY A 730 7.45 29.73 8.42
CA GLY A 730 8.83 29.97 8.79
C GLY A 730 9.11 29.41 10.18
N GLY A 731 10.40 29.29 10.47
CA GLY A 731 10.82 28.80 11.77
C GLY A 731 10.71 27.32 11.97
N THR A 732 10.69 26.53 10.89
CA THR A 732 10.65 25.09 11.02
C THR A 732 12.02 24.55 11.38
N PHE A 733 12.04 23.34 11.95
CA PHE A 733 13.31 22.76 12.35
C PHE A 733 13.21 21.25 12.38
N HIS A 734 14.37 20.61 12.37
CA HIS A 734 14.44 19.16 12.55
C HIS A 734 14.09 18.79 13.98
N ALA A 735 13.25 17.76 14.13
CA ALA A 735 12.73 17.42 15.45
C ALA A 735 13.83 16.95 16.39
N ILE A 736 14.77 16.17 15.89
CA ILE A 736 15.81 15.61 16.73
C ILE A 736 17.00 16.54 16.85
N SER A 737 17.55 16.98 15.72
CA SER A 737 18.74 17.82 15.76
C SER A 737 18.43 19.22 16.29
N GLY A 738 17.26 19.76 15.98
CA GLY A 738 16.95 21.13 16.34
C GLY A 738 17.42 22.16 15.35
N ARG A 739 18.01 21.75 14.24
CA ARG A 739 18.51 22.67 13.23
C ARG A 739 17.38 23.18 12.36
N SER A 740 17.44 24.47 12.01
CA SER A 740 16.39 25.08 11.21
C SER A 740 16.45 24.59 9.77
N THR A 741 15.29 24.29 9.20
CA THR A 741 15.20 23.77 7.84
C THR A 741 13.97 24.35 7.16
N ASN A 742 13.60 23.77 6.03
CA ASN A 742 12.39 24.11 5.32
C ASN A 742 11.35 23.02 5.50
N LEU A 743 10.18 23.28 4.94
CA LEU A 743 9.01 22.46 5.23
C LEU A 743 9.17 21.04 4.73
N GLU A 744 9.75 20.87 3.54
CA GLU A 744 9.87 19.54 2.94
C GLU A 744 10.83 18.66 3.73
N ASN A 745 11.99 19.20 4.09
CA ASN A 745 12.94 18.44 4.88
C ASN A 745 12.39 18.12 6.26
N MET A 746 11.67 19.08 6.87
CA MET A 746 11.05 18.78 8.15
C MET A 746 10.03 17.66 8.03
N VAL A 747 9.22 17.66 6.96
CA VAL A 747 8.20 16.63 6.83
C VAL A 747 8.84 15.27 6.57
N ASN A 748 9.85 15.21 5.70
CA ASN A 748 10.53 13.96 5.44
C ASN A 748 11.26 13.43 6.67
N SER A 749 11.68 14.32 7.57
CA SER A 749 12.41 13.88 8.76
C SER A 749 11.55 13.08 9.73
N TRP A 750 10.23 13.09 9.59
CA TRP A 750 9.38 12.34 10.50
C TRP A 750 9.39 10.86 10.23
N TYR A 751 9.92 10.43 9.08
CA TYR A 751 9.83 9.05 8.65
C TYR A 751 11.16 8.32 8.71
N ILE A 752 12.14 8.86 9.43
CA ILE A 752 13.44 8.22 9.50
C ILE A 752 13.35 6.89 10.23
N GLY A 753 12.39 6.75 11.15
CA GLY A 753 12.21 5.49 11.85
C GLY A 753 11.81 4.33 10.98
N TYR A 754 11.40 4.57 9.74
CA TYR A 754 11.00 3.50 8.85
C TYR A 754 12.16 2.65 8.36
N TYR A 755 13.39 3.03 8.67
CA TYR A 755 14.53 2.18 8.34
C TYR A 755 14.62 0.96 9.23
N LYS A 756 13.95 0.97 10.38
CA LYS A 756 13.92 -0.21 11.23
C LYS A 756 13.18 -1.33 10.52
N ASN A 757 13.72 -2.54 10.63
CA ASN A 757 13.17 -3.71 9.94
C ASN A 757 11.74 -3.97 10.38
N LYS A 758 10.79 -3.80 9.45
CA LYS A 758 9.39 -4.03 9.77
C LYS A 758 9.11 -5.50 10.07
N GLU A 759 9.77 -6.40 9.35
CA GLU A 759 9.50 -7.84 9.38
C GLU A 759 10.24 -8.46 10.57
N GLU A 760 9.73 -8.20 11.77
CA GLU A 760 10.42 -8.53 13.01
C GLU A 760 9.80 -9.77 13.65
N SER A 761 10.65 -10.72 14.02
CA SER A 761 10.18 -11.91 14.72
C SER A 761 9.71 -11.55 16.13
N THR A 762 8.57 -12.10 16.52
CA THR A 762 8.01 -11.90 17.84
C THR A 762 8.39 -13.08 18.71
N GLU A 763 9.08 -12.81 19.81
CA GLU A 763 9.40 -13.88 20.74
C GLU A 763 8.17 -14.23 21.57
N LEU A 764 8.21 -15.42 22.17
CA LEU A 764 7.12 -15.84 23.02
C LEU A 764 7.04 -15.03 24.30
N ASN A 765 8.04 -14.18 24.54
CA ASN A 765 8.10 -13.29 25.68
C ASN A 765 7.06 -12.17 25.62
N ALA A 766 6.53 -11.86 24.44
CA ALA A 766 5.84 -10.61 24.21
C ALA A 766 4.49 -10.80 23.52
N LEU A 767 3.79 -11.90 23.84
CA LEU A 767 2.41 -12.05 23.36
C LEU A 767 1.40 -11.58 24.39
N GLY A 768 1.81 -11.43 25.64
CA GLY A 768 0.94 -10.87 26.65
C GLY A 768 0.49 -9.46 26.33
N GLU A 769 1.35 -8.68 25.66
CA GLU A 769 0.96 -7.32 25.30
C GLU A 769 -0.19 -7.32 24.30
N MET A 770 -0.15 -8.23 23.32
CA MET A 770 -1.23 -8.34 22.37
C MET A 770 -2.52 -8.80 23.05
N TYR A 771 -2.43 -9.82 23.90
CA TYR A 771 -3.63 -10.29 24.58
C TYR A 771 -4.21 -9.21 25.49
N LYS A 772 -3.33 -8.42 26.12
CA LYS A 772 -3.77 -7.31 26.96
C LYS A 772 -4.51 -6.27 26.14
N LYS A 773 -3.97 -5.91 24.99
CA LYS A 773 -4.66 -4.94 24.15
C LYS A 773 -6.00 -5.47 23.69
N ILE A 774 -6.12 -6.78 23.48
CA ILE A 774 -7.38 -7.35 23.03
C ILE A 774 -8.42 -7.29 24.14
N VAL A 775 -8.05 -7.61 25.38
CA VAL A 775 -9.05 -7.78 26.44
C VAL A 775 -9.15 -6.58 27.37
N GLU A 776 -8.43 -5.48 27.08
CA GLU A 776 -8.44 -4.33 27.97
C GLU A 776 -9.81 -3.68 28.11
N MET A 777 -10.70 -3.84 27.11
CA MET A 777 -12.00 -3.21 27.15
C MET A 777 -13.12 -4.15 27.56
N GLU A 778 -12.87 -5.46 27.52
CA GLU A 778 -13.93 -6.41 27.81
C GLU A 778 -14.34 -6.39 29.27
N GLU A 779 -13.41 -6.10 30.16
CA GLU A 779 -13.71 -5.97 31.57
C GLU A 779 -14.46 -4.69 31.92
N ASP A 780 -14.88 -3.94 30.90
CA ASP A 780 -15.53 -2.64 31.06
C ASP A 780 -16.94 -2.61 30.49
N LYS A 781 -17.40 -3.70 29.90
CA LYS A 781 -18.70 -3.72 29.25
C LYS A 781 -19.80 -3.34 30.24
N PRO A 782 -20.75 -2.50 29.84
CA PRO A 782 -21.78 -2.03 30.79
C PRO A 782 -22.64 -3.16 31.31
N SER A 783 -23.06 -3.01 32.56
CA SER A 783 -23.84 -4.07 33.21
C SER A 783 -25.26 -4.15 32.64
N SER A 784 -25.85 -3.00 32.35
CA SER A 784 -27.21 -2.93 31.86
C SER A 784 -27.23 -2.59 30.37
N PRO A 785 -28.11 -3.22 29.61
CA PRO A 785 -28.10 -3.02 28.15
C PRO A 785 -28.97 -1.86 27.70
N GLU A 786 -29.35 -0.97 28.61
CA GLU A 786 -30.29 0.09 28.28
C GLU A 786 -29.72 1.01 27.19
N PHE A 787 -28.47 1.42 27.34
CA PHE A 787 -27.84 2.32 26.39
C PHE A 787 -26.99 1.60 25.36
N LEU A 788 -27.32 0.35 25.07
CA LEU A 788 -26.77 -0.36 23.93
C LEU A 788 -27.76 -0.45 22.78
N GLY A 789 -28.74 0.45 22.74
CA GLY A 789 -29.63 0.54 21.60
C GLY A 789 -31.07 0.87 21.92
N TRP A 790 -31.46 0.85 23.19
CA TRP A 790 -32.87 0.99 23.53
C TRP A 790 -33.27 2.43 23.78
N GLY A 791 -32.48 3.16 24.56
CA GLY A 791 -32.88 4.50 24.96
C GLY A 791 -31.86 5.58 24.69
N ASP A 792 -32.03 6.72 25.35
CA ASP A 792 -31.19 7.90 25.14
C ASP A 792 -30.50 8.30 26.43
N THR A 793 -29.24 8.68 26.32
CA THR A 793 -28.49 9.21 27.44
C THR A 793 -27.66 10.38 26.98
N ASP A 794 -27.37 11.30 27.90
CA ASP A 794 -26.57 12.48 27.57
C ASP A 794 -25.14 12.37 28.07
N SER A 795 -24.85 11.45 28.98
CA SER A 795 -23.52 11.26 29.54
C SER A 795 -23.15 9.79 29.37
N PRO A 796 -22.81 9.38 28.16
CA PRO A 796 -22.61 7.96 27.89
C PRO A 796 -21.37 7.40 28.54
N LYS A 797 -21.47 6.12 28.90
CA LYS A 797 -20.36 5.36 29.46
C LYS A 797 -19.43 4.92 28.32
N LYS A 798 -18.57 3.94 28.61
CA LYS A 798 -17.49 3.61 27.68
C LYS A 798 -18.00 3.07 26.35
N HIS A 799 -18.91 2.09 26.39
CA HIS A 799 -19.33 1.43 25.15
C HIS A 799 -20.69 1.90 24.63
N GLU A 800 -21.34 2.85 25.28
CA GLU A 800 -22.73 3.15 25.01
C GLU A 800 -22.88 4.29 24.01
N PHE A 801 -24.12 4.47 23.55
CA PHE A 801 -24.45 5.47 22.53
C PHE A 801 -25.92 5.80 22.67
N SER A 802 -26.33 6.89 22.04
CA SER A 802 -27.70 7.37 22.15
C SER A 802 -28.45 7.13 20.83
N ARG A 803 -29.62 6.52 20.96
CA ARG A 803 -30.38 6.09 19.80
C ARG A 803 -30.85 7.26 18.95
N SER A 804 -31.26 8.36 19.61
CA SER A 804 -31.73 9.52 18.85
C SER A 804 -30.63 10.12 17.99
N PHE A 805 -29.42 10.24 18.54
CA PHE A 805 -28.33 10.78 17.73
C PHE A 805 -27.97 9.84 16.59
N LEU A 806 -28.01 8.53 16.83
CA LEU A 806 -27.74 7.60 15.74
C LEU A 806 -28.75 7.75 14.61
N ARG A 807 -30.03 7.89 14.97
CA ARG A 807 -31.06 8.05 13.95
C ARG A 807 -30.94 9.39 13.23
N ALA A 808 -30.55 10.44 13.94
CA ALA A 808 -30.34 11.74 13.30
C ALA A 808 -29.23 11.68 12.25
N ALA A 809 -28.12 11.03 12.59
CA ALA A 809 -27.03 10.90 11.62
C ALA A 809 -27.46 10.08 10.41
N CYS A 810 -28.21 9.00 10.63
CA CYS A 810 -28.69 8.21 9.50
C CYS A 810 -29.61 9.02 8.59
N SER A 811 -30.51 9.80 9.17
CA SER A 811 -31.41 10.63 8.35
C SER A 811 -30.62 11.65 7.54
N SER A 812 -29.60 12.25 8.14
CA SER A 812 -28.82 13.26 7.42
C SER A 812 -28.10 12.67 6.22
N LEU A 813 -27.45 11.51 6.42
CA LEU A 813 -26.79 10.88 5.28
C LEU A 813 -27.80 10.48 4.21
N GLU A 814 -29.00 10.05 4.62
CA GLU A 814 -30.01 9.70 3.64
C GLU A 814 -30.42 10.93 2.82
N ARG A 815 -30.50 12.08 3.48
CA ARG A 815 -30.76 13.33 2.75
C ARG A 815 -29.74 13.54 1.64
N GLU A 816 -28.45 13.45 1.99
CA GLU A 816 -27.42 13.68 0.96
C GLU A 816 -27.49 12.63 -0.14
N ILE A 817 -27.78 11.39 0.22
CA ILE A 817 -27.88 10.31 -0.77
C ILE A 817 -28.99 10.60 -1.77
N ALA A 818 -30.16 11.00 -1.27
CA ALA A 818 -31.26 11.32 -2.16
C ALA A 818 -30.93 12.52 -3.03
N GLN A 819 -30.31 13.55 -2.44
CA GLN A 819 -29.98 14.75 -3.20
C GLN A 819 -29.01 14.47 -4.34
N ARG A 820 -28.13 13.48 -4.18
CA ARG A 820 -27.24 13.16 -5.29
C ARG A 820 -27.88 12.20 -6.29
N HIS A 821 -28.48 11.11 -5.82
CA HIS A 821 -28.84 10.00 -6.68
C HIS A 821 -30.32 9.95 -7.04
N GLY A 822 -31.10 10.95 -6.70
CA GLY A 822 -32.51 10.89 -6.97
C GLY A 822 -33.25 10.13 -5.90
N ARG A 823 -34.57 10.21 -5.97
CA ARG A 823 -35.41 9.74 -4.90
C ARG A 823 -35.82 8.29 -5.04
N GLN A 824 -35.13 7.52 -5.87
CA GLN A 824 -35.40 6.09 -6.01
C GLN A 824 -34.10 5.31 -5.93
N TRP A 825 -33.17 5.75 -5.10
CA TRP A 825 -31.88 5.09 -5.01
C TRP A 825 -32.00 3.70 -4.39
N LYS A 826 -32.96 3.52 -3.48
CA LYS A 826 -33.10 2.23 -2.81
C LYS A 826 -33.53 1.13 -3.77
N GLN A 827 -34.38 1.47 -4.74
CA GLN A 827 -34.83 0.47 -5.70
C GLN A 827 -33.73 0.06 -6.68
N ASN A 828 -32.76 0.93 -6.94
CA ASN A 828 -31.63 0.53 -7.76
C ASN A 828 -30.61 -0.25 -6.94
N LEU A 829 -30.47 0.12 -5.67
CA LEU A 829 -29.55 -0.58 -4.78
C LEU A 829 -29.98 -2.02 -4.57
N GLU A 830 -31.29 -2.25 -4.44
CA GLU A 830 -31.77 -3.62 -4.28
C GLU A 830 -31.38 -4.48 -5.48
N GLU A 831 -31.57 -3.95 -6.69
CA GLU A 831 -31.23 -4.70 -7.89
C GLU A 831 -29.73 -4.99 -7.97
N ARG A 832 -28.90 -3.99 -7.65
CA ARG A 832 -27.46 -4.19 -7.73
C ARG A 832 -26.99 -5.24 -6.72
N VAL A 833 -27.53 -5.20 -5.51
CA VAL A 833 -27.13 -6.16 -4.49
C VAL A 833 -27.57 -7.57 -4.88
N LEU A 834 -28.80 -7.72 -5.37
CA LEU A 834 -29.28 -9.03 -5.78
C LEU A 834 -28.43 -9.59 -6.90
N ARG A 835 -28.04 -8.75 -7.87
CA ARG A 835 -27.21 -9.22 -8.97
C ARG A 835 -25.85 -9.69 -8.47
N GLU A 836 -25.19 -8.89 -7.63
CA GLU A 836 -23.84 -9.27 -7.20
C GLU A 836 -23.85 -10.46 -6.25
N ILE A 837 -24.93 -10.67 -5.49
CA ILE A 837 -25.01 -11.87 -4.67
C ILE A 837 -25.24 -13.09 -5.55
N GLY A 838 -26.14 -12.99 -6.54
CA GLY A 838 -26.46 -14.15 -7.34
C GLY A 838 -25.39 -14.56 -8.33
N THR A 839 -24.48 -13.66 -8.69
CA THR A 839 -23.53 -13.99 -9.73
C THR A 839 -22.29 -14.73 -9.23
N LYS A 840 -22.13 -14.94 -7.93
CA LYS A 840 -20.89 -15.46 -7.38
C LYS A 840 -20.91 -16.98 -7.24
N ASN A 841 -19.76 -17.59 -7.47
CA ASN A 841 -19.57 -19.03 -7.30
C ASN A 841 -18.48 -19.29 -6.28
N ILE A 842 -18.31 -20.56 -5.91
CA ILE A 842 -17.34 -20.91 -4.88
C ILE A 842 -15.92 -20.62 -5.32
N LEU A 843 -15.63 -20.80 -6.62
CA LEU A 843 -14.27 -20.62 -7.12
C LEU A 843 -13.78 -19.18 -6.93
N ASP A 844 -14.69 -18.22 -6.85
CA ASP A 844 -14.27 -16.87 -6.49
C ASP A 844 -13.80 -16.80 -5.04
N LEU A 845 -14.44 -17.56 -4.16
CA LEU A 845 -14.03 -17.59 -2.77
C LEU A 845 -12.71 -18.34 -2.57
N ALA A 846 -12.52 -19.43 -3.32
CA ALA A 846 -11.36 -20.29 -3.11
C ALA A 846 -10.08 -19.54 -3.39
N SER A 847 -9.37 -19.17 -2.32
CA SER A 847 -8.20 -18.31 -2.43
C SER A 847 -7.05 -18.94 -1.68
N MET A 848 -5.88 -18.31 -1.77
CA MET A 848 -4.68 -18.80 -1.12
C MET A 848 -4.50 -18.18 0.26
N LYS A 849 -5.56 -18.21 1.07
CA LYS A 849 -5.60 -17.48 2.32
C LYS A 849 -5.86 -18.42 3.48
N ALA A 850 -5.25 -18.10 4.62
CA ALA A 850 -5.31 -18.96 5.80
C ALA A 850 -6.69 -18.98 6.42
N THR A 851 -7.05 -20.13 6.95
CA THR A 851 -8.30 -20.33 7.67
C THR A 851 -8.01 -21.11 8.95
N SER A 852 -8.84 -20.90 9.96
CA SER A 852 -8.60 -21.49 11.27
C SER A 852 -9.19 -22.89 11.35
N ASN A 853 -8.50 -23.76 12.09
CA ASN A 853 -8.97 -25.10 12.40
C ASN A 853 -9.49 -25.22 13.82
N PHE A 854 -9.56 -24.11 14.56
CA PHE A 854 -9.95 -24.14 15.96
C PHE A 854 -11.42 -24.52 16.07
N SER A 855 -11.70 -25.55 16.86
CA SER A 855 -13.04 -26.10 16.98
C SER A 855 -13.28 -26.49 18.43
N LYS A 856 -14.34 -27.25 18.69
CA LYS A 856 -14.57 -27.81 20.01
C LYS A 856 -13.89 -29.18 20.14
N ASP A 857 -12.63 -29.22 19.73
CA ASP A 857 -11.70 -30.29 20.05
C ASP A 857 -10.39 -29.76 20.58
N TRP A 858 -10.15 -28.45 20.46
CA TRP A 858 -8.96 -27.80 20.99
C TRP A 858 -9.30 -26.92 22.18
N GLU A 859 -10.47 -27.09 22.79
CA GLU A 859 -10.89 -26.23 23.88
C GLU A 859 -10.34 -26.65 25.24
N LEU A 860 -9.75 -27.83 25.37
CA LEU A 860 -9.26 -28.31 26.66
C LEU A 860 -7.76 -28.54 26.59
N TYR A 861 -7.01 -27.80 27.40
CA TYR A 861 -5.56 -27.95 27.39
C TYR A 861 -5.12 -29.31 27.95
N SER A 862 -5.96 -29.97 28.75
CA SER A 862 -5.65 -31.33 29.15
C SER A 862 -5.59 -32.27 27.95
N GLU A 863 -6.56 -32.15 27.04
CA GLU A 863 -6.59 -32.98 25.86
C GLU A 863 -5.69 -32.49 24.74
N VAL A 864 -5.15 -31.28 24.85
CA VAL A 864 -4.43 -30.71 23.72
C VAL A 864 -2.92 -30.99 23.73
N GLN A 865 -2.30 -31.07 24.91
CA GLN A 865 -0.85 -30.94 25.10
C GLN A 865 0.03 -31.63 24.05
N THR A 866 -0.28 -32.88 23.71
CA THR A 866 0.60 -33.60 22.78
C THR A 866 0.44 -33.11 21.35
N LYS A 867 -0.78 -32.75 20.95
CA LYS A 867 -1.03 -32.32 19.59
C LYS A 867 -0.37 -30.96 19.32
N GLU A 868 -0.18 -30.66 18.04
CA GLU A 868 0.33 -29.35 17.63
C GLU A 868 -0.64 -28.70 16.66
N TYR A 869 -1.04 -27.48 16.98
CA TYR A 869 -2.05 -26.78 16.20
C TYR A 869 -1.45 -26.19 14.94
N HIS A 870 -2.17 -26.34 13.83
CA HIS A 870 -1.74 -25.82 12.55
C HIS A 870 -2.92 -25.20 11.81
N ARG A 871 -2.64 -24.25 10.94
CA ARG A 871 -3.64 -23.62 10.11
C ARG A 871 -3.69 -24.26 8.74
N SER A 872 -4.83 -24.16 8.08
CA SER A 872 -5.00 -24.62 6.72
C SER A 872 -5.25 -23.41 5.82
N LYS A 873 -5.46 -23.68 4.54
CA LYS A 873 -5.71 -22.65 3.54
C LYS A 873 -7.10 -22.82 2.96
N LEU A 874 -7.67 -21.71 2.49
CA LEU A 874 -9.09 -21.65 2.20
C LEU A 874 -9.48 -22.54 1.02
N LEU A 875 -8.59 -22.70 0.04
CA LEU A 875 -8.92 -23.50 -1.13
C LEU A 875 -9.10 -24.97 -0.78
N GLU A 876 -8.50 -25.45 0.30
CA GLU A 876 -8.75 -26.82 0.74
C GLU A 876 -10.21 -27.03 1.08
N LYS A 877 -10.75 -26.17 1.94
CA LYS A 877 -12.14 -26.31 2.33
C LYS A 877 -13.07 -26.06 1.15
N MET A 878 -12.69 -25.11 0.29
CA MET A 878 -13.54 -24.83 -0.86
C MET A 878 -13.54 -25.99 -1.85
N ALA A 879 -12.40 -26.67 -2.02
CA ALA A 879 -12.36 -27.87 -2.87
C ALA A 879 -13.19 -28.98 -2.26
N THR A 880 -13.19 -29.11 -0.93
CA THR A 880 -14.10 -30.05 -0.29
C THR A 880 -15.55 -29.73 -0.63
N LEU A 881 -15.92 -28.45 -0.60
CA LEU A 881 -17.28 -28.06 -0.92
C LEU A 881 -17.63 -28.35 -2.38
N ILE A 882 -16.70 -28.06 -3.30
CA ILE A 882 -16.97 -28.28 -4.72
C ILE A 882 -17.14 -29.76 -5.00
N GLU A 883 -16.28 -30.59 -4.42
CA GLU A 883 -16.43 -32.02 -4.57
C GLU A 883 -17.67 -32.56 -3.89
N LYS A 884 -18.22 -31.83 -2.91
CA LYS A 884 -19.48 -32.25 -2.32
C LYS A 884 -20.64 -32.10 -3.30
N GLY A 885 -20.62 -31.07 -4.13
CA GLY A 885 -21.75 -30.78 -4.99
C GLY A 885 -22.33 -29.40 -4.83
N VAL A 886 -21.49 -28.45 -4.42
CA VAL A 886 -21.90 -27.06 -4.19
C VAL A 886 -21.17 -26.17 -5.19
N MET A 887 -21.93 -25.39 -5.95
CA MET A 887 -21.35 -24.54 -6.98
C MET A 887 -21.53 -23.05 -6.72
N TRP A 888 -22.67 -22.63 -6.19
CA TRP A 888 -23.00 -21.24 -6.00
C TRP A 888 -22.90 -20.85 -4.52
N TYR A 889 -22.54 -19.59 -4.28
CA TYR A 889 -22.43 -19.08 -2.92
C TYR A 889 -23.76 -19.15 -2.18
N ILE A 890 -24.87 -18.99 -2.90
CA ILE A 890 -26.18 -19.12 -2.31
C ILE A 890 -26.39 -20.52 -1.77
N ASP A 891 -25.86 -21.52 -2.45
CA ASP A 891 -25.96 -22.89 -1.98
C ASP A 891 -25.09 -23.17 -0.76
N ALA A 892 -24.17 -22.28 -0.42
CA ALA A 892 -23.23 -22.53 0.67
C ALA A 892 -23.58 -21.78 1.94
N VAL A 893 -24.15 -20.58 1.83
CA VAL A 893 -24.46 -19.81 3.02
C VAL A 893 -25.51 -20.53 3.88
N GLY A 894 -26.45 -21.22 3.23
CA GLY A 894 -27.50 -21.88 3.97
C GLY A 894 -27.01 -22.92 4.96
N GLN A 895 -25.94 -23.63 4.61
CA GLN A 895 -25.33 -24.59 5.52
C GLN A 895 -24.30 -23.96 6.45
N ALA A 896 -23.58 -22.94 5.97
CA ALA A 896 -22.60 -22.29 6.82
C ALA A 896 -23.27 -21.66 8.03
N TRP A 897 -24.39 -20.96 7.82
CA TRP A 897 -25.08 -20.35 8.95
C TRP A 897 -25.61 -21.40 9.91
N LYS A 898 -26.11 -22.51 9.39
CA LYS A 898 -26.63 -23.56 10.26
C LYS A 898 -25.54 -24.13 11.14
N ALA A 899 -24.34 -24.31 10.58
CA ALA A 899 -23.21 -24.76 11.39
C ALA A 899 -22.85 -23.75 12.47
N VAL A 900 -22.81 -22.46 12.11
CA VAL A 900 -22.46 -21.44 13.09
C VAL A 900 -23.48 -21.39 14.22
N LEU A 901 -24.76 -21.54 13.88
CA LEU A 901 -25.80 -21.51 14.91
C LEU A 901 -25.82 -22.78 15.75
N ASP A 902 -25.39 -23.91 15.18
CA ASP A 902 -25.16 -25.09 16.02
C ASP A 902 -24.07 -24.84 17.03
N ASP A 903 -22.99 -24.18 16.61
CA ASP A 903 -22.05 -23.66 17.60
C ASP A 903 -22.64 -22.40 18.23
N GLY A 904 -21.87 -21.77 19.11
CA GLY A 904 -22.30 -20.50 19.64
C GLY A 904 -21.15 -19.53 19.59
N CYS A 905 -20.17 -19.81 18.74
CA CYS A 905 -18.91 -19.13 18.77
C CYS A 905 -18.61 -18.52 17.41
N MET A 906 -17.48 -17.83 17.32
CA MET A 906 -16.95 -17.38 16.05
C MET A 906 -15.62 -18.02 15.70
N ARG A 907 -14.91 -18.59 16.66
CA ARG A 907 -13.80 -19.52 16.43
C ARG A 907 -12.69 -18.87 15.60
N ILE A 908 -12.01 -17.93 16.25
CA ILE A 908 -10.90 -17.18 15.68
C ILE A 908 -9.58 -17.71 16.25
N CYS A 909 -8.50 -17.56 15.48
CA CYS A 909 -7.14 -17.68 16.00
C CYS A 909 -6.37 -16.41 15.62
N LEU A 910 -5.26 -16.17 16.31
CA LEU A 910 -4.60 -14.87 16.26
C LEU A 910 -3.12 -15.01 15.92
N PHE A 911 -2.53 -13.90 15.47
CA PHE A 911 -1.08 -13.74 15.39
C PHE A 911 -0.77 -12.26 15.26
N LYS A 912 0.52 -11.93 15.33
CA LYS A 912 0.96 -10.53 15.27
C LYS A 912 1.36 -10.13 13.85
N LYS A 913 1.04 -8.89 13.50
CA LYS A 913 1.39 -8.31 12.21
C LYS A 913 2.72 -7.58 12.30
N ASN A 914 3.44 -7.56 11.19
CA ASN A 914 4.66 -6.78 11.06
C ASN A 914 4.30 -5.43 10.44
N GLN A 915 4.51 -4.35 11.19
CA GLN A 915 4.13 -3.03 10.71
C GLN A 915 5.02 -1.97 11.35
N HIS A 916 5.21 -0.87 10.62
CA HIS A 916 5.86 0.32 11.16
C HIS A 916 4.95 1.13 12.07
N GLY A 917 3.76 0.63 12.38
CA GLY A 917 2.88 1.32 13.29
C GLY A 917 3.12 0.91 14.72
N GLY A 918 2.09 0.39 15.38
CA GLY A 918 2.19 0.03 16.78
C GLY A 918 2.28 -1.46 17.06
N LEU A 919 1.17 -2.03 17.52
CA LEU A 919 1.09 -3.41 17.99
C LEU A 919 -0.10 -4.12 17.37
N ARG A 920 -0.26 -3.96 16.06
CA ARG A 920 -1.46 -4.42 15.39
C ARG A 920 -1.56 -5.94 15.40
N GLU A 921 -2.71 -6.45 15.81
CA GLU A 921 -3.00 -7.87 15.86
C GLU A 921 -3.90 -8.27 14.71
N ILE A 922 -3.87 -9.54 14.36
CA ILE A 922 -4.55 -10.05 13.17
C ILE A 922 -5.49 -11.17 13.58
N TYR A 923 -6.69 -11.16 13.00
CA TYR A 923 -7.72 -12.14 13.31
C TYR A 923 -7.96 -13.02 12.09
N VAL A 924 -7.93 -14.32 12.30
CA VAL A 924 -8.13 -15.30 11.24
C VAL A 924 -9.42 -16.06 11.55
N MET A 925 -10.31 -16.13 10.57
CA MET A 925 -11.59 -16.79 10.76
C MET A 925 -11.53 -18.23 10.26
N ASP A 926 -12.65 -18.92 10.34
CA ASP A 926 -12.81 -20.23 9.75
C ASP A 926 -13.74 -20.15 8.54
N ALA A 927 -13.98 -21.31 7.92
CA ALA A 927 -14.67 -21.35 6.64
C ALA A 927 -16.09 -20.79 6.74
N ASN A 928 -16.83 -21.25 7.74
CA ASN A 928 -18.23 -20.84 7.87
C ASN A 928 -18.35 -19.36 8.20
N ALA A 929 -17.49 -18.86 9.07
CA ALA A 929 -17.50 -17.44 9.39
C ALA A 929 -17.17 -16.59 8.18
N ARG A 930 -16.18 -17.02 7.39
CA ARG A 930 -15.85 -16.28 6.17
C ARG A 930 -17.01 -16.25 5.19
N LEU A 931 -17.67 -17.40 5.01
CA LEU A 931 -18.80 -17.46 4.10
C LEU A 931 -19.94 -16.56 4.56
N VAL A 932 -20.23 -16.55 5.85
CA VAL A 932 -21.33 -15.71 6.34
C VAL A 932 -20.97 -14.23 6.21
N GLN A 933 -19.71 -13.88 6.47
CA GLN A 933 -19.33 -12.47 6.48
C GLN A 933 -19.27 -11.89 5.07
N PHE A 934 -19.03 -12.74 4.06
CA PHE A 934 -18.89 -12.26 2.68
C PHE A 934 -20.12 -11.46 2.23
N GLY A 935 -21.30 -11.99 2.47
CA GLY A 935 -22.51 -11.35 1.96
C GLY A 935 -22.77 -10.00 2.59
N VAL A 936 -22.62 -9.91 3.91
CA VAL A 936 -22.85 -8.63 4.57
C VAL A 936 -21.78 -7.61 4.17
N GLU A 937 -20.56 -8.05 3.88
CA GLU A 937 -19.55 -7.10 3.43
C GLU A 937 -19.88 -6.57 2.05
N THR A 938 -20.42 -7.42 1.18
CA THR A 938 -20.80 -6.93 -0.15
C THR A 938 -22.00 -5.99 -0.09
N MET A 939 -22.95 -6.23 0.83
CA MET A 939 -24.05 -5.29 1.00
C MET A 939 -23.56 -3.94 1.49
N ALA A 940 -22.70 -3.94 2.49
CA ALA A 940 -22.19 -2.68 3.03
C ALA A 940 -21.37 -1.93 1.99
N ARG A 941 -20.61 -2.65 1.16
CA ARG A 941 -19.84 -2.00 0.12
C ARG A 941 -20.75 -1.37 -0.93
N CYS A 942 -21.81 -2.06 -1.31
CA CYS A 942 -22.76 -1.49 -2.26
C CYS A 942 -23.38 -0.22 -1.70
N VAL A 943 -23.68 -0.19 -0.41
CA VAL A 943 -24.25 1.03 0.18
C VAL A 943 -23.20 2.14 0.25
N CYS A 944 -21.96 1.81 0.62
CA CYS A 944 -20.93 2.84 0.73
C CYS A 944 -20.54 3.42 -0.62
N GLU A 945 -20.82 2.71 -1.71
CA GLU A 945 -20.47 3.27 -3.02
C GLU A 945 -21.35 4.44 -3.41
N LEU A 946 -22.50 4.62 -2.75
CA LEU A 946 -23.36 5.77 -3.00
C LEU A 946 -22.95 7.00 -2.20
N SER A 947 -22.23 6.83 -1.11
CA SER A 947 -21.96 7.94 -0.20
C SER A 947 -21.04 8.97 -0.87
N PRO A 948 -21.38 10.26 -0.82
CA PRO A 948 -20.60 11.26 -1.55
C PRO A 948 -19.37 11.76 -0.82
N HIS A 949 -19.11 11.37 0.41
CA HIS A 949 -17.88 11.77 1.09
C HIS A 949 -17.27 10.61 1.87
N GLU A 950 -17.19 9.45 1.23
CA GLU A 950 -16.51 8.28 1.76
C GLU A 950 -15.44 7.87 0.76
N THR A 951 -14.25 7.53 1.25
CA THR A 951 -13.11 7.30 0.37
C THR A 951 -12.56 5.88 0.45
N VAL A 952 -13.34 4.91 0.90
CA VAL A 952 -12.91 3.51 0.84
C VAL A 952 -13.50 2.80 -0.38
N ALA A 953 -14.76 3.06 -0.69
CA ALA A 953 -15.34 2.59 -1.93
C ALA A 953 -15.15 3.57 -3.08
N ASN A 954 -14.58 4.75 -2.84
CA ASN A 954 -14.36 5.77 -3.86
C ASN A 954 -12.95 6.30 -3.76
N PRO A 955 -11.98 5.64 -4.38
CA PRO A 955 -10.58 6.08 -4.24
C PRO A 955 -10.27 7.43 -4.85
N ARG A 956 -11.10 7.95 -5.76
CA ARG A 956 -10.85 9.28 -6.31
C ARG A 956 -11.27 10.41 -5.37
N LEU A 957 -12.14 10.11 -4.41
CA LEU A 957 -12.61 11.16 -3.52
C LEU A 957 -11.55 11.61 -2.54
N LYS A 958 -10.50 10.82 -2.31
CA LYS A 958 -9.45 11.26 -1.42
C LYS A 958 -8.52 12.26 -2.08
N ASN A 959 -8.59 12.40 -3.40
CA ASN A 959 -7.90 13.47 -4.11
C ASN A 959 -8.83 14.57 -4.57
N SER A 960 -10.13 14.30 -4.65
CA SER A 960 -11.04 15.25 -5.28
C SER A 960 -11.56 16.32 -4.32
N ILE A 961 -11.93 15.94 -3.10
CA ILE A 961 -12.68 16.84 -2.23
C ILE A 961 -11.81 18.00 -1.77
N ILE A 962 -10.60 17.71 -1.31
CA ILE A 962 -9.72 18.76 -0.80
C ILE A 962 -9.40 19.77 -1.88
N GLU A 963 -9.15 19.29 -3.09
CA GLU A 963 -8.77 20.19 -4.18
C GLU A 963 -9.97 20.99 -4.69
N ASN A 964 -11.15 20.38 -4.77
CA ASN A 964 -12.31 21.12 -5.23
C ASN A 964 -12.88 22.07 -4.20
N HIS A 965 -12.48 21.94 -2.93
CA HIS A 965 -12.98 22.85 -1.91
C HIS A 965 -12.62 24.30 -2.23
N GLY A 966 -11.44 24.54 -2.80
CA GLY A 966 -11.06 25.90 -3.14
C GLY A 966 -11.94 26.51 -4.21
N LEU A 967 -12.24 25.75 -5.26
CA LEU A 967 -13.12 26.23 -6.31
C LEU A 967 -14.52 26.49 -5.79
N LYS A 968 -15.04 25.58 -4.96
CA LYS A 968 -16.36 25.79 -4.39
C LYS A 968 -16.39 27.03 -3.50
N SER A 969 -15.35 27.24 -2.69
CA SER A 969 -15.33 28.40 -1.82
C SER A 969 -15.20 29.69 -2.61
N ALA A 970 -14.39 29.68 -3.67
CA ALA A 970 -14.28 30.87 -4.51
C ALA A 970 -15.60 31.17 -5.20
N ARG A 971 -16.30 30.14 -5.66
CA ARG A 971 -17.59 30.36 -6.30
C ARG A 971 -18.60 30.95 -5.33
N SER A 972 -18.67 30.42 -4.12
CA SER A 972 -19.72 30.85 -3.20
C SER A 972 -19.34 32.07 -2.35
N LEU A 973 -18.08 32.49 -2.34
CA LEU A 973 -17.67 33.60 -1.50
C LEU A 973 -16.82 34.65 -2.20
N GLY A 974 -16.26 34.37 -3.37
CA GLY A 974 -15.37 35.30 -4.00
C GLY A 974 -13.94 35.13 -3.52
N PRO A 975 -13.02 35.91 -4.07
CA PRO A 975 -11.61 35.77 -3.69
C PRO A 975 -11.35 36.33 -2.29
N GLY A 976 -10.20 35.92 -1.74
CA GLY A 976 -9.81 36.36 -0.42
C GLY A 976 -10.66 35.80 0.70
N SER A 977 -10.55 34.49 0.93
CA SER A 977 -11.30 33.81 1.98
C SER A 977 -10.35 33.02 2.86
N ILE A 978 -10.63 33.02 4.15
CA ILE A 978 -9.83 32.31 5.14
C ILE A 978 -10.29 30.87 5.23
N ASN A 979 -9.35 29.94 5.16
CA ASN A 979 -9.62 28.53 5.27
C ASN A 979 -9.14 28.04 6.63
N ILE A 980 -9.97 27.23 7.31
CA ILE A 980 -9.66 26.73 8.65
C ILE A 980 -10.02 25.26 8.72
N ASN A 981 -9.09 24.43 9.17
CA ASN A 981 -9.23 22.98 9.02
C ASN A 981 -9.08 22.25 10.35
N SER A 982 -9.33 20.94 10.28
CA SER A 982 -9.16 20.08 11.44
C SER A 982 -8.92 18.66 10.94
N SER A 983 -7.74 18.10 11.21
CA SER A 983 -7.47 16.71 10.91
C SER A 983 -7.75 15.87 12.15
N ASN A 984 -8.59 14.84 12.02
CA ASN A 984 -9.05 14.09 13.17
C ASN A 984 -8.63 12.64 13.07
N ASP A 985 -8.26 12.06 14.22
CA ASP A 985 -8.00 10.64 14.33
C ASP A 985 -8.79 10.07 15.50
N ALA A 986 -9.21 8.82 15.37
CA ALA A 986 -10.02 8.14 16.38
C ALA A 986 -9.21 7.07 17.06
N LYS A 987 -9.35 6.99 18.39
CA LYS A 987 -8.64 5.99 19.19
C LYS A 987 -9.56 4.83 19.51
N LYS A 988 -8.98 3.64 19.64
CA LYS A 988 -9.70 2.42 19.98
C LYS A 988 -10.86 2.15 19.02
N TRP A 989 -10.60 2.35 17.73
CA TRP A 989 -11.64 2.26 16.72
C TRP A 989 -12.33 0.90 16.76
N ASN A 990 -11.58 -0.17 16.50
CA ASN A 990 -12.02 -1.48 16.95
C ASN A 990 -11.90 -1.54 18.46
N GLN A 991 -12.76 -2.33 19.08
CA GLN A 991 -12.97 -2.49 20.51
C GLN A 991 -13.77 -1.33 21.10
N GLY A 992 -14.00 -0.24 20.36
CA GLY A 992 -14.90 0.75 20.88
C GLY A 992 -16.33 0.58 20.39
N HIS A 993 -16.53 -0.24 19.36
CA HIS A 993 -17.80 -0.35 18.67
C HIS A 993 -18.56 -1.56 19.18
N TYR A 994 -19.73 -1.34 19.75
CA TYR A 994 -20.66 -2.43 20.00
C TYR A 994 -21.42 -2.71 18.71
N THR A 995 -21.59 -3.98 18.39
CA THR A 995 -22.00 -4.37 17.04
C THR A 995 -23.47 -4.13 16.74
N THR A 996 -24.33 -3.97 17.75
CA THR A 996 -25.71 -3.63 17.48
C THR A 996 -25.81 -2.29 16.75
N LYS A 997 -24.87 -1.40 17.02
CA LYS A 997 -24.81 -0.12 16.33
C LYS A 997 -24.65 -0.31 14.83
N LEU A 998 -23.69 -1.15 14.43
CA LEU A 998 -23.46 -1.39 13.01
C LEU A 998 -24.65 -2.09 12.37
N ALA A 999 -25.26 -3.02 13.10
CA ALA A 999 -26.44 -3.71 12.57
C ALA A 999 -27.58 -2.74 12.31
N LEU A 1000 -27.84 -1.83 13.25
CA LEU A 1000 -28.91 -0.85 13.04
C LEU A 1000 -28.62 0.08 11.88
N VAL A 1001 -27.39 0.59 11.80
CA VAL A 1001 -27.06 1.54 10.74
C VAL A 1001 -27.13 0.87 9.38
N LEU A 1002 -26.68 -0.37 9.26
CA LEU A 1002 -26.76 -1.03 7.97
C LEU A 1002 -28.20 -1.38 7.62
N CYS A 1003 -29.02 -1.77 8.60
CA CYS A 1003 -30.40 -2.09 8.30
C CYS A 1003 -31.24 -0.85 8.01
N TRP A 1004 -30.75 0.34 8.35
CA TRP A 1004 -31.46 1.54 7.95
C TRP A 1004 -31.46 1.73 6.43
N PHE A 1005 -30.38 1.33 5.76
CA PHE A 1005 -30.18 1.64 4.34
C PHE A 1005 -30.53 0.47 3.42
N MET A 1006 -31.22 -0.56 3.90
CA MET A 1006 -31.42 -1.72 3.06
C MET A 1006 -32.90 -2.00 2.86
N PRO A 1007 -33.26 -2.65 1.75
CA PRO A 1007 -34.67 -2.69 1.32
C PRO A 1007 -35.64 -3.57 2.09
N ALA A 1008 -35.33 -3.98 3.32
CA ALA A 1008 -36.23 -4.66 4.26
C ALA A 1008 -36.48 -6.12 3.94
N LYS A 1009 -36.01 -6.63 2.82
CA LYS A 1009 -35.95 -8.07 2.65
C LYS A 1009 -34.66 -8.65 3.18
N PHE A 1010 -33.63 -7.82 3.32
CA PHE A 1010 -32.34 -8.23 3.84
C PHE A 1010 -32.21 -8.07 5.34
N HIS A 1011 -33.25 -7.57 6.01
CA HIS A 1011 -33.13 -7.18 7.41
C HIS A 1011 -32.80 -8.37 8.29
N ARG A 1012 -33.53 -9.47 8.12
CA ARG A 1012 -33.32 -10.63 8.99
CA ARG A 1012 -33.32 -10.64 8.97
C ARG A 1012 -31.93 -11.23 8.77
N PHE A 1013 -31.49 -11.34 7.52
CA PHE A 1013 -30.17 -11.90 7.28
C PHE A 1013 -29.08 -11.01 7.88
N ILE A 1014 -29.19 -9.69 7.71
CA ILE A 1014 -28.17 -8.81 8.27
C ILE A 1014 -28.14 -8.93 9.79
N TRP A 1015 -29.32 -8.93 10.41
CA TRP A 1015 -29.40 -9.01 11.86
C TRP A 1015 -28.78 -10.30 12.38
N ALA A 1016 -29.14 -11.43 11.78
CA ALA A 1016 -28.60 -12.70 12.24
C ALA A 1016 -27.12 -12.82 11.96
N ALA A 1017 -26.64 -12.28 10.84
CA ALA A 1017 -25.23 -12.39 10.51
C ALA A 1017 -24.38 -11.54 11.44
N ILE A 1018 -24.89 -10.39 11.87
CA ILE A 1018 -24.09 -9.53 12.74
C ILE A 1018 -24.23 -9.92 14.20
N SER A 1019 -25.28 -10.67 14.57
CA SER A 1019 -25.38 -11.09 15.96
C SER A 1019 -24.29 -12.07 16.38
N MET A 1020 -23.62 -12.72 15.42
CA MET A 1020 -22.62 -13.73 15.76
C MET A 1020 -21.29 -13.14 16.21
N PHE A 1021 -21.11 -11.82 16.12
CA PHE A 1021 -19.91 -11.19 16.63
C PHE A 1021 -19.98 -10.95 18.13
N ARG A 1022 -21.08 -11.32 18.78
CA ARG A 1022 -21.25 -11.10 20.20
C ARG A 1022 -21.02 -12.35 21.03
N ARG A 1023 -20.42 -13.39 20.47
CA ARG A 1023 -19.76 -14.42 21.28
C ARG A 1023 -18.59 -14.95 20.45
N LYS A 1024 -17.43 -14.34 20.64
CA LYS A 1024 -16.21 -14.73 19.95
C LYS A 1024 -15.35 -15.57 20.88
N LYS A 1025 -14.60 -16.49 20.29
CA LYS A 1025 -13.67 -17.33 21.04
C LYS A 1025 -12.34 -17.36 20.32
N MET A 1026 -11.35 -16.68 20.89
CA MET A 1026 -10.06 -16.49 20.25
C MET A 1026 -9.02 -17.39 20.91
N MET A 1027 -8.31 -18.16 20.10
CA MET A 1027 -7.40 -19.18 20.62
C MET A 1027 -6.01 -18.59 20.83
N VAL A 1028 -5.47 -18.79 22.03
CA VAL A 1028 -4.12 -18.35 22.38
C VAL A 1028 -3.10 -19.36 21.89
N ASP A 1029 -1.82 -19.01 21.96
CA ASP A 1029 -0.78 -19.91 21.48
C ASP A 1029 -0.50 -21.04 22.49
N LEU A 1030 -0.31 -22.25 21.96
CA LEU A 1030 -0.18 -23.44 22.79
C LEU A 1030 1.10 -23.43 23.62
N ARG A 1031 2.20 -22.95 23.04
CA ARG A 1031 3.45 -22.90 23.80
C ARG A 1031 3.36 -21.88 24.93
N PHE A 1032 2.72 -20.75 24.66
CA PHE A 1032 2.43 -19.79 25.72
C PHE A 1032 1.62 -20.44 26.84
N LEU A 1033 0.60 -21.22 26.48
CA LEU A 1033 -0.20 -21.91 27.48
C LEU A 1033 0.62 -22.90 28.27
N ALA A 1034 1.53 -23.61 27.61
CA ALA A 1034 2.39 -24.56 28.29
C ALA A 1034 3.22 -23.87 29.36
N HIS A 1035 3.89 -22.79 28.99
CA HIS A 1035 4.75 -22.11 29.96
C HIS A 1035 3.94 -21.43 31.05
N LEU A 1036 2.73 -20.98 30.74
CA LEU A 1036 1.91 -20.38 31.78
C LEU A 1036 1.42 -21.44 32.77
N SER A 1037 1.11 -22.64 32.28
CA SER A 1037 0.72 -23.71 33.17
C SER A 1037 1.87 -24.22 34.01
N SER A 1038 3.11 -24.07 33.52
CA SER A 1038 4.26 -24.50 34.29
C SER A 1038 4.39 -23.74 35.62
N LYS A 1039 4.12 -22.44 35.62
CA LYS A 1039 4.30 -21.61 36.81
C LYS A 1039 2.94 -21.24 37.40
N SER A 1040 2.72 -21.64 38.65
CA SER A 1040 1.42 -21.40 39.28
C SER A 1040 1.24 -19.94 39.67
N GLU A 1041 2.29 -19.29 40.14
CA GLU A 1041 2.25 -17.92 40.61
C GLU A 1041 3.03 -17.03 39.66
N SER A 1042 2.64 -15.75 39.61
CA SER A 1042 3.16 -14.82 38.60
C SER A 1042 4.25 -13.89 39.12
N ARG A 1043 4.07 -13.33 40.32
CA ARG A 1043 5.00 -12.43 41.00
C ARG A 1043 5.34 -11.18 40.19
N SER A 1044 4.58 -10.88 39.14
CA SER A 1044 4.95 -9.80 38.23
C SER A 1044 4.39 -8.46 38.70
N SER A 1045 5.07 -7.39 38.30
CA SER A 1045 4.66 -6.04 38.66
C SER A 1045 3.58 -5.50 37.73
N ASP A 1046 3.48 -6.02 36.52
CA ASP A 1046 2.39 -5.68 35.61
C ASP A 1046 1.13 -6.44 36.03
N PRO A 1047 0.01 -5.76 36.25
CA PRO A 1047 -1.19 -6.46 36.76
C PRO A 1047 -1.75 -7.50 35.81
N PHE A 1048 -1.56 -7.31 34.50
CA PHE A 1048 -2.16 -8.21 33.52
C PHE A 1048 -1.54 -9.60 33.61
N ARG A 1049 -0.25 -9.68 33.92
CA ARG A 1049 0.40 -10.98 34.03
C ARG A 1049 -0.25 -11.84 35.10
N GLU A 1050 -0.40 -11.28 36.29
CA GLU A 1050 -0.99 -12.05 37.38
C GLU A 1050 -2.48 -12.26 37.17
N ALA A 1051 -3.17 -11.31 36.52
CA ALA A 1051 -4.57 -11.53 36.21
C ALA A 1051 -4.75 -12.73 35.28
N MET A 1052 -3.93 -12.81 34.24
CA MET A 1052 -4.03 -13.93 33.31
C MET A 1052 -3.65 -15.25 33.98
N THR A 1053 -2.60 -15.23 34.80
CA THR A 1053 -2.19 -16.45 35.48
C THR A 1053 -3.28 -16.96 36.42
N ASP A 1054 -3.86 -16.06 37.21
CA ASP A 1054 -4.89 -16.45 38.15
C ASP A 1054 -6.19 -16.85 37.44
N ALA A 1055 -6.51 -16.21 36.32
CA ALA A 1055 -7.68 -16.62 35.56
C ALA A 1055 -7.51 -18.01 34.99
N PHE A 1056 -6.34 -18.30 34.42
CA PHE A 1056 -6.14 -19.61 33.82
C PHE A 1056 -6.05 -20.71 34.87
N HIS A 1057 -5.48 -20.41 36.03
CA HIS A 1057 -5.35 -21.42 37.07
C HIS A 1057 -6.51 -21.46 38.05
N GLY A 1058 -7.48 -20.57 37.92
CA GLY A 1058 -8.67 -20.64 38.75
C GLY A 1058 -8.57 -19.97 40.10
N ASN A 1059 -7.63 -19.05 40.29
CA ASN A 1059 -7.56 -18.31 41.55
C ASN A 1059 -8.65 -17.25 41.62
N ARG A 1060 -8.57 -16.24 40.76
CA ARG A 1060 -9.62 -15.25 40.64
C ARG A 1060 -10.52 -15.63 39.47
N ASP A 1061 -11.47 -14.76 39.16
CA ASP A 1061 -12.38 -14.98 38.05
C ASP A 1061 -12.45 -13.69 37.23
N VAL A 1062 -11.98 -13.77 35.99
CA VAL A 1062 -12.20 -12.71 35.03
C VAL A 1062 -13.23 -13.21 34.02
N SER A 1063 -13.76 -12.28 33.23
CA SER A 1063 -14.82 -12.61 32.30
C SER A 1063 -14.33 -13.12 30.96
N TRP A 1064 -13.02 -13.10 30.71
CA TRP A 1064 -12.50 -13.45 29.40
C TRP A 1064 -11.64 -14.70 29.38
N MET A 1065 -11.57 -15.45 30.48
CA MET A 1065 -10.81 -16.69 30.46
C MET A 1065 -11.39 -17.64 31.50
N ASP A 1066 -11.61 -18.89 31.11
CA ASP A 1066 -12.03 -19.92 32.04
C ASP A 1066 -10.84 -20.78 32.43
N LYS A 1067 -11.06 -21.69 33.37
CA LYS A 1067 -9.99 -22.50 33.92
C LYS A 1067 -9.70 -23.69 33.00
N GLY A 1068 -8.43 -23.89 32.68
CA GLY A 1068 -8.04 -25.02 31.87
C GLY A 1068 -8.34 -24.88 30.41
N ARG A 1069 -8.83 -23.73 29.97
CA ARG A 1069 -9.24 -23.51 28.60
C ARG A 1069 -8.05 -23.06 27.75
N THR A 1070 -8.25 -23.08 26.44
CA THR A 1070 -7.21 -22.68 25.51
C THR A 1070 -7.58 -21.40 24.76
N TYR A 1071 -8.59 -20.66 25.21
CA TYR A 1071 -9.09 -19.55 24.42
C TYR A 1071 -9.49 -18.38 25.31
N ILE A 1072 -9.72 -17.25 24.66
CA ILE A 1072 -10.12 -15.99 25.28
C ILE A 1072 -11.49 -15.60 24.74
N LYS A 1073 -12.42 -15.27 25.63
CA LYS A 1073 -13.75 -14.84 25.24
C LYS A 1073 -13.86 -13.33 25.25
N THR A 1074 -14.71 -12.80 24.38
CA THR A 1074 -14.91 -11.36 24.29
C THR A 1074 -16.22 -11.08 23.58
N GLU A 1075 -17.03 -10.20 24.15
CA GLU A 1075 -18.30 -9.80 23.58
C GLU A 1075 -18.26 -8.45 22.88
N THR A 1076 -17.59 -7.47 23.47
CA THR A 1076 -17.56 -6.13 22.91
C THR A 1076 -16.55 -6.05 21.77
N GLY A 1077 -16.75 -5.06 20.91
CA GLY A 1077 -15.79 -4.77 19.88
C GLY A 1077 -15.91 -5.63 18.63
N MET A 1078 -15.75 -5.01 17.48
CA MET A 1078 -15.57 -5.75 16.24
C MET A 1078 -14.09 -6.12 16.13
N MET A 1079 -13.65 -6.55 14.97
CA MET A 1079 -12.25 -6.87 14.79
C MET A 1079 -11.66 -5.97 13.72
N GLN A 1080 -10.37 -6.13 13.46
CA GLN A 1080 -9.65 -5.21 12.59
C GLN A 1080 -9.76 -5.69 11.15
N GLY A 1081 -10.62 -5.04 10.38
CA GLY A 1081 -10.74 -5.28 8.97
C GLY A 1081 -11.90 -6.16 8.54
N ILE A 1082 -12.52 -6.89 9.48
CA ILE A 1082 -13.61 -7.78 9.11
C ILE A 1082 -14.84 -6.97 8.70
N LEU A 1083 -15.11 -5.86 9.37
CA LEU A 1083 -16.30 -5.05 9.10
C LEU A 1083 -15.90 -3.67 8.62
N HIS A 1084 -14.98 -3.66 7.65
CA HIS A 1084 -14.42 -2.43 7.10
C HIS A 1084 -15.50 -1.50 6.59
N PHE A 1085 -16.37 -2.00 5.73
CA PHE A 1085 -17.33 -1.14 5.07
C PHE A 1085 -18.47 -0.72 5.98
N THR A 1086 -18.86 -1.57 6.92
CA THR A 1086 -19.88 -1.17 7.88
C THR A 1086 -19.36 -0.04 8.77
N SER A 1087 -18.12 -0.14 9.24
CA SER A 1087 -17.56 0.94 10.05
C SER A 1087 -17.41 2.22 9.23
N SER A 1088 -17.00 2.09 7.96
CA SER A 1088 -16.90 3.27 7.11
C SER A 1088 -18.24 3.96 6.92
N LEU A 1089 -19.30 3.18 6.73
CA LEU A 1089 -20.63 3.74 6.58
C LEU A 1089 -21.07 4.48 7.85
N LEU A 1090 -20.79 3.91 9.02
CA LEU A 1090 -21.13 4.60 10.26
C LEU A 1090 -20.39 5.92 10.37
N HIS A 1091 -19.11 5.93 10.06
CA HIS A 1091 -18.36 7.18 10.16
C HIS A 1091 -18.88 8.21 9.16
N SER A 1092 -19.34 7.77 7.99
CA SER A 1092 -19.94 8.70 7.04
C SER A 1092 -21.22 9.32 7.58
N CYS A 1093 -22.04 8.53 8.26
CA CYS A 1093 -23.25 9.08 8.87
C CYS A 1093 -22.91 10.14 9.88
N VAL A 1094 -21.91 9.89 10.72
CA VAL A 1094 -21.53 10.87 11.75
C VAL A 1094 -21.00 12.15 11.11
N GLN A 1095 -20.19 12.02 10.06
CA GLN A 1095 -19.66 13.22 9.40
C GLN A 1095 -20.78 14.04 8.76
N SER A 1096 -21.77 13.37 8.18
CA SER A 1096 -22.90 14.11 7.63
C SER A 1096 -23.66 14.87 8.70
N PHE A 1097 -23.84 14.25 9.87
CA PHE A 1097 -24.47 14.98 10.96
C PHE A 1097 -23.70 16.23 11.33
N TYR A 1098 -22.37 16.11 11.46
CA TYR A 1098 -21.57 17.27 11.81
C TYR A 1098 -21.68 18.37 10.75
N LYS A 1099 -21.70 17.98 9.48
CA LYS A 1099 -21.76 18.97 8.40
C LYS A 1099 -23.06 19.76 8.46
N SER A 1100 -24.19 19.07 8.63
CA SER A 1100 -25.45 19.80 8.74
C SER A 1100 -25.46 20.70 9.96
N TYR A 1101 -24.93 20.21 11.08
CA TYR A 1101 -24.90 21.01 12.30
C TYR A 1101 -24.07 22.28 12.14
N PHE A 1102 -22.89 22.17 11.53
CA PHE A 1102 -22.05 23.35 11.34
C PHE A 1102 -22.69 24.34 10.39
N VAL A 1103 -23.36 23.85 9.34
CA VAL A 1103 -24.03 24.76 8.42
C VAL A 1103 -25.12 25.54 9.12
N SER A 1104 -25.94 24.87 9.93
CA SER A 1104 -27.01 25.57 10.64
C SER A 1104 -26.43 26.58 11.63
N LYS A 1105 -25.36 26.22 12.33
CA LYS A 1105 -24.73 27.14 13.28
C LYS A 1105 -24.19 28.37 12.56
N LEU A 1106 -23.56 28.20 11.41
CA LEU A 1106 -23.06 29.35 10.66
C LEU A 1106 -24.19 30.22 10.15
N LYS A 1107 -25.29 29.59 9.72
CA LYS A 1107 -26.42 30.36 9.22
C LYS A 1107 -27.00 31.27 10.29
N GLU A 1108 -27.18 30.75 11.50
CA GLU A 1108 -27.56 31.60 12.62
C GLU A 1108 -26.30 31.89 13.44
N GLY A 1109 -25.56 32.89 12.99
CA GLY A 1109 -24.29 33.23 13.60
C GLY A 1109 -24.46 33.87 14.96
N TYR A 1110 -23.38 34.46 15.45
CA TYR A 1110 -23.43 35.15 16.73
C TYR A 1110 -24.26 36.42 16.62
N MET A 1111 -24.99 36.71 17.70
CA MET A 1111 -25.85 37.90 17.84
C MET A 1111 -26.96 37.98 16.78
N GLY A 1112 -27.15 36.93 15.98
CA GLY A 1112 -28.17 36.91 14.96
C GLY A 1112 -27.69 37.26 13.56
N GLU A 1113 -26.53 37.92 13.45
CA GLU A 1113 -25.97 38.15 12.12
C GLU A 1113 -25.40 36.85 11.56
N SER A 1114 -25.49 36.71 10.25
CA SER A 1114 -25.15 35.46 9.56
C SER A 1114 -23.74 35.52 9.01
N ILE A 1115 -22.95 34.51 9.30
CA ILE A 1115 -21.62 34.34 8.71
C ILE A 1115 -21.78 33.54 7.42
N SER A 1116 -21.04 33.93 6.39
CA SER A 1116 -21.07 33.24 5.11
C SER A 1116 -19.88 32.30 5.00
N GLY A 1117 -20.14 31.01 4.79
CA GLY A 1117 -19.07 30.04 4.81
C GLY A 1117 -19.40 28.76 4.08
N VAL A 1118 -18.35 27.96 3.87
CA VAL A 1118 -18.40 26.71 3.13
C VAL A 1118 -17.86 25.60 4.03
N VAL A 1119 -18.58 24.49 4.12
CA VAL A 1119 -18.20 23.37 4.98
C VAL A 1119 -17.93 22.15 4.11
N ASP A 1120 -16.79 21.49 4.33
CA ASP A 1120 -16.43 20.27 3.62
C ASP A 1120 -15.98 19.21 4.62
N VAL A 1121 -16.39 17.96 4.39
CA VAL A 1121 -15.97 16.85 5.22
C VAL A 1121 -15.50 15.72 4.32
N ILE A 1122 -14.69 14.84 4.88
CA ILE A 1122 -14.17 13.66 4.18
C ILE A 1122 -13.78 12.65 5.24
N GLU A 1123 -13.97 11.37 4.94
CA GLU A 1123 -13.65 10.36 5.92
C GLU A 1123 -13.41 9.02 5.23
N GLY A 1124 -12.63 8.17 5.88
CA GLY A 1124 -12.35 6.84 5.37
C GLY A 1124 -12.89 5.73 6.24
N SER A 1125 -12.01 5.06 6.97
CA SER A 1125 -12.41 4.05 7.94
C SER A 1125 -12.37 4.59 9.36
N ASP A 1126 -11.27 5.25 9.73
CA ASP A 1126 -11.18 5.94 11.00
C ASP A 1126 -10.53 7.31 10.91
N ASP A 1127 -9.92 7.67 9.78
CA ASP A 1127 -9.38 9.01 9.59
C ASP A 1127 -10.46 9.91 9.02
N SER A 1128 -10.41 11.19 9.38
CA SER A 1128 -11.35 12.15 8.85
C SER A 1128 -10.71 13.52 8.82
N ALA A 1129 -11.41 14.47 8.21
CA ALA A 1129 -10.94 15.84 8.10
C ALA A 1129 -12.16 16.74 7.95
N ILE A 1130 -12.05 17.97 8.45
CA ILE A 1130 -13.09 18.97 8.30
C ILE A 1130 -12.44 20.24 7.78
N MET A 1131 -13.03 20.84 6.75
CA MET A 1131 -12.55 22.09 6.18
C MET A 1131 -13.67 23.11 6.19
N ILE A 1132 -13.37 24.30 6.69
CA ILE A 1132 -14.33 25.41 6.72
C ILE A 1132 -13.66 26.64 6.13
N SER A 1133 -14.34 27.32 5.22
CA SER A 1133 -13.89 28.60 4.67
C SER A 1133 -14.89 29.67 5.02
N ILE A 1134 -14.40 30.79 5.55
CA ILE A 1134 -15.26 31.92 5.90
C ILE A 1134 -14.82 33.13 5.11
N ARG A 1135 -15.70 34.12 5.07
CA ARG A 1135 -15.44 35.40 4.42
C ARG A 1135 -15.87 36.52 5.34
N PRO A 1136 -14.95 37.17 6.04
CA PRO A 1136 -15.32 38.27 6.94
C PRO A 1136 -15.34 39.62 6.21
N LYS A 1137 -15.96 40.59 6.86
CA LYS A 1137 -16.17 41.92 6.28
C LYS A 1137 -15.08 42.91 6.66
N SER A 1138 -14.74 43.01 7.94
CA SER A 1138 -13.70 43.90 8.43
C SER A 1138 -12.80 43.16 9.40
N ASP A 1139 -11.69 43.80 9.77
CA ASP A 1139 -10.78 43.23 10.74
C ASP A 1139 -11.38 43.13 12.14
N MET A 1140 -12.44 43.89 12.41
CA MET A 1140 -13.18 43.70 13.66
C MET A 1140 -14.03 42.44 13.59
N ASP A 1141 -14.60 42.16 12.42
CA ASP A 1141 -15.42 40.96 12.25
C ASP A 1141 -14.58 39.71 12.18
N GLU A 1142 -13.33 39.83 11.70
CA GLU A 1142 -12.54 38.63 11.45
C GLU A 1142 -12.20 37.89 12.73
N VAL A 1143 -11.83 38.62 13.78
CA VAL A 1143 -11.44 37.94 15.02
C VAL A 1143 -12.61 37.18 15.61
N ARG A 1144 -13.79 37.79 15.60
CA ARG A 1144 -14.94 37.13 16.20
C ARG A 1144 -15.43 35.97 15.34
N SER A 1145 -15.33 36.08 14.02
CA SER A 1145 -15.69 34.95 13.17
C SER A 1145 -14.72 33.77 13.36
N ARG A 1146 -13.43 34.06 13.50
CA ARG A 1146 -12.46 32.98 13.73
C ARG A 1146 -12.65 32.35 15.10
N PHE A 1147 -12.99 33.13 16.11
CA PHE A 1147 -13.31 32.57 17.42
C PHE A 1147 -14.54 31.68 17.35
N PHE A 1148 -15.56 32.10 16.60
CA PHE A 1148 -16.74 31.28 16.42
C PHE A 1148 -16.40 29.96 15.74
N VAL A 1149 -15.56 30.01 14.70
CA VAL A 1149 -15.18 28.79 14.00
C VAL A 1149 -14.37 27.86 14.90
N ALA A 1150 -13.45 28.43 15.70
CA ALA A 1150 -12.66 27.62 16.60
C ALA A 1150 -13.54 26.91 17.62
N ASN A 1151 -14.55 27.61 18.13
CA ASN A 1151 -15.50 26.95 19.02
C ASN A 1151 -16.25 25.84 18.31
N LEU A 1152 -16.64 26.06 17.06
CA LEU A 1152 -17.36 25.03 16.33
C LEU A 1152 -16.52 23.78 16.14
N LEU A 1153 -15.25 23.95 15.77
CA LEU A 1153 -14.38 22.80 15.56
C LEU A 1153 -13.93 22.14 16.86
N HIS A 1154 -14.00 22.85 17.97
CA HIS A 1154 -13.53 22.27 19.24
C HIS A 1154 -14.52 21.30 19.86
N SER A 1155 -15.79 21.36 19.50
CA SER A 1155 -16.81 20.57 20.17
C SER A 1155 -16.96 19.18 19.58
N VAL A 1156 -16.15 18.85 18.57
CA VAL A 1156 -16.24 17.53 17.96
C VAL A 1156 -15.84 16.44 18.94
N LYS A 1157 -14.79 16.68 19.72
CA LYS A 1157 -14.36 15.70 20.69
C LYS A 1157 -15.36 15.53 21.83
N PHE A 1158 -16.27 16.48 22.02
CA PHE A 1158 -17.32 16.34 23.02
C PHE A 1158 -18.59 15.70 22.45
N LEU A 1159 -18.87 15.90 21.17
CA LEU A 1159 -20.02 15.25 20.56
C LEU A 1159 -19.73 13.83 20.11
N ASN A 1160 -18.46 13.50 19.88
CA ASN A 1160 -18.10 12.16 19.43
C ASN A 1160 -18.57 11.03 20.37
N PRO A 1161 -18.46 11.13 21.70
CA PRO A 1161 -18.88 10.00 22.54
C PRO A 1161 -20.36 9.63 22.43
N LEU A 1162 -21.20 10.53 21.93
CA LEU A 1162 -22.62 10.22 21.79
C LEU A 1162 -22.85 9.14 20.76
N PHE A 1163 -21.93 8.99 19.81
CA PHE A 1163 -22.03 7.96 18.78
C PHE A 1163 -21.17 6.75 19.07
N GLY A 1164 -20.51 6.70 20.22
CA GLY A 1164 -19.62 5.60 20.52
C GLY A 1164 -18.23 5.73 19.94
N ILE A 1165 -17.80 6.94 19.61
CA ILE A 1165 -16.49 7.20 19.04
C ILE A 1165 -15.70 8.07 20.00
N TYR A 1166 -14.42 7.77 20.17
CA TYR A 1166 -13.55 8.50 21.08
C TYR A 1166 -12.43 9.15 20.29
N SER A 1167 -12.24 10.44 20.51
CA SER A 1167 -11.23 11.19 19.78
C SER A 1167 -9.85 10.91 20.36
N SER A 1168 -8.88 10.74 19.48
CA SER A 1168 -7.52 10.47 19.90
C SER A 1168 -6.80 11.78 20.25
N GLU A 1169 -5.57 11.63 20.72
CA GLU A 1169 -4.73 12.77 21.01
C GLU A 1169 -3.89 13.19 19.82
N LYS A 1170 -4.00 12.49 18.70
CA LYS A 1170 -3.28 12.81 17.48
C LYS A 1170 -4.13 13.58 16.49
N SER A 1171 -5.06 14.38 16.98
CA SER A 1171 -5.88 15.25 16.15
C SER A 1171 -5.32 16.65 16.23
N THR A 1172 -5.05 17.26 15.08
CA THR A 1172 -4.54 18.62 15.00
C THR A 1172 -5.69 19.54 14.63
N VAL A 1173 -6.23 20.25 15.60
CA VAL A 1173 -7.46 21.01 15.45
C VAL A 1173 -7.13 22.48 15.23
N ASN A 1174 -7.87 23.12 14.31
CA ASN A 1174 -7.86 24.57 14.09
C ASN A 1174 -6.54 25.06 13.50
N THR A 1175 -6.09 24.42 12.43
CA THR A 1175 -4.97 24.91 11.63
C THR A 1175 -5.50 25.56 10.37
N VAL A 1176 -4.90 26.69 9.99
CA VAL A 1176 -5.54 27.54 8.99
C VAL A 1176 -5.36 26.97 7.58
N TYR A 1177 -4.15 27.00 7.04
CA TYR A 1177 -3.98 26.75 5.61
C TYR A 1177 -3.37 25.39 5.31
N CYS A 1178 -3.65 24.40 6.16
CA CYS A 1178 -3.10 23.07 5.98
C CYS A 1178 -4.13 22.04 6.40
N VAL A 1179 -3.97 20.82 5.90
CA VAL A 1179 -4.80 19.69 6.31
C VAL A 1179 -4.07 18.42 5.90
N GLU A 1180 -4.18 17.39 6.73
CA GLU A 1180 -3.62 16.08 6.43
C GLU A 1180 -4.74 15.05 6.55
N TYR A 1181 -4.88 14.20 5.54
CA TYR A 1181 -5.93 13.20 5.60
C TYR A 1181 -5.40 11.77 5.66
N ASN A 1182 -4.65 11.29 4.67
CA ASN A 1182 -4.06 9.95 4.73
C ASN A 1182 -2.60 10.07 4.39
N SER A 1183 -1.79 10.47 5.37
CA SER A 1183 -0.36 10.71 5.20
C SER A 1183 -0.06 11.62 4.01
N GLU A 1184 -1.00 12.49 3.64
CA GLU A 1184 -0.81 13.46 2.57
C GLU A 1184 -1.01 14.85 3.16
N PHE A 1185 -0.04 15.71 3.01
CA PHE A 1185 0.00 16.98 3.72
C PHE A 1185 -0.23 18.11 2.71
N HIS A 1186 -1.41 18.71 2.76
CA HIS A 1186 -1.78 19.78 1.84
C HIS A 1186 -1.48 21.11 2.51
N PHE A 1187 -0.30 21.66 2.25
CA PHE A 1187 0.09 22.95 2.81
C PHE A 1187 -0.28 24.02 1.80
N HIS A 1188 -1.48 24.57 1.93
CA HIS A 1188 -2.04 25.54 1.00
C HIS A 1188 -2.05 24.97 -0.42
N ARG A 1189 -1.05 25.28 -1.22
CA ARG A 1189 -0.96 24.82 -2.60
C ARG A 1189 0.35 24.11 -2.86
N HIS A 1190 0.83 23.38 -1.86
CA HIS A 1190 2.15 22.75 -1.86
C HIS A 1190 2.05 21.33 -1.35
N LEU A 1191 1.22 20.51 -1.99
CA LEU A 1191 1.11 19.10 -1.65
C LEU A 1191 2.48 18.46 -1.47
N VAL A 1192 2.72 17.90 -0.27
CA VAL A 1192 3.98 17.26 0.10
C VAL A 1192 3.71 15.80 0.38
N ARG A 1193 4.57 14.93 -0.14
CA ARG A 1193 4.56 13.53 0.22
C ARG A 1193 5.90 13.15 0.85
N PRO A 1194 5.90 12.22 1.78
CA PRO A 1194 7.16 11.73 2.35
C PRO A 1194 7.88 10.72 1.46
N THR A 1195 8.74 11.21 0.56
CA THR A 1195 9.49 10.36 -0.36
C THR A 1195 10.32 9.29 0.35
N LEU A 1196 10.77 9.58 1.56
CA LEU A 1196 11.62 8.67 2.32
C LEU A 1196 10.93 7.36 2.63
N ARG A 1197 9.61 7.37 2.75
CA ARG A 1197 8.87 6.15 3.05
C ARG A 1197 9.05 5.10 1.96
N TRP A 1198 9.00 5.51 0.69
CA TRP A 1198 9.18 4.57 -0.39
C TRP A 1198 10.63 4.36 -0.75
N ILE A 1199 11.48 5.34 -0.47
CA ILE A 1199 12.91 5.13 -0.73
C ILE A 1199 13.46 4.07 0.21
N ALA A 1200 12.99 4.04 1.44
CA ALA A 1200 13.47 3.04 2.39
C ALA A 1200 12.85 1.67 2.17
N ALA A 1201 12.22 1.42 1.02
CA ALA A 1201 11.63 0.12 0.74
C ALA A 1201 11.93 -0.35 -0.66
N SER A 1202 13.02 0.14 -1.25
CA SER A 1202 13.40 -0.23 -2.61
C SER A 1202 14.34 -1.42 -2.65
N HIS A 1203 14.27 -2.30 -1.66
CA HIS A 1203 14.97 -3.57 -1.69
C HIS A 1203 14.09 -4.72 -1.25
N GLN A 1204 12.84 -4.46 -0.91
CA GLN A 1204 11.92 -5.49 -0.46
C GLN A 1204 11.45 -6.29 -1.66
N ILE A 1205 12.36 -7.14 -2.14
CA ILE A 1205 12.11 -7.97 -3.31
C ILE A 1205 11.26 -9.16 -2.93
N SER A 1206 10.79 -9.90 -3.93
CA SER A 1206 10.10 -11.15 -3.74
C SER A 1206 11.02 -12.32 -4.06
N GLU A 1207 10.62 -13.49 -3.58
CA GLU A 1207 11.41 -14.69 -3.79
C GLU A 1207 11.45 -15.09 -5.27
N THR A 1208 10.34 -14.90 -5.97
CA THR A 1208 10.21 -15.22 -7.40
C THR A 1208 10.56 -16.67 -7.70
N GLU A 1209 10.66 -17.01 -8.98
CA GLU A 1209 11.05 -18.36 -9.36
C GLU A 1209 12.08 -18.34 -10.47
N ALA A 1210 12.06 -17.30 -11.32
CA ALA A 1210 12.96 -17.20 -12.45
C ALA A 1210 13.89 -16.01 -12.26
N LEU A 1211 15.09 -16.11 -12.85
CA LEU A 1211 16.07 -15.06 -12.73
C LEU A 1211 15.61 -13.77 -13.37
N ALA A 1212 14.73 -13.86 -14.37
CA ALA A 1212 14.30 -12.71 -15.13
C ALA A 1212 13.06 -12.03 -14.56
N SER A 1213 12.50 -12.56 -13.47
CA SER A 1213 11.39 -11.89 -12.80
C SER A 1213 11.82 -11.16 -11.54
N ARG A 1214 13.13 -11.08 -11.28
CA ARG A 1214 13.63 -10.19 -10.24
C ARG A 1214 13.64 -8.74 -10.71
N GLN A 1215 14.00 -8.53 -11.98
CA GLN A 1215 14.07 -7.18 -12.53
C GLN A 1215 12.69 -6.53 -12.58
N GLU A 1216 11.64 -7.34 -12.73
CA GLU A 1216 10.29 -6.79 -12.69
C GLU A 1216 9.95 -6.22 -11.31
N ASP A 1217 10.35 -6.92 -10.25
CA ASP A 1217 10.12 -6.41 -8.90
C ASP A 1217 10.93 -5.15 -8.64
N TYR A 1218 12.19 -5.15 -9.07
CA TYR A 1218 13.00 -3.93 -8.94
C TYR A 1218 12.35 -2.77 -9.67
N SER A 1219 11.77 -3.03 -10.85
CA SER A 1219 11.12 -1.96 -11.61
C SER A 1219 9.87 -1.44 -10.90
N ASN A 1220 9.08 -2.34 -10.29
CA ASN A 1220 7.92 -1.87 -9.54
C ASN A 1220 8.34 -0.96 -8.39
N LEU A 1221 9.37 -1.36 -7.65
CA LEU A 1221 9.82 -0.53 -6.53
C LEU A 1221 10.34 0.82 -7.02
N LEU A 1222 11.05 0.82 -8.15
CA LEU A 1222 11.59 2.06 -8.70
C LEU A 1222 10.47 3.02 -9.11
N THR A 1223 9.42 2.49 -9.73
CA THR A 1223 8.30 3.34 -10.12
C THR A 1223 7.61 3.91 -8.90
N GLN A 1224 7.48 3.12 -7.84
CA GLN A 1224 6.95 3.65 -6.58
C GLN A 1224 7.77 4.85 -6.10
N CYS A 1225 9.08 4.70 -6.10
CA CYS A 1225 9.94 5.78 -5.61
C CYS A 1225 9.80 7.03 -6.47
N LEU A 1226 9.76 6.87 -7.80
CA LEU A 1226 9.68 8.03 -8.69
C LEU A 1226 8.35 8.77 -8.51
N GLU A 1227 7.25 8.02 -8.48
CA GLU A 1227 5.98 8.72 -8.31
C GLU A 1227 5.80 9.25 -6.90
N GLY A 1228 6.62 8.81 -5.93
CA GLY A 1228 6.54 9.38 -4.60
C GLY A 1228 7.12 10.78 -4.47
N GLY A 1229 7.76 11.31 -5.50
CA GLY A 1229 8.24 12.68 -5.46
C GLY A 1229 9.72 12.84 -5.73
N ALA A 1230 10.32 11.85 -6.38
CA ALA A 1230 11.75 11.84 -6.62
C ALA A 1230 12.06 12.28 -8.03
N SER A 1231 13.11 13.07 -8.18
CA SER A 1231 13.53 13.53 -9.49
C SER A 1231 14.20 12.39 -10.25
N PHE A 1232 14.32 12.59 -11.57
CA PHE A 1232 14.80 11.52 -12.45
C PHE A 1232 16.25 11.13 -12.13
N SER A 1233 17.11 12.10 -11.85
CA SER A 1233 18.48 11.78 -11.50
C SER A 1233 18.56 10.96 -10.22
N LEU A 1234 17.76 11.31 -9.21
CA LEU A 1234 17.73 10.54 -7.98
C LEU A 1234 17.22 9.13 -8.23
N THR A 1235 16.21 8.99 -9.09
CA THR A 1235 15.70 7.66 -9.39
C THR A 1235 16.74 6.81 -10.10
N TYR A 1236 17.55 7.42 -10.97
CA TYR A 1236 18.61 6.66 -11.62
C TYR A 1236 19.67 6.20 -10.61
N LEU A 1237 20.02 7.05 -9.64
CA LEU A 1237 20.97 6.62 -8.62
C LEU A 1237 20.40 5.48 -7.77
N ILE A 1238 19.10 5.56 -7.46
CA ILE A 1238 18.45 4.47 -6.75
C ILE A 1238 18.54 3.17 -7.55
N GLN A 1239 18.39 3.27 -8.87
CA GLN A 1239 18.51 2.07 -9.68
C GLN A 1239 19.92 1.53 -9.72
N CYS A 1240 20.94 2.39 -9.63
CA CYS A 1240 22.30 1.88 -9.52
C CYS A 1240 22.47 1.06 -8.24
N ALA A 1241 21.90 1.55 -7.14
CA ALA A 1241 21.95 0.78 -5.90
C ALA A 1241 21.20 -0.55 -6.03
N GLN A 1242 20.07 -0.56 -6.74
CA GLN A 1242 19.35 -1.81 -6.95
C GLN A 1242 20.17 -2.80 -7.77
N LEU A 1243 20.93 -2.31 -8.75
CA LEU A 1243 21.82 -3.19 -9.50
C LEU A 1243 22.85 -3.84 -8.58
N LEU A 1244 23.46 -3.05 -7.69
CA LEU A 1244 24.43 -3.62 -6.75
C LEU A 1244 23.78 -4.70 -5.87
N HIS A 1245 22.57 -4.43 -5.41
CA HIS A 1245 21.85 -5.42 -4.60
C HIS A 1245 21.63 -6.72 -5.36
N HIS A 1246 21.22 -6.61 -6.62
CA HIS A 1246 20.95 -7.80 -7.44
C HIS A 1246 22.20 -8.64 -7.61
N TYR A 1247 23.32 -8.00 -7.93
CA TYR A 1247 24.55 -8.77 -8.11
C TYR A 1247 25.09 -9.33 -6.80
N MET A 1248 24.77 -8.70 -5.67
CA MET A 1248 25.20 -9.28 -4.40
C MET A 1248 24.39 -10.51 -4.05
N LEU A 1249 23.09 -10.50 -4.35
CA LEU A 1249 22.31 -11.72 -4.14
C LEU A 1249 22.69 -12.81 -5.13
N LEU A 1250 23.29 -12.45 -6.26
CA LEU A 1250 23.75 -13.46 -7.19
C LEU A 1250 25.09 -14.07 -6.81
N GLY A 1251 25.74 -13.58 -5.76
CA GLY A 1251 26.91 -14.26 -5.24
C GLY A 1251 28.21 -13.50 -5.36
N LEU A 1252 28.16 -12.16 -5.36
CA LEU A 1252 29.38 -11.39 -5.52
C LEU A 1252 30.35 -11.60 -4.37
N CYS A 1253 29.85 -11.61 -3.14
CA CYS A 1253 30.71 -11.72 -1.95
C CYS A 1253 30.75 -13.12 -1.36
N LEU A 1254 30.12 -14.10 -2.00
CA LEU A 1254 30.13 -15.47 -1.48
C LEU A 1254 30.90 -16.42 -2.37
N HIS A 1255 30.55 -16.51 -3.64
CA HIS A 1255 31.05 -17.54 -4.53
C HIS A 1255 32.41 -17.15 -5.10
N PRO A 1256 33.34 -18.11 -5.24
CA PRO A 1256 34.68 -17.78 -5.72
C PRO A 1256 34.75 -17.61 -7.23
N LEU A 1257 33.87 -18.32 -7.95
CA LEU A 1257 33.84 -18.29 -9.40
C LEU A 1257 33.06 -17.13 -9.96
N PHE A 1258 32.77 -16.11 -9.17
CA PHE A 1258 32.02 -14.98 -9.72
C PHE A 1258 32.85 -14.20 -10.70
N GLY A 1259 34.17 -14.23 -10.57
CA GLY A 1259 35.01 -13.56 -11.55
C GLY A 1259 34.90 -14.18 -12.93
N THR A 1260 34.96 -15.50 -13.01
CA THR A 1260 34.86 -16.18 -14.30
C THR A 1260 33.47 -16.02 -14.89
N PHE A 1261 32.44 -16.17 -14.05
CA PHE A 1261 31.07 -15.98 -14.52
C PHE A 1261 30.86 -14.55 -15.02
N MET A 1262 31.42 -13.57 -14.33
CA MET A 1262 31.22 -12.19 -14.75
C MET A 1262 31.96 -11.88 -16.03
N GLY A 1263 33.20 -12.35 -16.15
CA GLY A 1263 33.92 -12.16 -17.40
C GLY A 1263 33.35 -12.94 -18.56
N MET A 1264 32.62 -14.01 -18.28
CA MET A 1264 31.97 -14.78 -19.33
C MET A 1264 30.55 -14.30 -19.62
N LEU A 1265 30.00 -13.47 -18.75
CA LEU A 1265 28.70 -12.86 -19.00
C LEU A 1265 28.83 -11.51 -19.68
N ILE A 1266 29.89 -10.77 -19.39
CA ILE A 1266 30.08 -9.45 -19.98
C ILE A 1266 30.20 -9.53 -21.49
N SER A 1267 30.45 -10.71 -22.05
CA SER A 1267 30.41 -10.89 -23.49
C SER A 1267 29.01 -11.25 -24.00
N ASP A 1268 28.16 -11.84 -23.16
CA ASP A 1268 26.83 -12.30 -23.56
C ASP A 1268 25.79 -11.68 -22.63
N PRO A 1269 25.49 -10.39 -22.78
CA PRO A 1269 24.65 -9.67 -21.80
C PRO A 1269 23.15 -9.96 -21.93
N ASP A 1270 22.72 -11.04 -21.30
CA ASP A 1270 21.36 -11.52 -21.44
C ASP A 1270 20.65 -11.53 -20.08
N PRO A 1271 19.43 -11.00 -19.99
CA PRO A 1271 18.61 -11.28 -18.81
C PRO A 1271 18.26 -12.76 -18.76
N ALA A 1272 17.93 -13.22 -17.56
CA ALA A 1272 17.74 -14.62 -17.18
C ALA A 1272 19.06 -15.39 -17.18
N LEU A 1273 20.15 -14.77 -17.60
CA LEU A 1273 21.48 -15.22 -17.21
C LEU A 1273 22.11 -14.26 -16.21
N GLY A 1274 21.32 -13.33 -15.68
CA GLY A 1274 21.73 -12.50 -14.57
C GLY A 1274 22.14 -11.09 -14.91
N PHE A 1275 22.10 -10.68 -16.18
CA PHE A 1275 22.57 -9.35 -16.54
C PHE A 1275 21.48 -8.31 -16.24
N PHE A 1276 21.90 -7.16 -15.72
CA PHE A 1276 21.00 -6.11 -15.27
C PHE A 1276 20.92 -5.01 -16.32
N LEU A 1277 19.71 -4.57 -16.63
CA LEU A 1277 19.48 -3.56 -17.66
C LEU A 1277 19.12 -2.23 -17.00
N MET A 1278 19.85 -1.18 -17.35
CA MET A 1278 19.66 0.14 -16.77
C MET A 1278 18.80 1.01 -17.67
N ASP A 1279 18.15 1.99 -17.07
CA ASP A 1279 17.25 2.89 -17.78
C ASP A 1279 17.97 4.17 -18.20
N ASN A 1280 17.28 4.96 -19.01
CA ASN A 1280 17.84 6.23 -19.43
C ASN A 1280 17.69 7.24 -18.30
N PRO A 1281 18.74 7.99 -17.97
CA PRO A 1281 18.67 8.91 -16.83
C PRO A 1281 17.62 10.00 -16.98
N ALA A 1282 17.40 10.49 -18.20
CA ALA A 1282 16.40 11.53 -18.41
C ALA A 1282 15.01 11.03 -18.12
N PHE A 1283 14.76 9.74 -18.32
CA PHE A 1283 13.52 9.08 -17.94
C PHE A 1283 13.94 7.84 -17.17
N ALA A 1284 14.28 8.03 -15.90
CA ALA A 1284 14.76 6.94 -15.06
C ALA A 1284 13.67 5.92 -14.75
N GLY A 1285 12.63 6.33 -14.05
CA GLY A 1285 11.62 5.41 -13.59
C GLY A 1285 10.36 5.30 -14.41
N GLY A 1286 10.19 6.15 -15.43
CA GLY A 1286 8.93 6.18 -16.16
C GLY A 1286 8.66 4.93 -16.96
N ALA A 1287 9.66 4.44 -17.68
CA ALA A 1287 9.50 3.29 -18.56
C ALA A 1287 9.99 2.02 -17.87
N GLY A 1288 9.34 0.91 -18.18
CA GLY A 1288 9.50 -0.31 -17.43
C GLY A 1288 10.45 -1.31 -18.04
N PHE A 1289 10.40 -2.53 -17.49
CA PHE A 1289 11.30 -3.59 -17.92
C PHE A 1289 11.06 -4.03 -19.35
N ARG A 1290 9.79 -4.06 -19.79
CA ARG A 1290 9.52 -4.42 -21.17
C ARG A 1290 10.13 -3.42 -22.13
N PHE A 1291 10.02 -2.12 -21.79
CA PHE A 1291 10.66 -1.10 -22.61
C PHE A 1291 12.17 -1.28 -22.65
N ASN A 1292 12.78 -1.57 -21.51
CA ASN A 1292 14.24 -1.72 -21.50
C ASN A 1292 14.67 -2.96 -22.28
N LEU A 1293 13.91 -4.04 -22.19
CA LEU A 1293 14.21 -5.24 -22.96
C LEU A 1293 14.07 -4.99 -24.45
N TRP A 1294 13.00 -4.30 -24.85
CA TRP A 1294 12.80 -3.95 -26.24
C TRP A 1294 13.94 -3.09 -26.76
N ARG A 1295 14.37 -2.12 -25.97
CA ARG A 1295 15.45 -1.25 -26.40
C ARG A 1295 16.81 -1.93 -26.35
N ALA A 1296 16.94 -3.00 -25.56
CA ALA A 1296 18.19 -3.74 -25.52
C ALA A 1296 18.30 -4.77 -26.62
N CYS A 1297 17.18 -5.26 -27.12
CA CYS A 1297 17.22 -6.22 -28.22
C CYS A 1297 17.48 -5.57 -29.57
N LYS A 1298 17.55 -4.23 -29.64
CA LYS A 1298 17.71 -3.54 -30.90
C LYS A 1298 19.04 -2.82 -31.03
N THR A 1299 19.89 -2.84 -30.02
CA THR A 1299 21.18 -2.17 -30.11
C THR A 1299 22.36 -3.11 -29.89
N THR A 1300 22.22 -4.11 -29.03
CA THR A 1300 23.23 -5.12 -28.83
C THR A 1300 22.68 -6.49 -29.28
N ASP A 1301 23.53 -7.52 -29.13
CA ASP A 1301 23.26 -8.85 -29.68
C ASP A 1301 22.32 -9.63 -28.77
N LEU A 1302 21.05 -9.23 -28.76
CA LEU A 1302 20.03 -10.00 -28.07
C LEU A 1302 18.97 -10.52 -29.01
N GLY A 1303 18.41 -9.65 -29.84
CA GLY A 1303 17.51 -10.11 -30.89
C GLY A 1303 18.20 -11.05 -31.86
N ARG A 1304 19.51 -10.87 -32.03
CA ARG A 1304 20.31 -11.86 -32.74
C ARG A 1304 20.17 -13.23 -32.10
N LYS A 1305 20.31 -13.28 -30.77
CA LYS A 1305 20.06 -14.52 -30.03
C LYS A 1305 18.60 -14.93 -30.12
N TYR A 1306 17.69 -13.96 -30.05
CA TYR A 1306 16.27 -14.27 -30.17
C TYR A 1306 15.92 -14.75 -31.58
N ALA A 1307 16.64 -14.28 -32.59
CA ALA A 1307 16.40 -14.77 -33.94
C ALA A 1307 16.86 -16.22 -34.09
N TYR A 1308 17.93 -16.61 -33.41
CA TYR A 1308 18.29 -18.02 -33.36
C TYR A 1308 17.18 -18.82 -32.71
N TYR A 1309 16.72 -18.39 -31.54
CA TYR A 1309 15.65 -19.12 -30.86
C TYR A 1309 14.35 -19.07 -31.64
N PHE A 1310 14.14 -18.09 -32.50
CA PHE A 1310 12.85 -18.01 -33.15
C PHE A 1310 12.76 -18.99 -34.32
N ASN A 1311 13.67 -18.88 -35.28
CA ASN A 1311 13.60 -19.76 -36.45
C ASN A 1311 13.78 -21.22 -36.09
N GLU A 1312 14.51 -21.51 -35.01
CA GLU A 1312 14.64 -22.91 -34.57
C GLU A 1312 13.31 -23.44 -34.06
N ILE A 1313 12.43 -22.56 -33.57
CA ILE A 1313 11.07 -22.98 -33.26
C ILE A 1313 10.21 -23.03 -34.50
N GLN A 1314 10.39 -22.05 -35.40
CA GLN A 1314 9.62 -21.97 -36.62
C GLN A 1314 10.25 -22.72 -37.78
N GLY A 1315 11.33 -23.46 -37.52
CA GLY A 1315 11.89 -24.36 -38.50
C GLY A 1315 11.55 -25.80 -38.19
N SER A 1337 13.90 -17.43 -18.90
CA SER A 1337 13.34 -18.77 -19.05
C SER A 1337 14.21 -19.82 -18.38
N VAL A 1338 14.87 -19.45 -17.30
CA VAL A 1338 15.78 -20.35 -16.57
C VAL A 1338 15.28 -20.38 -15.13
N MET A 1339 14.33 -21.27 -14.84
CA MET A 1339 13.70 -21.31 -13.54
C MET A 1339 14.58 -22.01 -12.51
N VAL A 1340 14.61 -21.45 -11.30
CA VAL A 1340 15.24 -22.08 -10.15
C VAL A 1340 14.15 -22.33 -9.11
N TYR A 1341 13.98 -23.58 -8.72
CA TYR A 1341 13.02 -23.94 -7.69
C TYR A 1341 13.67 -23.76 -6.31
N TRP A 1342 12.83 -23.49 -5.31
CA TRP A 1342 13.34 -23.21 -3.98
C TRP A 1342 13.17 -24.36 -3.00
N GLY A 1343 12.09 -25.12 -3.12
CA GLY A 1343 11.85 -26.17 -2.16
C GLY A 1343 11.66 -27.52 -2.82
N ASP A 1344 12.05 -27.60 -4.09
CA ASP A 1344 11.72 -28.74 -4.97
C ASP A 1344 10.21 -28.92 -5.07
N ARG A 1345 9.49 -27.81 -4.93
CA ARG A 1345 8.02 -27.78 -4.95
C ARG A 1345 7.39 -28.81 -4.03
N LYS A 1346 8.00 -29.04 -2.86
CA LYS A 1346 7.52 -30.09 -1.96
C LYS A 1346 6.16 -29.75 -1.35
N LYS A 1347 6.04 -28.55 -0.78
CA LYS A 1347 4.78 -28.16 -0.15
C LYS A 1347 3.66 -28.02 -1.16
N TYR A 1348 3.97 -27.45 -2.32
CA TYR A 1348 2.99 -27.35 -3.39
C TYR A 1348 2.57 -28.72 -3.88
N GLN A 1349 3.53 -29.64 -4.03
CA GLN A 1349 3.19 -30.98 -4.48
C GLN A 1349 2.31 -31.70 -3.46
N ALA A 1350 2.62 -31.57 -2.18
CA ALA A 1350 1.81 -32.18 -1.15
C ALA A 1350 0.41 -31.58 -1.12
N LEU A 1351 0.30 -30.27 -1.36
CA LEU A 1351 -1.01 -29.63 -1.47
C LEU A 1351 -1.79 -30.20 -2.64
N LEU A 1352 -1.13 -30.46 -3.77
CA LEU A 1352 -1.81 -31.06 -4.91
C LEU A 1352 -2.19 -32.51 -4.63
N ASN A 1353 -1.44 -33.20 -3.76
CA ASN A 1353 -1.72 -34.62 -3.50
C ASN A 1353 -3.02 -34.81 -2.73
N ARG A 1354 -3.37 -33.89 -1.83
CA ARG A 1354 -4.58 -34.04 -1.03
C ARG A 1354 -5.84 -33.72 -1.80
N MET A 1355 -5.73 -32.96 -2.89
CA MET A 1355 -6.91 -32.49 -3.60
C MET A 1355 -7.55 -33.57 -4.45
N GLY A 1356 -6.77 -34.51 -4.97
CA GLY A 1356 -7.33 -35.58 -5.77
C GLY A 1356 -7.92 -35.10 -7.09
N LEU A 1357 -7.28 -34.13 -7.72
CA LEU A 1357 -7.76 -33.60 -8.98
C LEU A 1357 -7.35 -34.49 -10.15
N PRO A 1358 -8.13 -34.49 -11.23
CA PRO A 1358 -7.72 -35.26 -12.42
C PRO A 1358 -6.43 -34.70 -13.01
N GLU A 1359 -5.58 -35.61 -13.49
CA GLU A 1359 -4.31 -35.24 -14.10
C GLU A 1359 -4.40 -35.10 -15.61
N ASP A 1360 -5.54 -35.43 -16.21
CA ASP A 1360 -5.76 -35.25 -17.65
C ASP A 1360 -6.63 -34.04 -17.93
N TRP A 1361 -6.55 -33.01 -17.08
CA TRP A 1361 -7.39 -31.84 -17.25
C TRP A 1361 -7.06 -31.10 -18.53
N VAL A 1362 -5.79 -31.10 -18.93
CA VAL A 1362 -5.39 -30.49 -20.18
C VAL A 1362 -6.12 -31.15 -21.35
N GLU A 1363 -6.17 -32.48 -21.36
CA GLU A 1363 -6.87 -33.19 -22.42
C GLU A 1363 -8.37 -32.93 -22.37
N GLN A 1364 -8.96 -32.89 -21.16
CA GLN A 1364 -10.39 -32.67 -21.07
C GLN A 1364 -10.79 -31.27 -21.56
N ILE A 1365 -10.00 -30.26 -21.21
CA ILE A 1365 -10.32 -28.92 -21.70
C ILE A 1365 -9.93 -28.76 -23.17
N ASP A 1366 -9.04 -29.62 -23.68
CA ASP A 1366 -8.82 -29.67 -25.11
C ASP A 1366 -10.05 -30.20 -25.84
N GLU A 1367 -10.69 -31.23 -25.28
CA GLU A 1367 -11.86 -31.78 -25.94
C GLU A 1367 -13.15 -31.01 -25.62
N ASN A 1368 -13.14 -30.13 -24.62
CA ASN A 1368 -14.26 -29.23 -24.33
C ASN A 1368 -13.70 -27.88 -23.92
N PRO A 1369 -13.57 -26.94 -24.87
CA PRO A 1369 -12.89 -25.67 -24.58
C PRO A 1369 -13.77 -24.59 -23.97
N GLY A 1370 -15.05 -24.85 -23.70
CA GLY A 1370 -15.90 -23.81 -23.17
C GLY A 1370 -15.57 -23.39 -21.75
N VAL A 1371 -14.70 -24.13 -21.06
CA VAL A 1371 -14.39 -23.85 -19.67
C VAL A 1371 -13.53 -22.60 -19.53
N LEU A 1372 -12.76 -22.26 -20.56
CA LEU A 1372 -11.86 -21.14 -20.44
C LEU A 1372 -12.51 -19.81 -20.79
N TYR A 1373 -13.76 -19.82 -21.24
CA TYR A 1373 -14.41 -18.57 -21.61
C TYR A 1373 -15.78 -18.43 -20.99
N ARG A 1374 -16.43 -19.54 -20.67
CA ARG A 1374 -17.77 -19.55 -20.14
C ARG A 1374 -17.75 -20.02 -18.69
N ARG A 1375 -18.47 -19.33 -17.82
CA ARG A 1375 -18.51 -19.67 -16.41
C ARG A 1375 -19.06 -21.07 -16.20
N ALA A 1376 -18.47 -21.79 -15.25
CA ALA A 1376 -18.73 -23.22 -15.09
C ALA A 1376 -20.18 -23.48 -14.74
N ALA A 1377 -20.73 -24.56 -15.29
CA ALA A 1377 -22.15 -24.84 -15.17
C ALA A 1377 -22.47 -26.16 -14.48
N ASN A 1378 -21.49 -27.00 -14.18
CA ASN A 1378 -21.75 -28.25 -13.46
C ASN A 1378 -20.50 -28.65 -12.70
N LYS A 1379 -20.61 -29.74 -11.94
CA LYS A 1379 -19.54 -30.12 -11.02
C LYS A 1379 -18.25 -30.44 -11.75
N LYS A 1380 -18.34 -31.16 -12.87
CA LYS A 1380 -17.13 -31.57 -13.58
C LYS A 1380 -16.41 -30.38 -14.19
N GLU A 1381 -17.15 -29.44 -14.79
CA GLU A 1381 -16.52 -28.26 -15.36
C GLU A 1381 -15.95 -27.36 -14.27
N LEU A 1382 -16.65 -27.23 -13.14
CA LEU A 1382 -16.10 -26.47 -12.03
C LEU A 1382 -14.84 -27.13 -11.50
N LEU A 1383 -14.79 -28.46 -11.51
CA LEU A 1383 -13.59 -29.18 -11.12
C LEU A 1383 -12.43 -28.86 -12.07
N LEU A 1384 -12.70 -28.84 -13.37
CA LEU A 1384 -11.67 -28.51 -14.33
C LEU A 1384 -11.21 -27.06 -14.18
N LYS A 1385 -12.15 -26.16 -13.90
CA LYS A 1385 -11.80 -24.77 -13.66
C LYS A 1385 -10.86 -24.62 -12.48
N LEU A 1386 -11.19 -25.28 -11.37
CA LEU A 1386 -10.30 -25.25 -10.20
C LEU A 1386 -8.97 -25.93 -10.50
N ALA A 1387 -9.00 -27.04 -11.23
CA ALA A 1387 -7.77 -27.77 -11.51
C ALA A 1387 -6.80 -26.93 -12.34
N GLU A 1388 -7.33 -26.21 -13.33
CA GLU A 1388 -6.51 -25.27 -14.08
C GLU A 1388 -6.04 -24.12 -13.19
N LYS A 1389 -6.91 -23.63 -12.31
CA LYS A 1389 -6.57 -22.50 -11.45
C LYS A 1389 -5.42 -22.85 -10.53
N VAL A 1390 -5.37 -24.09 -10.04
CA VAL A 1390 -4.35 -24.50 -9.08
C VAL A 1390 -3.04 -24.89 -9.75
N HIS A 1391 -2.92 -24.75 -11.07
CA HIS A 1391 -1.66 -24.90 -11.77
C HIS A 1391 -1.15 -23.57 -12.30
N SER A 1392 -1.67 -22.46 -11.78
CA SER A 1392 -1.40 -21.14 -12.32
C SER A 1392 -0.08 -20.57 -11.80
N PRO A 1393 0.51 -19.63 -12.53
CA PRO A 1393 1.72 -18.96 -12.02
C PRO A 1393 1.49 -18.18 -10.73
N GLY A 1394 0.28 -17.66 -10.53
CA GLY A 1394 -0.01 -16.99 -9.27
C GLY A 1394 -0.03 -17.95 -8.09
N VAL A 1395 -0.67 -19.12 -8.26
CA VAL A 1395 -0.69 -20.11 -7.21
C VAL A 1395 0.65 -20.81 -7.09
N THR A 1396 1.52 -20.65 -8.08
CA THR A 1396 2.80 -21.34 -8.09
C THR A 1396 3.69 -20.91 -6.93
N SER A 1397 3.77 -19.60 -6.68
CA SER A 1397 4.59 -19.05 -5.60
C SER A 1397 3.67 -18.29 -4.66
N SER A 1398 3.11 -19.02 -3.69
CA SER A 1398 2.48 -18.40 -2.53
C SER A 1398 2.84 -19.10 -1.23
N LEU A 1399 3.44 -20.29 -1.29
CA LEU A 1399 3.88 -21.01 -0.11
C LEU A 1399 5.25 -20.54 0.38
N SER A 1400 5.69 -19.36 -0.02
CA SER A 1400 6.95 -18.79 0.44
C SER A 1400 6.71 -18.02 1.74
N LYS A 1401 7.49 -18.33 2.76
CA LYS A 1401 7.34 -17.68 4.06
C LYS A 1401 8.13 -16.37 4.06
N GLY A 1402 8.24 -15.76 5.24
CA GLY A 1402 8.86 -14.46 5.35
C GLY A 1402 10.37 -14.53 5.35
N HIS A 1403 10.98 -13.35 5.52
CA HIS A 1403 12.42 -13.16 5.53
C HIS A 1403 13.03 -13.63 4.20
N VAL A 1404 12.66 -12.89 3.15
CA VAL A 1404 13.07 -13.26 1.80
C VAL A 1404 14.56 -13.06 1.59
N VAL A 1405 15.10 -11.95 2.08
CA VAL A 1405 16.49 -11.62 1.80
C VAL A 1405 17.48 -12.64 2.37
N PRO A 1406 17.36 -13.08 3.64
CA PRO A 1406 18.31 -14.13 4.10
C PRO A 1406 18.18 -15.43 3.34
N ARG A 1407 16.96 -15.88 3.07
CA ARG A 1407 16.79 -17.16 2.37
C ARG A 1407 17.31 -17.09 0.93
N VAL A 1408 17.12 -15.95 0.27
CA VAL A 1408 17.61 -15.82 -1.10
C VAL A 1408 19.13 -15.67 -1.12
N VAL A 1409 19.70 -14.93 -0.17
CA VAL A 1409 21.16 -14.75 -0.18
C VAL A 1409 21.88 -15.99 0.31
N ALA A 1410 21.19 -16.89 1.01
CA ALA A 1410 21.83 -18.14 1.41
C ALA A 1410 22.15 -19.02 0.22
N ALA A 1411 21.36 -18.90 -0.86
CA ALA A 1411 21.56 -19.70 -2.06
C ALA A 1411 22.69 -19.18 -2.94
N GLY A 1412 23.30 -18.04 -2.59
CA GLY A 1412 24.47 -17.59 -3.31
C GLY A 1412 25.68 -18.48 -3.10
N VAL A 1413 25.62 -19.38 -2.13
CA VAL A 1413 26.70 -20.35 -1.94
C VAL A 1413 26.70 -21.37 -3.07
N TYR A 1414 25.52 -21.90 -3.42
CA TYR A 1414 25.39 -22.89 -4.48
C TYR A 1414 24.52 -22.30 -5.59
N LEU A 1415 25.12 -21.43 -6.40
CA LEU A 1415 24.36 -20.86 -7.50
C LEU A 1415 25.04 -21.03 -8.85
N LEU A 1416 26.30 -20.67 -8.95
CA LEU A 1416 27.04 -20.76 -10.20
C LEU A 1416 27.72 -22.10 -10.37
N SER A 1417 27.47 -23.07 -9.48
CA SER A 1417 28.24 -24.30 -9.51
C SER A 1417 27.45 -25.56 -9.21
N ARG A 1418 26.14 -25.49 -9.00
CA ARG A 1418 25.36 -26.67 -8.70
C ARG A 1418 24.16 -26.74 -9.62
N HIS A 1419 23.61 -27.94 -9.78
CA HIS A 1419 22.54 -28.20 -10.73
C HIS A 1419 21.22 -27.72 -10.12
N CYS A 1420 20.89 -26.45 -10.35
CA CYS A 1420 19.76 -25.83 -9.70
C CYS A 1420 18.65 -25.37 -10.65
N PHE A 1421 18.94 -25.20 -11.94
CA PHE A 1421 17.99 -24.65 -12.90
C PHE A 1421 17.47 -25.75 -13.79
N ARG A 1422 16.17 -25.78 -14.02
CA ARG A 1422 15.59 -26.66 -15.03
C ARG A 1422 15.03 -25.79 -16.15
N PHE A 1423 15.82 -25.62 -17.21
CA PHE A 1423 15.44 -24.78 -18.33
C PHE A 1423 14.36 -25.46 -19.17
N SER A 1424 13.43 -24.65 -19.65
CA SER A 1424 12.38 -25.14 -20.53
C SER A 1424 12.76 -24.92 -21.99
N LYS A 1435 18.84 -30.85 -15.20
CA LYS A 1435 19.16 -29.55 -14.60
C LYS A 1435 20.62 -29.22 -14.82
N ALA A 1436 21.00 -27.96 -14.58
CA ALA A 1436 22.35 -27.52 -14.87
C ALA A 1436 22.67 -26.30 -14.03
N SER A 1437 23.96 -26.00 -13.93
CA SER A 1437 24.40 -24.79 -13.24
C SER A 1437 24.43 -23.62 -14.20
N LEU A 1438 24.49 -22.42 -13.62
CA LEU A 1438 24.44 -21.21 -14.43
C LEU A 1438 25.67 -21.08 -15.33
N ILE A 1439 26.83 -21.51 -14.84
CA ILE A 1439 28.02 -21.55 -15.68
C ILE A 1439 27.79 -22.48 -16.87
N LYS A 1440 27.19 -23.64 -16.62
CA LYS A 1440 26.93 -24.60 -17.69
C LYS A 1440 25.97 -24.04 -18.73
N LEU A 1441 24.90 -23.38 -18.29
CA LEU A 1441 23.96 -22.80 -19.23
C LEU A 1441 24.59 -21.66 -20.01
N LEU A 1442 25.45 -20.87 -19.36
CA LEU A 1442 26.19 -19.84 -20.08
C LEU A 1442 27.10 -20.46 -21.14
N MET A 1443 27.72 -21.60 -20.82
CA MET A 1443 28.54 -22.31 -21.81
C MET A 1443 27.71 -22.81 -22.99
N MET A 1444 26.52 -23.36 -22.71
CA MET A 1444 25.66 -23.81 -23.81
C MET A 1444 25.26 -22.64 -24.69
N SER A 1445 24.84 -21.53 -24.09
CA SER A 1445 24.42 -20.37 -24.87
C SER A 1445 25.57 -19.83 -25.70
N SER A 1446 26.77 -19.78 -25.14
CA SER A 1446 27.91 -19.28 -25.89
C SER A 1446 28.34 -20.26 -26.99
N ILE A 1447 28.10 -21.55 -26.79
CA ILE A 1447 28.38 -22.50 -27.87
C ILE A 1447 27.35 -22.35 -28.99
N SER A 1448 26.17 -21.85 -28.68
CA SER A 1448 25.23 -21.51 -29.74
C SER A 1448 25.47 -20.11 -30.31
N ALA A 1449 26.40 -19.34 -29.74
CA ALA A 1449 26.62 -17.96 -30.18
C ALA A 1449 27.40 -17.88 -31.49
N MET A 1450 27.97 -18.99 -31.96
CA MET A 1450 28.63 -18.98 -33.25
C MET A 1450 27.69 -19.32 -34.39
N LYS A 1451 26.53 -19.93 -34.09
CA LYS A 1451 25.53 -20.22 -35.10
C LYS A 1451 24.46 -19.14 -35.20
N HIS A 1452 24.61 -18.06 -34.43
CA HIS A 1452 23.60 -17.00 -34.41
C HIS A 1452 23.41 -16.43 -35.81
N GLY A 1453 22.15 -16.23 -36.20
CA GLY A 1453 21.86 -15.76 -37.54
C GLY A 1453 20.73 -14.76 -37.64
N GLY A 1454 21.01 -13.61 -38.22
CA GLY A 1454 20.01 -12.59 -38.45
C GLY A 1454 19.58 -11.88 -37.19
N SER A 1455 19.10 -10.66 -37.38
CA SER A 1455 18.48 -9.90 -36.30
C SER A 1455 16.96 -10.00 -36.41
N LEU A 1456 16.26 -9.29 -35.52
CA LEU A 1456 14.83 -9.50 -35.38
C LEU A 1456 14.06 -8.92 -36.55
N ASN A 1457 12.87 -9.47 -36.79
CA ASN A 1457 11.95 -9.11 -37.86
C ASN A 1457 10.70 -8.47 -37.28
N PRO A 1458 10.11 -7.48 -37.98
CA PRO A 1458 8.97 -6.75 -37.39
C PRO A 1458 7.71 -7.57 -37.16
N ASN A 1459 7.40 -8.51 -38.07
CA ASN A 1459 6.11 -9.21 -38.00
C ASN A 1459 5.96 -9.99 -36.71
N GLN A 1460 7.05 -10.57 -36.21
CA GLN A 1460 7.04 -11.22 -34.90
C GLN A 1460 7.63 -10.35 -33.80
N GLU A 1461 8.27 -9.24 -34.14
CA GLU A 1461 8.53 -8.22 -33.14
C GLU A 1461 7.22 -7.73 -32.55
N ARG A 1462 6.19 -7.68 -33.38
CA ARG A 1462 4.84 -7.44 -32.88
C ARG A 1462 4.42 -8.54 -31.89
N MET A 1463 4.73 -9.80 -32.23
CA MET A 1463 4.31 -10.90 -31.37
C MET A 1463 5.01 -10.87 -30.03
N LEU A 1464 6.31 -10.56 -30.01
CA LEU A 1464 7.01 -10.39 -28.74
C LEU A 1464 6.58 -9.11 -28.02
N PHE A 1465 6.53 -7.99 -28.74
CA PHE A 1465 6.28 -6.69 -28.14
C PHE A 1465 5.13 -6.03 -28.89
N PRO A 1466 3.90 -6.14 -28.38
CA PRO A 1466 2.78 -5.48 -29.06
C PRO A 1466 2.92 -3.97 -29.17
N GLN A 1467 3.54 -3.34 -28.18
CA GLN A 1467 3.67 -1.88 -28.15
C GLN A 1467 5.00 -1.40 -28.73
N ALA A 1468 5.34 -1.83 -29.93
CA ALA A 1468 6.65 -1.54 -30.48
C ALA A 1468 6.71 -0.26 -31.29
N GLN A 1469 5.62 0.51 -31.36
CA GLN A 1469 5.61 1.79 -32.05
C GLN A 1469 5.77 2.96 -31.09
N GLU A 1470 5.01 2.95 -30.00
CA GLU A 1470 5.19 3.96 -28.97
C GLU A 1470 6.58 3.89 -28.36
N TYR A 1471 7.14 2.68 -28.27
CA TYR A 1471 8.50 2.55 -27.75
C TYR A 1471 9.47 3.31 -28.63
N ASP A 1472 9.32 3.18 -29.96
CA ASP A 1472 10.21 3.91 -30.86
C ASP A 1472 9.95 5.41 -30.82
N ARG A 1473 8.68 5.80 -30.70
CA ARG A 1473 8.39 7.24 -30.62
C ARG A 1473 9.04 7.86 -29.38
N VAL A 1474 8.90 7.21 -28.23
CA VAL A 1474 9.45 7.74 -27.00
C VAL A 1474 10.98 7.68 -27.03
N CYS A 1475 11.55 6.59 -27.57
CA CYS A 1475 12.99 6.51 -27.70
C CYS A 1475 13.53 7.62 -28.58
N THR A 1476 12.79 7.99 -29.62
CA THR A 1476 13.22 9.08 -30.48
C THR A 1476 13.03 10.44 -29.82
N LEU A 1477 12.07 10.55 -28.89
CA LEU A 1477 11.85 11.82 -28.22
C LEU A 1477 12.94 12.13 -27.21
N LEU A 1478 13.57 11.11 -26.64
CA LEU A 1478 14.52 11.29 -25.54
C LEU A 1478 15.95 11.47 -26.03
N GLU A 1479 16.18 11.57 -27.33
CA GLU A 1479 17.54 11.77 -27.83
C GLU A 1479 17.93 13.23 -27.94
N GLU A 1480 16.98 14.17 -27.80
CA GLU A 1480 17.33 15.58 -27.79
C GLU A 1480 18.13 15.93 -26.54
N VAL A 1481 17.81 15.31 -25.41
CA VAL A 1481 18.48 15.57 -24.15
C VAL A 1481 19.50 14.46 -23.93
N GLU A 1482 20.78 14.77 -24.19
CA GLU A 1482 21.83 13.80 -23.96
C GLU A 1482 23.06 14.44 -23.32
N HIS A 1483 23.01 15.69 -22.93
CA HIS A 1483 24.16 16.38 -22.38
C HIS A 1483 23.79 16.95 -21.01
N LEU A 1484 24.74 17.65 -20.40
CA LEU A 1484 24.57 18.21 -19.07
C LEU A 1484 24.59 19.74 -19.11
N THR A 1485 23.88 20.31 -20.08
CA THR A 1485 23.81 21.75 -20.22
C THR A 1485 22.42 22.24 -19.82
N GLY A 1486 22.39 23.28 -18.99
CA GLY A 1486 21.13 23.83 -18.51
C GLY A 1486 21.42 24.96 -17.56
N LYS A 1487 20.36 25.46 -16.93
CA LYS A 1487 20.48 26.57 -16.01
C LYS A 1487 19.64 26.36 -14.77
N PHE A 1488 20.04 27.00 -13.68
CA PHE A 1488 19.30 26.99 -12.43
C PHE A 1488 18.29 28.13 -12.45
N VAL A 1489 17.03 27.81 -12.17
CA VAL A 1489 15.95 28.77 -12.25
C VAL A 1489 15.33 28.92 -10.86
N VAL A 1490 14.98 30.15 -10.51
CA VAL A 1490 14.32 30.40 -9.23
C VAL A 1490 12.95 29.72 -9.29
N ARG A 1491 12.81 28.62 -8.55
CA ARG A 1491 11.68 27.73 -8.74
C ARG A 1491 10.38 28.38 -8.25
N GLU A 1492 9.31 28.12 -8.99
CA GLU A 1492 7.96 28.46 -8.57
C GLU A 1492 7.40 27.34 -7.70
N ARG A 1493 6.50 27.70 -6.80
CA ARG A 1493 5.96 26.76 -5.82
C ARG A 1493 4.46 26.60 -6.06
N ASN A 1494 4.09 25.66 -6.92
CA ASN A 1494 2.70 25.28 -7.10
C ASN A 1494 2.74 23.79 -7.47
N ILE A 1495 2.59 22.93 -6.47
CA ILE A 1495 2.81 21.50 -6.60
C ILE A 1495 1.46 20.81 -6.67
N VAL A 1496 1.34 19.82 -7.56
CA VAL A 1496 0.08 19.14 -7.79
C VAL A 1496 0.39 17.80 -8.44
N ARG A 1497 -0.47 16.82 -8.21
CA ARG A 1497 -0.41 15.58 -8.98
C ARG A 1497 -0.65 15.87 -10.46
N SER A 1498 0.18 15.30 -11.32
CA SER A 1498 0.04 15.46 -12.75
C SER A 1498 0.13 14.10 -13.42
N ARG A 1499 -0.95 13.65 -14.04
CA ARG A 1499 -0.95 12.37 -14.74
C ARG A 1499 -0.22 12.50 -16.06
N ILE A 1500 0.57 11.50 -16.40
CA ILE A 1500 1.27 11.44 -17.68
C ILE A 1500 0.93 10.12 -18.36
N ASP A 1501 0.42 10.21 -19.59
CA ASP A 1501 0.26 9.04 -20.44
C ASP A 1501 1.46 9.01 -21.39
N LEU A 1502 2.29 7.97 -21.26
CA LEU A 1502 3.46 7.86 -22.11
C LEU A 1502 3.35 6.78 -23.18
N PHE A 1503 2.61 5.70 -22.93
CA PHE A 1503 2.30 4.72 -23.97
C PHE A 1503 0.79 4.59 -24.06
N GLN A 1504 0.24 4.84 -25.24
CA GLN A 1504 -1.19 4.78 -25.45
C GLN A 1504 -1.54 3.40 -26.00
N GLU A 1505 -2.79 3.24 -26.43
CA GLU A 1505 -3.23 1.98 -27.02
C GLU A 1505 -3.29 2.13 -28.53
N PRO A 1506 -2.78 1.16 -29.28
CA PRO A 1506 -2.73 1.29 -30.74
C PRO A 1506 -4.10 0.98 -31.37
N VAL A 1507 -4.12 1.00 -32.70
CA VAL A 1507 -5.35 0.83 -33.46
C VAL A 1507 -5.44 -0.63 -33.88
N ASP A 1508 -6.16 -1.42 -33.10
CA ASP A 1508 -6.45 -2.81 -33.39
C ASP A 1508 -7.95 -2.97 -33.55
N LEU A 1509 -8.42 -4.21 -33.57
CA LEU A 1509 -9.85 -4.47 -33.48
C LEU A 1509 -10.40 -3.79 -32.22
N ARG A 1510 -11.60 -3.23 -32.36
CA ARG A 1510 -12.10 -2.31 -31.34
C ARG A 1510 -12.25 -2.98 -29.98
N CYS A 1511 -12.51 -4.29 -29.97
CA CYS A 1511 -12.79 -5.03 -28.75
C CYS A 1511 -11.53 -5.74 -28.28
N LYS A 1512 -11.68 -6.58 -27.26
CA LYS A 1512 -10.61 -7.44 -26.79
C LYS A 1512 -10.70 -8.80 -27.46
N ALA A 1513 -9.53 -9.41 -27.66
CA ALA A 1513 -9.45 -10.67 -28.40
C ALA A 1513 -10.22 -11.78 -27.69
N GLU A 1514 -10.12 -11.83 -26.36
CA GLU A 1514 -10.91 -12.78 -25.60
C GLU A 1514 -12.39 -12.62 -25.88
N ASP A 1515 -12.88 -11.37 -25.82
CA ASP A 1515 -14.30 -11.10 -26.04
C ASP A 1515 -14.73 -11.53 -27.43
N LEU A 1516 -13.97 -11.14 -28.46
CA LEU A 1516 -14.37 -11.44 -29.83
C LEU A 1516 -14.33 -12.93 -30.12
N VAL A 1517 -13.25 -13.60 -29.72
CA VAL A 1517 -13.11 -15.03 -29.97
C VAL A 1517 -14.21 -15.81 -29.24
N SER A 1518 -14.46 -15.47 -27.98
CA SER A 1518 -15.53 -16.14 -27.26
C SER A 1518 -16.89 -15.89 -27.89
N GLU A 1519 -17.12 -14.65 -28.34
CA GLU A 1519 -18.39 -14.28 -28.95
C GLU A 1519 -18.68 -15.10 -30.20
N VAL A 1520 -17.70 -15.24 -31.08
CA VAL A 1520 -17.95 -16.02 -32.28
C VAL A 1520 -17.96 -17.51 -31.99
N TRP A 1521 -17.08 -17.98 -31.10
CA TRP A 1521 -16.87 -19.41 -30.95
C TRP A 1521 -17.98 -20.07 -30.15
N PHE A 1522 -18.58 -19.34 -29.22
CA PHE A 1522 -19.64 -19.89 -28.39
C PHE A 1522 -20.80 -18.92 -28.38
N GLY A 1523 -21.96 -19.37 -27.90
CA GLY A 1523 -23.10 -18.49 -27.90
C GLY A 1523 -23.07 -17.61 -26.67
N LEU A 1524 -22.50 -16.42 -26.82
CA LEU A 1524 -22.21 -15.53 -25.69
C LEU A 1524 -22.07 -14.12 -26.25
N LYS A 1525 -23.00 -13.24 -25.90
CA LYS A 1525 -22.99 -11.86 -26.39
C LYS A 1525 -22.12 -11.01 -25.48
N ARG A 1526 -20.83 -11.31 -25.48
CA ARG A 1526 -19.92 -10.64 -24.55
C ARG A 1526 -19.42 -9.30 -25.08
N THR A 1527 -19.22 -9.19 -26.39
CA THR A 1527 -18.82 -7.92 -26.97
C THR A 1527 -20.06 -7.10 -27.36
N LYS A 1528 -19.85 -5.80 -27.52
CA LYS A 1528 -20.94 -4.84 -27.65
C LYS A 1528 -21.10 -4.32 -29.08
N LEU A 1529 -21.05 -5.23 -30.05
CA LEU A 1529 -21.28 -4.90 -31.44
C LEU A 1529 -22.44 -5.75 -31.97
N GLY A 1530 -22.96 -5.36 -33.14
CA GLY A 1530 -24.13 -6.00 -33.70
C GLY A 1530 -23.77 -7.27 -34.45
N PRO A 1531 -24.77 -7.81 -35.16
CA PRO A 1531 -24.53 -9.02 -35.96
C PRO A 1531 -23.72 -8.76 -37.23
N ARG A 1532 -24.07 -7.71 -37.97
CA ARG A 1532 -23.28 -7.34 -39.13
C ARG A 1532 -21.91 -6.86 -38.71
N LEU A 1533 -21.84 -6.17 -37.57
CA LEU A 1533 -20.58 -5.88 -36.94
C LEU A 1533 -19.88 -7.20 -36.55
N LEU A 1534 -18.66 -7.05 -36.05
CA LEU A 1534 -17.75 -8.11 -35.62
C LEU A 1534 -17.17 -8.89 -36.80
N LYS A 1535 -17.77 -8.76 -37.99
CA LYS A 1535 -17.19 -9.42 -39.14
C LYS A 1535 -15.98 -8.64 -39.64
N GLU A 1536 -16.06 -7.32 -39.58
CA GLU A 1536 -14.91 -6.48 -39.90
C GLU A 1536 -13.77 -6.70 -38.92
N GLU A 1537 -14.09 -6.81 -37.63
CA GLU A 1537 -13.06 -7.04 -36.62
C GLU A 1537 -12.47 -8.44 -36.74
N TRP A 1538 -13.30 -9.43 -37.06
CA TRP A 1538 -12.83 -10.79 -37.28
C TRP A 1538 -11.89 -10.85 -38.48
N ASP A 1539 -12.26 -10.20 -39.58
CA ASP A 1539 -11.40 -10.20 -40.76
C ASP A 1539 -10.13 -9.40 -40.53
N LYS A 1540 -10.19 -8.35 -39.72
CA LYS A 1540 -9.00 -7.59 -39.40
C LYS A 1540 -8.08 -8.37 -38.47
N LEU A 1541 -8.66 -9.17 -37.58
CA LEU A 1541 -7.87 -10.04 -36.72
C LEU A 1541 -7.20 -11.15 -37.52
N ARG A 1542 -7.88 -11.63 -38.57
CA ARG A 1542 -7.29 -12.63 -39.45
C ARG A 1542 -5.96 -12.18 -40.03
N ALA A 1543 -5.78 -10.87 -40.22
CA ALA A 1543 -4.56 -10.36 -40.83
C ALA A 1543 -3.32 -10.70 -40.01
N SER A 1544 -3.47 -10.82 -38.70
CA SER A 1544 -2.31 -11.10 -37.85
C SER A 1544 -1.87 -12.55 -37.93
N PHE A 1545 -2.78 -13.49 -38.22
CA PHE A 1545 -2.47 -14.91 -38.12
C PHE A 1545 -2.61 -15.65 -39.44
N ALA A 1546 -3.76 -15.57 -40.09
CA ALA A 1546 -4.17 -16.29 -41.29
C ALA A 1546 -4.40 -17.78 -41.05
N TRP A 1547 -4.05 -18.31 -39.88
CA TRP A 1547 -4.36 -19.68 -39.52
C TRP A 1547 -5.56 -19.79 -38.59
N LEU A 1548 -5.87 -18.72 -37.88
CA LEU A 1548 -7.05 -18.71 -37.02
C LEU A 1548 -8.31 -18.86 -37.86
N SER A 1549 -9.27 -19.61 -37.35
CA SER A 1549 -10.47 -19.93 -38.10
C SER A 1549 -11.67 -19.89 -37.16
N THR A 1550 -12.85 -20.17 -37.71
CA THR A 1550 -14.07 -20.12 -36.93
C THR A 1550 -14.20 -21.30 -35.98
N ASP A 1551 -13.52 -22.41 -36.27
CA ASP A 1551 -13.64 -23.55 -35.39
C ASP A 1551 -12.49 -23.61 -34.41
N PRO A 1552 -12.77 -23.68 -33.10
CA PRO A 1552 -11.68 -23.82 -32.13
C PRO A 1552 -10.78 -25.02 -32.38
N SER A 1553 -11.37 -26.15 -32.78
CA SER A 1553 -10.58 -27.38 -32.96
C SER A 1553 -9.57 -27.21 -34.09
N GLU A 1554 -10.02 -26.73 -35.24
CA GLU A 1554 -9.10 -26.53 -36.36
C GLU A 1554 -8.13 -25.39 -36.07
N THR A 1555 -8.58 -24.38 -35.31
CA THR A 1555 -7.69 -23.29 -34.94
C THR A 1555 -6.52 -23.80 -34.09
N LEU A 1556 -6.79 -24.74 -33.18
CA LEU A 1556 -5.75 -25.24 -32.30
C LEU A 1556 -4.65 -25.96 -33.06
N ARG A 1557 -5.01 -26.75 -34.07
CA ARG A 1557 -4.02 -27.61 -34.70
C ARG A 1557 -3.14 -26.89 -35.72
N ASP A 1558 -3.42 -25.63 -36.01
CA ASP A 1558 -2.65 -24.89 -37.00
C ASP A 1558 -1.58 -24.01 -36.39
N GLY A 1559 -1.82 -23.46 -35.21
CA GLY A 1559 -0.88 -22.56 -34.58
C GLY A 1559 0.25 -23.29 -33.90
N PRO A 1560 1.25 -22.53 -33.46
CA PRO A 1560 2.40 -23.11 -32.77
C PRO A 1560 2.14 -23.50 -31.32
N PHE A 1561 0.89 -23.60 -30.90
CA PHE A 1561 0.54 -23.89 -29.51
C PHE A 1561 -0.21 -25.22 -29.44
N LEU A 1562 0.29 -26.11 -28.59
CA LEU A 1562 -0.28 -27.46 -28.52
C LEU A 1562 -1.60 -27.50 -27.78
N SER A 1563 -1.79 -26.67 -26.76
CA SER A 1563 -2.92 -26.81 -25.87
C SER A 1563 -3.69 -25.50 -25.71
N HIS A 1564 -4.99 -25.64 -25.50
CA HIS A 1564 -5.84 -24.47 -25.26
C HIS A 1564 -5.47 -23.73 -23.99
N VAL A 1565 -4.84 -24.41 -23.02
CA VAL A 1565 -4.50 -23.75 -21.76
C VAL A 1565 -3.45 -22.67 -21.94
N GLN A 1566 -2.64 -22.73 -23.01
CA GLN A 1566 -1.74 -21.65 -23.36
C GLN A 1566 -2.24 -20.84 -24.54
N PHE A 1567 -3.14 -21.41 -25.35
CA PHE A 1567 -3.87 -20.60 -26.32
C PHE A 1567 -4.58 -19.45 -25.62
N ARG A 1568 -5.34 -19.75 -24.56
CA ARG A 1568 -6.04 -18.70 -23.83
C ARG A 1568 -5.05 -17.74 -23.20
N ASN A 1569 -3.92 -18.26 -22.72
CA ASN A 1569 -2.90 -17.41 -22.13
C ASN A 1569 -2.39 -16.37 -23.11
N PHE A 1570 -2.09 -16.79 -24.33
CA PHE A 1570 -1.59 -15.86 -25.33
C PHE A 1570 -2.67 -14.92 -25.84
N ILE A 1571 -3.92 -15.39 -25.90
CA ILE A 1571 -5.02 -14.51 -26.29
C ILE A 1571 -5.17 -13.38 -25.28
N ALA A 1572 -5.07 -13.70 -24.00
CA ALA A 1572 -5.09 -12.63 -23.00
C ALA A 1572 -3.84 -11.77 -23.09
N HIS A 1573 -2.69 -12.34 -23.46
CA HIS A 1573 -1.46 -11.56 -23.52
C HIS A 1573 -1.48 -10.52 -24.63
N VAL A 1574 -2.04 -10.87 -25.79
CA VAL A 1574 -1.90 -10.03 -26.98
C VAL A 1574 -2.58 -8.68 -26.78
N ASP A 1575 -3.57 -8.59 -25.91
CA ASP A 1575 -4.27 -7.33 -25.66
C ASP A 1575 -3.40 -6.43 -24.82
N ALA A 1576 -2.66 -5.55 -25.47
CA ALA A 1576 -1.61 -4.78 -24.81
C ALA A 1576 -2.18 -3.76 -23.84
N LYS A 1577 -1.39 -3.43 -22.82
CA LYS A 1577 -1.79 -2.58 -21.72
C LYS A 1577 -0.99 -1.29 -21.72
N SER A 1578 -1.70 -0.17 -21.58
CA SER A 1578 -1.05 1.13 -21.57
C SER A 1578 -0.40 1.39 -20.21
N ARG A 1579 0.72 2.11 -20.25
CA ARG A 1579 1.45 2.48 -19.05
C ARG A 1579 1.24 3.97 -18.78
N SER A 1580 0.85 4.29 -17.56
CA SER A 1580 0.63 5.66 -17.14
C SER A 1580 1.27 5.87 -15.77
N VAL A 1581 1.78 7.08 -15.55
CA VAL A 1581 2.47 7.41 -14.31
C VAL A 1581 2.06 8.81 -13.87
N ARG A 1582 1.79 8.95 -12.57
CA ARG A 1582 1.45 10.24 -11.97
C ARG A 1582 2.71 10.83 -11.34
N LEU A 1583 2.82 12.15 -11.39
CA LEU A 1583 4.04 12.84 -10.99
C LEU A 1583 3.73 13.98 -10.04
N LEU A 1584 4.79 14.54 -9.45
CA LEU A 1584 4.70 15.71 -8.59
C LEU A 1584 5.50 16.84 -9.22
N GLY A 1585 4.88 18.00 -9.39
CA GLY A 1585 5.55 19.13 -9.96
C GLY A 1585 4.55 20.20 -10.35
N ALA A 1586 5.03 21.19 -11.09
CA ALA A 1586 4.19 22.31 -11.49
C ALA A 1586 3.08 21.84 -12.42
N PRO A 1587 1.93 22.51 -12.40
CA PRO A 1587 0.80 22.03 -13.21
C PRO A 1587 1.10 22.04 -14.71
N VAL A 1588 0.54 21.08 -15.41
CA VAL A 1588 0.76 20.94 -16.85
C VAL A 1588 -0.41 20.21 -17.49
N VAL A 1594 2.44 15.02 -26.49
CA VAL A 1594 3.87 14.71 -26.48
C VAL A 1594 4.66 15.86 -25.86
N THR A 1595 4.03 17.03 -25.76
CA THR A 1595 4.68 18.15 -25.11
C THR A 1595 4.83 17.91 -23.61
N THR A 1596 3.91 17.15 -23.00
CA THR A 1596 4.01 16.87 -21.58
C THR A 1596 5.26 16.07 -21.26
N ILE A 1597 5.61 15.11 -22.12
CA ILE A 1597 6.81 14.31 -21.89
C ILE A 1597 8.05 15.18 -21.93
N SER A 1598 8.14 16.05 -22.93
CA SER A 1598 9.30 16.92 -23.04
C SER A 1598 9.37 17.90 -21.88
N GLN A 1599 8.22 18.41 -21.44
CA GLN A 1599 8.23 19.35 -20.33
C GLN A 1599 8.67 18.69 -19.03
N VAL A 1600 8.17 17.49 -18.74
CA VAL A 1600 8.60 16.87 -17.49
C VAL A 1600 10.05 16.44 -17.57
N VAL A 1601 10.53 16.00 -18.74
CA VAL A 1601 11.94 15.66 -18.88
C VAL A 1601 12.80 16.90 -18.67
N ARG A 1602 12.36 18.05 -19.17
CA ARG A 1602 13.11 19.29 -18.99
C ARG A 1602 13.14 19.71 -17.53
N MET A 1603 11.99 19.69 -16.87
CA MET A 1603 11.89 20.27 -15.53
C MET A 1603 12.39 19.31 -14.46
N ASN A 1604 11.77 18.14 -14.35
CA ASN A 1604 12.04 17.25 -13.23
C ASN A 1604 13.28 16.40 -13.41
N PHE A 1605 14.40 17.00 -13.81
CA PHE A 1605 15.63 16.25 -13.76
C PHE A 1605 16.33 16.47 -12.42
N PHE A 1606 16.23 17.68 -11.90
CA PHE A 1606 16.77 18.07 -10.61
C PHE A 1606 15.98 19.30 -10.20
N PRO A 1607 15.55 19.42 -8.95
CA PRO A 1607 14.63 20.52 -8.60
C PRO A 1607 15.36 21.85 -8.66
N GLY A 1608 14.77 22.79 -9.39
CA GLY A 1608 15.41 24.07 -9.59
C GLY A 1608 16.43 24.12 -10.71
N PHE A 1609 16.51 23.07 -11.52
CA PHE A 1609 17.41 23.03 -12.67
C PHE A 1609 16.57 22.86 -13.92
N SER A 1610 16.87 23.66 -14.93
CA SER A 1610 16.15 23.58 -16.21
C SER A 1610 17.08 22.89 -17.21
N LEU A 1611 16.82 21.63 -17.47
CA LEU A 1611 17.70 20.84 -18.33
C LEU A 1611 17.45 21.23 -19.78
N GLU A 1612 18.50 21.74 -20.44
CA GLU A 1612 18.43 22.25 -21.80
C GLU A 1612 17.36 23.34 -21.93
#